data_9F1F
#
_entry.id   9F1F
#
_entity_poly.entity_id   1
_entity_poly.type   'polypeptide(L)'
_entity_poly.pdbx_seq_one_letter_code
;EEKRAMIEAKRGEDLLKAEELAAKYRATGTAPKKILGIF
;
_entity_poly.pdbx_strand_id   A
#
# COMPACT_ATOMS: atom_id res chain seq x y z
N GLU A 1 18.41 13.92 -4.54
CA GLU A 1 17.34 13.91 -3.51
C GLU A 1 15.99 14.21 -4.14
N GLU A 2 15.99 14.92 -5.26
CA GLU A 2 14.76 15.15 -6.01
C GLU A 2 14.27 13.84 -6.59
N LYS A 3 15.21 13.01 -7.02
CA LYS A 3 14.91 11.66 -7.46
C LYS A 3 14.39 10.83 -6.29
N ARG A 4 14.98 11.00 -5.12
CA ARG A 4 14.49 10.38 -3.90
C ARG A 4 13.00 10.61 -3.73
N ALA A 5 12.63 11.87 -3.86
CA ALA A 5 11.24 12.28 -3.72
C ALA A 5 10.36 11.63 -4.78
N MET A 6 10.95 11.30 -5.92
CA MET A 6 10.23 10.60 -6.97
C MET A 6 10.09 9.14 -6.61
N ILE A 7 11.13 8.61 -6.01
CA ILE A 7 11.15 7.24 -5.56
C ILE A 7 10.15 7.06 -4.43
N GLU A 8 10.08 8.05 -3.55
CA GLU A 8 9.16 8.00 -2.43
C GLU A 8 7.79 8.51 -2.81
N ALA A 9 7.64 8.89 -4.07
CA ALA A 9 6.34 9.11 -4.64
C ALA A 9 5.80 7.80 -5.17
N LYS A 10 6.70 6.84 -5.27
CA LYS A 10 6.37 5.50 -5.69
C LYS A 10 6.23 4.60 -4.47
N ARG A 11 7.20 4.70 -3.56
CA ARG A 11 7.08 4.09 -2.26
C ARG A 11 5.91 4.69 -1.54
N GLY A 12 5.78 6.00 -1.67
CA GLY A 12 4.65 6.69 -1.11
C GLY A 12 3.36 6.18 -1.68
N GLU A 13 3.38 5.92 -2.98
CA GLU A 13 2.23 5.37 -3.69
C GLU A 13 1.96 3.94 -3.25
N ASP A 14 3.03 3.21 -2.95
CA ASP A 14 2.94 1.82 -2.52
C ASP A 14 2.51 1.72 -1.08
N LEU A 15 2.96 2.66 -0.27
CA LEU A 15 2.51 2.78 1.10
C LEU A 15 1.08 3.25 1.11
N LEU A 16 0.76 4.09 0.15
CA LEU A 16 -0.59 4.55 -0.10
C LEU A 16 -1.46 3.39 -0.55
N LYS A 17 -0.81 2.43 -1.18
CA LYS A 17 -1.45 1.21 -1.59
C LYS A 17 -1.64 0.32 -0.38
N ALA A 18 -0.61 0.30 0.43
CA ALA A 18 -0.60 -0.52 1.63
C ALA A 18 -1.59 0.02 2.64
N GLU A 19 -1.79 1.32 2.62
CA GLU A 19 -2.77 1.95 3.48
C GLU A 19 -4.15 1.76 2.89
N GLU A 20 -4.16 1.55 1.59
CA GLU A 20 -5.36 1.20 0.88
C GLU A 20 -5.77 -0.23 1.21
N LEU A 21 -4.80 -1.11 1.27
CA LEU A 21 -5.05 -2.46 1.73
C LEU A 21 -5.38 -2.41 3.19
N ALA A 22 -4.88 -1.40 3.86
CA ALA A 22 -5.25 -1.18 5.23
C ALA A 22 -6.70 -0.72 5.28
N ALA A 23 -7.08 0.03 4.25
CA ALA A 23 -8.45 0.52 4.12
C ALA A 23 -9.40 -0.62 3.76
N LYS A 24 -8.86 -1.69 3.19
CA LYS A 24 -9.64 -2.87 2.89
C LYS A 24 -9.63 -3.83 4.05
N TYR A 25 -8.44 -4.08 4.51
CA TYR A 25 -8.18 -5.07 5.54
C TYR A 25 -8.70 -4.65 6.90
N ARG A 26 -8.94 -3.36 7.09
CA ARG A 26 -9.66 -2.88 8.26
C ARG A 26 -11.06 -3.50 8.27
N ALA A 27 -11.49 -3.91 7.08
CA ALA A 27 -12.70 -4.68 6.92
C ALA A 27 -12.33 -6.15 6.83
N THR A 28 -12.33 -6.79 7.98
CA THR A 28 -11.90 -8.19 8.14
C THR A 28 -12.63 -9.15 7.19
N GLY A 29 -13.71 -8.67 6.57
CA GLY A 29 -14.37 -9.43 5.52
C GLY A 29 -13.41 -9.79 4.39
N THR A 30 -12.34 -9.01 4.28
CA THR A 30 -11.27 -9.29 3.33
C THR A 30 -10.35 -10.36 3.90
N ALA A 31 -10.92 -11.52 4.17
CA ALA A 31 -10.23 -12.60 4.86
C ALA A 31 -8.92 -13.08 4.18
N PRO A 32 -8.88 -13.22 2.83
CA PRO A 32 -7.69 -13.75 2.13
C PRO A 32 -6.37 -13.11 2.57
N LYS A 33 -6.33 -11.78 2.62
CA LYS A 33 -5.09 -11.05 2.90
C LYS A 33 -4.01 -11.48 1.92
N LYS A 34 -4.23 -11.10 0.67
CA LYS A 34 -3.39 -11.53 -0.44
C LYS A 34 -3.82 -10.78 -1.67
N ILE A 35 -3.21 -11.08 -2.81
CA ILE A 35 -3.73 -10.62 -4.08
C ILE A 35 -5.06 -11.30 -4.33
N LEU A 36 -6.12 -10.54 -4.19
CA LEU A 36 -7.47 -11.06 -4.34
C LEU A 36 -8.25 -10.17 -5.30
N GLY A 37 -9.55 -10.43 -5.42
CA GLY A 37 -10.38 -9.70 -6.36
C GLY A 37 -10.74 -8.30 -5.90
N ILE A 38 -9.77 -7.63 -5.30
CA ILE A 38 -9.91 -6.26 -4.86
C ILE A 38 -8.58 -5.79 -4.28
N PHE A 39 -7.74 -5.22 -5.14
CA PHE A 39 -6.38 -4.90 -4.76
C PHE A 39 -5.85 -3.77 -5.65
N GLU A 1 18.24 13.96 -4.31
CA GLU A 1 17.13 13.89 -3.33
C GLU A 1 15.78 14.07 -4.04
N GLU A 2 15.76 14.85 -5.11
CA GLU A 2 14.56 15.01 -5.92
C GLU A 2 14.08 13.67 -6.43
N LYS A 3 15.02 12.89 -6.94
CA LYS A 3 14.70 11.53 -7.39
C LYS A 3 14.27 10.68 -6.20
N ARG A 4 14.95 10.85 -5.07
CA ARG A 4 14.55 10.17 -3.84
C ARG A 4 13.08 10.40 -3.56
N ALA A 5 12.70 11.67 -3.51
CA ALA A 5 11.34 12.07 -3.23
C ALA A 5 10.38 11.51 -4.29
N MET A 6 10.87 11.42 -5.51
CA MET A 6 10.11 10.85 -6.61
C MET A 6 9.93 9.35 -6.40
N ILE A 7 10.97 8.72 -5.90
CA ILE A 7 10.95 7.31 -5.59
C ILE A 7 10.05 7.05 -4.40
N GLU A 8 10.07 7.96 -3.43
CA GLU A 8 9.22 7.85 -2.26
C GLU A 8 7.83 8.35 -2.56
N ALA A 9 7.62 8.80 -3.77
CA ALA A 9 6.29 9.09 -4.25
C ALA A 9 5.72 7.83 -4.89
N LYS A 10 6.61 6.89 -5.16
CA LYS A 10 6.24 5.60 -5.73
C LYS A 10 6.19 4.56 -4.63
N ARG A 11 7.16 4.62 -3.73
CA ARG A 11 7.07 3.88 -2.50
C ARG A 11 5.93 4.46 -1.71
N GLY A 12 5.81 5.77 -1.76
CA GLY A 12 4.70 6.45 -1.15
C GLY A 12 3.39 6.02 -1.77
N GLU A 13 3.41 5.81 -3.07
CA GLU A 13 2.25 5.34 -3.81
C GLU A 13 1.92 3.90 -3.40
N ASP A 14 2.96 3.14 -3.13
CA ASP A 14 2.83 1.74 -2.75
C ASP A 14 2.40 1.61 -1.31
N LEU A 15 2.92 2.49 -0.48
CA LEU A 15 2.52 2.58 0.91
C LEU A 15 1.10 3.11 1.00
N LEU A 16 0.79 4.00 0.08
CA LEU A 16 -0.54 4.53 -0.10
C LEU A 16 -1.47 3.40 -0.53
N LYS A 17 -0.94 2.53 -1.35
CA LYS A 17 -1.65 1.37 -1.79
C LYS A 17 -1.80 0.40 -0.64
N ALA A 18 -0.79 0.36 0.17
CA ALA A 18 -0.75 -0.51 1.32
C ALA A 18 -1.67 0.02 2.40
N GLU A 19 -1.87 1.33 2.41
CA GLU A 19 -2.79 1.95 3.35
C GLU A 19 -4.21 1.80 2.82
N GLU A 20 -4.28 1.64 1.51
CA GLU A 20 -5.50 1.28 0.83
C GLU A 20 -5.87 -0.14 1.17
N LEU A 21 -4.88 -1.02 1.14
CA LEU A 21 -5.09 -2.38 1.61
C LEU A 21 -5.39 -2.35 3.07
N ALA A 22 -4.78 -1.40 3.77
CA ALA A 22 -5.04 -1.22 5.18
C ALA A 22 -6.50 -0.84 5.34
N ALA A 23 -6.97 0.01 4.44
CA ALA A 23 -8.36 0.44 4.44
C ALA A 23 -9.29 -0.74 4.22
N LYS A 24 -8.93 -1.60 3.26
CA LYS A 24 -9.70 -2.80 2.98
C LYS A 24 -9.67 -3.72 4.17
N TYR A 25 -8.46 -3.96 4.61
CA TYR A 25 -8.17 -4.88 5.68
C TYR A 25 -8.85 -4.50 6.98
N ARG A 26 -8.98 -3.20 7.24
CA ARG A 26 -9.75 -2.72 8.38
C ARG A 26 -11.17 -3.27 8.34
N ALA A 27 -11.65 -3.49 7.14
CA ALA A 27 -12.99 -4.02 6.92
C ALA A 27 -12.97 -5.54 6.76
N THR A 28 -11.90 -6.06 6.17
CA THR A 28 -11.74 -7.49 5.95
C THR A 28 -11.43 -8.22 7.25
N GLY A 29 -10.87 -7.48 8.19
CA GLY A 29 -10.42 -8.07 9.42
C GLY A 29 -9.00 -8.57 9.29
N THR A 30 -8.12 -7.65 8.88
CA THR A 30 -6.71 -7.92 8.52
C THR A 30 -6.34 -9.40 8.51
N ALA A 31 -6.84 -10.09 7.50
CA ALA A 31 -6.65 -11.54 7.41
C ALA A 31 -5.47 -11.94 6.52
N PRO A 32 -5.44 -11.55 5.22
CA PRO A 32 -4.40 -12.05 4.31
C PRO A 32 -3.00 -11.46 4.55
N LYS A 33 -2.91 -10.13 4.58
CA LYS A 33 -1.62 -9.44 4.67
C LYS A 33 -0.63 -10.00 3.65
N LYS A 34 -1.08 -10.03 2.42
CA LYS A 34 -0.31 -10.59 1.33
C LYS A 34 -1.06 -10.35 0.02
N ILE A 35 -0.48 -10.79 -1.08
CA ILE A 35 -1.18 -10.75 -2.34
C ILE A 35 -2.26 -11.82 -2.36
N LEU A 36 -3.48 -11.41 -2.62
CA LEU A 36 -4.62 -12.29 -2.61
C LEU A 36 -5.47 -12.03 -3.86
N GLY A 37 -6.70 -12.53 -3.86
CA GLY A 37 -7.59 -12.31 -5.00
C GLY A 37 -7.76 -10.84 -5.32
N ILE A 38 -7.70 -10.01 -4.30
CA ILE A 38 -7.82 -8.57 -4.46
C ILE A 38 -6.52 -7.91 -4.01
N PHE A 39 -6.27 -6.71 -4.50
CA PHE A 39 -5.12 -5.93 -4.05
C PHE A 39 -5.14 -4.56 -4.73
N GLU A 1 19.38 12.06 -7.02
CA GLU A 1 18.31 12.78 -6.29
C GLU A 1 17.24 13.21 -7.29
N GLU A 2 16.20 13.91 -6.80
CA GLU A 2 15.01 14.23 -7.60
C GLU A 2 14.21 12.98 -7.90
N LYS A 3 14.82 12.06 -8.64
CA LYS A 3 14.23 10.76 -8.86
C LYS A 3 14.06 10.07 -7.51
N ARG A 4 14.97 10.35 -6.60
CA ARG A 4 14.88 9.89 -5.22
C ARG A 4 13.50 10.15 -4.65
N ALA A 5 13.09 11.41 -4.68
CA ALA A 5 11.80 11.81 -4.17
C ALA A 5 10.67 11.28 -5.04
N MET A 6 10.95 11.15 -6.33
CA MET A 6 9.98 10.60 -7.27
C MET A 6 9.72 9.14 -6.96
N ILE A 7 10.78 8.45 -6.56
CA ILE A 7 10.69 7.07 -6.14
C ILE A 7 9.99 6.99 -4.80
N GLU A 8 10.19 8.02 -3.99
CA GLU A 8 9.57 8.07 -2.68
C GLU A 8 8.11 8.49 -2.80
N ALA A 9 7.75 9.00 -3.96
CA ALA A 9 6.36 9.24 -4.28
C ALA A 9 5.71 7.93 -4.67
N LYS A 10 6.55 6.97 -5.01
CA LYS A 10 6.10 5.62 -5.33
C LYS A 10 6.15 4.77 -4.08
N ARG A 11 7.12 5.07 -3.23
CA ARG A 11 7.11 4.56 -1.87
C ARG A 11 5.89 5.10 -1.16
N GLY A 12 5.64 6.38 -1.39
CA GLY A 12 4.46 7.02 -0.86
C GLY A 12 3.22 6.38 -1.43
N GLU A 13 3.28 6.07 -2.71
CA GLU A 13 2.20 5.38 -3.40
C GLU A 13 2.04 3.96 -2.85
N ASP A 14 3.16 3.39 -2.44
CA ASP A 14 3.19 2.04 -1.91
C ASP A 14 2.69 1.99 -0.49
N LEU A 15 3.03 3.01 0.27
CA LEU A 15 2.52 3.17 1.62
C LEU A 15 1.05 3.50 1.56
N LEU A 16 0.70 4.28 0.56
CA LEU A 16 -0.68 4.58 0.24
C LEU A 16 -1.41 3.32 -0.19
N LYS A 17 -0.68 2.44 -0.84
CA LYS A 17 -1.18 1.16 -1.25
C LYS A 17 -1.38 0.31 -0.01
N ALA A 18 -0.39 0.38 0.86
CA ALA A 18 -0.39 -0.42 2.06
C ALA A 18 -1.43 0.10 3.05
N GLU A 19 -1.76 1.36 2.93
CA GLU A 19 -2.81 1.94 3.74
C GLU A 19 -4.16 1.64 3.11
N GLU A 20 -4.12 1.47 1.81
CA GLU A 20 -5.27 1.08 1.04
C GLU A 20 -5.60 -0.37 1.29
N LEU A 21 -4.58 -1.21 1.34
CA LEU A 21 -4.75 -2.59 1.70
C LEU A 21 -4.76 -2.71 3.19
N ALA A 22 -4.78 -1.57 3.84
CA ALA A 22 -5.20 -1.50 5.21
C ALA A 22 -6.70 -1.22 5.21
N ALA A 23 -7.11 -0.33 4.29
CA ALA A 23 -8.50 0.08 4.18
C ALA A 23 -9.40 -1.05 3.66
N LYS A 24 -9.00 -1.67 2.55
CA LYS A 24 -9.77 -2.77 1.97
C LYS A 24 -9.87 -3.88 2.98
N TYR A 25 -8.76 -4.12 3.61
CA TYR A 25 -8.65 -5.10 4.64
C TYR A 25 -9.58 -4.81 5.79
N ARG A 26 -9.50 -3.60 6.34
CA ARG A 26 -10.42 -3.17 7.39
C ARG A 26 -11.86 -3.42 6.99
N ALA A 27 -12.16 -3.19 5.73
CA ALA A 27 -13.49 -3.44 5.18
C ALA A 27 -13.86 -4.91 5.32
N THR A 28 -12.89 -5.78 5.05
CA THR A 28 -13.09 -7.21 5.12
C THR A 28 -12.52 -7.78 6.42
N GLY A 29 -12.43 -6.91 7.42
CA GLY A 29 -11.78 -7.27 8.67
C GLY A 29 -10.28 -7.35 8.47
N THR A 30 -9.82 -8.53 8.11
CA THR A 30 -8.46 -8.75 7.64
C THR A 30 -8.41 -10.07 6.90
N ALA A 31 -9.30 -10.22 5.92
CA ALA A 31 -9.53 -11.51 5.28
C ALA A 31 -8.38 -11.96 4.36
N PRO A 32 -7.96 -11.16 3.35
CA PRO A 32 -7.02 -11.67 2.34
C PRO A 32 -5.62 -11.90 2.89
N LYS A 33 -5.03 -10.87 3.49
CA LYS A 33 -3.68 -10.95 4.06
C LYS A 33 -2.70 -11.60 3.10
N LYS A 34 -2.69 -11.08 1.88
CA LYS A 34 -1.91 -11.66 0.79
C LYS A 34 -1.98 -10.77 -0.42
N ILE A 35 -1.16 -11.05 -1.42
CA ILE A 35 -1.24 -10.35 -2.69
C ILE A 35 -2.40 -10.91 -3.50
N LEU A 36 -3.59 -10.49 -3.12
CA LEU A 36 -4.81 -10.93 -3.76
C LEU A 36 -5.01 -10.20 -5.08
N GLY A 37 -6.11 -10.51 -5.77
CA GLY A 37 -6.35 -9.97 -7.10
C GLY A 37 -6.83 -8.53 -7.08
N ILE A 38 -6.27 -7.77 -6.16
CA ILE A 38 -6.54 -6.35 -6.01
C ILE A 38 -5.66 -5.81 -4.89
N PHE A 39 -4.39 -5.59 -5.22
CA PHE A 39 -3.38 -5.29 -4.23
C PHE A 39 -2.27 -4.48 -4.88
N GLU A 1 18.12 14.57 -5.96
CA GLU A 1 17.06 14.57 -4.90
C GLU A 1 15.68 14.52 -5.53
N GLU A 2 15.56 15.03 -6.75
CA GLU A 2 14.30 14.95 -7.49
C GLU A 2 13.90 13.49 -7.69
N LYS A 3 14.88 12.67 -8.04
CA LYS A 3 14.65 11.24 -8.18
C LYS A 3 14.28 10.61 -6.84
N ARG A 4 14.96 11.06 -5.78
CA ARG A 4 14.62 10.64 -4.43
C ARG A 4 13.13 10.80 -4.18
N ALA A 5 12.64 11.98 -4.49
CA ALA A 5 11.25 12.32 -4.32
C ALA A 5 10.36 11.53 -5.28
N MET A 6 10.87 11.23 -6.47
CA MET A 6 10.13 10.44 -7.44
C MET A 6 9.95 9.03 -6.94
N ILE A 7 11.02 8.49 -6.39
CA ILE A 7 11.03 7.14 -5.88
C ILE A 7 10.16 7.06 -4.64
N GLU A 8 10.20 8.11 -3.84
CA GLU A 8 9.43 8.13 -2.60
C GLU A 8 7.99 8.52 -2.87
N ALA A 9 7.72 8.94 -4.08
CA ALA A 9 6.35 9.13 -4.53
C ALA A 9 5.76 7.78 -4.89
N LYS A 10 6.65 6.83 -5.13
CA LYS A 10 6.26 5.47 -5.43
C LYS A 10 6.26 4.64 -4.17
N ARG A 11 7.21 4.90 -3.31
CA ARG A 11 7.17 4.36 -1.97
C ARG A 11 5.95 4.91 -1.27
N GLY A 12 5.73 6.20 -1.48
CA GLY A 12 4.54 6.84 -0.97
C GLY A 12 3.30 6.21 -1.55
N GLU A 13 3.36 5.88 -2.83
CA GLU A 13 2.26 5.22 -3.53
C GLU A 13 2.05 3.82 -2.98
N ASP A 14 3.14 3.15 -2.66
CA ASP A 14 3.10 1.79 -2.15
C ASP A 14 2.60 1.76 -0.73
N LEU A 15 3.02 2.73 0.05
CA LEU A 15 2.54 2.91 1.40
C LEU A 15 1.08 3.31 1.37
N LEU A 16 0.75 4.11 0.37
CA LEU A 16 -0.61 4.52 0.10
C LEU A 16 -1.45 3.33 -0.29
N LYS A 17 -0.81 2.39 -0.95
CA LYS A 17 -1.42 1.14 -1.33
C LYS A 17 -1.58 0.28 -0.11
N ALA A 18 -0.56 0.28 0.72
CA ALA A 18 -0.52 -0.53 1.90
C ALA A 18 -1.52 -0.01 2.92
N GLU A 19 -1.75 1.29 2.90
CA GLU A 19 -2.74 1.90 3.76
C GLU A 19 -4.11 1.68 3.17
N GLU A 20 -4.11 1.47 1.87
CA GLU A 20 -5.30 1.19 1.12
C GLU A 20 -5.72 -0.26 1.32
N LEU A 21 -4.73 -1.14 1.37
CA LEU A 21 -4.97 -2.51 1.73
C LEU A 21 -5.02 -2.62 3.23
N ALA A 22 -4.91 -1.50 3.89
CA ALA A 22 -5.29 -1.39 5.26
C ALA A 22 -6.75 -0.95 5.30
N ALA A 23 -7.08 -0.05 4.37
CA ALA A 23 -8.42 0.50 4.27
C ALA A 23 -9.44 -0.54 3.80
N LYS A 24 -9.01 -1.42 2.90
CA LYS A 24 -9.87 -2.49 2.44
C LYS A 24 -9.96 -3.55 3.51
N TYR A 25 -8.79 -4.01 3.89
CA TYR A 25 -8.62 -5.13 4.78
C TYR A 25 -9.24 -4.90 6.15
N ARG A 26 -9.26 -3.66 6.60
CA ARG A 26 -9.93 -3.32 7.85
C ARG A 26 -11.42 -3.64 7.76
N ALA A 27 -11.91 -3.69 6.53
CA ALA A 27 -13.30 -4.02 6.27
C ALA A 27 -13.43 -5.48 5.88
N THR A 28 -12.51 -5.96 5.05
CA THR A 28 -12.50 -7.34 4.58
C THR A 28 -12.34 -8.32 5.73
N GLY A 29 -11.74 -7.83 6.81
CA GLY A 29 -11.43 -8.68 7.94
C GLY A 29 -10.18 -9.48 7.68
N THR A 30 -9.14 -8.77 7.25
CA THR A 30 -7.90 -9.33 6.67
C THR A 30 -7.95 -10.85 6.45
N ALA A 31 -8.84 -11.25 5.55
CA ALA A 31 -9.02 -12.66 5.25
C ALA A 31 -8.09 -13.14 4.12
N PRO A 32 -8.06 -12.46 2.96
CA PRO A 32 -7.14 -12.85 1.88
C PRO A 32 -5.68 -12.59 2.24
N LYS A 33 -5.39 -11.36 2.65
CA LYS A 33 -4.05 -10.92 3.01
C LYS A 33 -3.02 -11.46 2.04
N LYS A 34 -3.16 -11.03 0.80
CA LYS A 34 -2.32 -11.52 -0.28
C LYS A 34 -2.36 -10.55 -1.45
N ILE A 35 -1.51 -10.77 -2.42
CA ILE A 35 -1.53 -9.98 -3.64
C ILE A 35 -2.78 -10.32 -4.44
N LEU A 36 -3.78 -9.48 -4.31
CA LEU A 36 -5.10 -9.71 -4.87
C LEU A 36 -5.09 -9.50 -6.37
N GLY A 37 -4.48 -8.40 -6.76
CA GLY A 37 -4.57 -7.91 -8.11
C GLY A 37 -4.74 -6.42 -8.07
N ILE A 38 -5.72 -5.97 -7.30
CA ILE A 38 -5.85 -4.57 -6.94
C ILE A 38 -4.93 -4.33 -5.74
N PHE A 39 -3.66 -4.63 -5.96
CA PHE A 39 -2.67 -4.70 -4.91
C PHE A 39 -1.30 -4.44 -5.52
N GLU A 1 18.98 13.69 -6.55
CA GLU A 1 17.70 14.03 -5.89
C GLU A 1 16.61 14.24 -6.95
N GLU A 2 15.44 14.69 -6.49
CA GLU A 2 14.24 14.80 -7.33
C GLU A 2 13.73 13.42 -7.70
N LYS A 3 14.56 12.63 -8.36
CA LYS A 3 14.21 11.26 -8.64
C LYS A 3 14.07 10.51 -7.32
N ARG A 4 14.93 10.84 -6.36
CA ARG A 4 14.86 10.26 -5.03
C ARG A 4 13.48 10.48 -4.42
N ALA A 5 13.06 11.74 -4.40
CA ALA A 5 11.74 12.10 -3.89
C ALA A 5 10.64 11.51 -4.76
N MET A 6 10.93 11.33 -6.04
CA MET A 6 10.01 10.70 -6.96
C MET A 6 9.85 9.23 -6.63
N ILE A 7 10.96 8.62 -6.22
CA ILE A 7 10.96 7.24 -5.79
C ILE A 7 10.13 7.07 -4.54
N GLU A 8 10.21 8.06 -3.65
CA GLU A 8 9.45 8.01 -2.43
C GLU A 8 8.01 8.48 -2.66
N ALA A 9 7.74 8.95 -3.86
CA ALA A 9 6.38 9.21 -4.28
C ALA A 9 5.77 7.91 -4.77
N LYS A 10 6.65 6.98 -5.11
CA LYS A 10 6.25 5.65 -5.52
C LYS A 10 6.16 4.75 -4.32
N ARG A 11 7.14 4.85 -3.44
CA ARG A 11 7.07 4.22 -2.14
C ARG A 11 5.89 4.79 -1.40
N GLY A 12 5.75 6.09 -1.48
CA GLY A 12 4.63 6.77 -0.88
C GLY A 12 3.33 6.28 -1.45
N GLU A 13 3.33 6.01 -2.74
CA GLU A 13 2.16 5.51 -3.44
C GLU A 13 1.91 4.06 -3.04
N ASP A 14 2.99 3.33 -2.78
CA ASP A 14 2.91 1.93 -2.42
C ASP A 14 2.49 1.77 -0.97
N LEU A 15 2.98 2.67 -0.14
CA LEU A 15 2.57 2.74 1.25
C LEU A 15 1.12 3.16 1.31
N LEU A 16 0.76 4.03 0.39
CA LEU A 16 -0.61 4.48 0.22
C LEU A 16 -1.49 3.35 -0.28
N LYS A 17 -0.87 2.45 -1.01
CA LYS A 17 -1.52 1.26 -1.47
C LYS A 17 -1.65 0.28 -0.33
N ALA A 18 -0.59 0.17 0.42
CA ALA A 18 -0.53 -0.75 1.53
C ALA A 18 -1.43 -0.28 2.66
N GLU A 19 -1.65 1.02 2.71
CA GLU A 19 -2.57 1.59 3.67
C GLU A 19 -3.98 1.45 3.14
N GLU A 20 -4.06 1.31 1.83
CA GLU A 20 -5.30 1.07 1.16
C GLU A 20 -5.71 -0.38 1.31
N LEU A 21 -4.73 -1.27 1.29
CA LEU A 21 -4.99 -2.66 1.60
C LEU A 21 -5.01 -2.83 3.10
N ALA A 22 -4.86 -1.73 3.79
CA ALA A 22 -5.20 -1.66 5.18
C ALA A 22 -6.66 -1.19 5.27
N ALA A 23 -6.99 -0.26 4.39
CA ALA A 23 -8.33 0.33 4.35
C ALA A 23 -9.38 -0.68 3.88
N LYS A 24 -9.10 -1.37 2.77
CA LYS A 24 -10.02 -2.37 2.25
C LYS A 24 -10.20 -3.46 3.26
N TYR A 25 -9.08 -3.85 3.79
CA TYR A 25 -8.97 -4.98 4.67
C TYR A 25 -9.58 -4.74 6.03
N ARG A 26 -9.44 -3.52 6.55
CA ARG A 26 -10.11 -3.18 7.79
C ARG A 26 -11.61 -3.10 7.55
N ALA A 27 -11.98 -2.89 6.30
CA ALA A 27 -13.38 -2.89 5.90
C ALA A 27 -13.89 -4.33 5.80
N THR A 28 -13.04 -5.20 5.26
CA THR A 28 -13.31 -6.64 5.26
C THR A 28 -13.40 -7.13 6.70
N GLY A 29 -12.51 -6.58 7.51
CA GLY A 29 -12.41 -6.92 8.89
C GLY A 29 -11.00 -6.70 9.36
N THR A 30 -10.17 -7.70 9.11
CA THR A 30 -8.73 -7.60 9.33
C THR A 30 -8.01 -8.68 8.53
N ALA A 31 -8.08 -8.54 7.22
CA ALA A 31 -7.41 -9.45 6.30
C ALA A 31 -5.88 -9.32 6.47
N PRO A 32 -5.12 -10.39 6.13
CA PRO A 32 -3.67 -10.51 6.45
C PRO A 32 -2.78 -9.30 6.12
N LYS A 33 -3.08 -8.61 5.02
CA LYS A 33 -2.16 -7.59 4.46
C LYS A 33 -0.90 -8.27 3.97
N LYS A 34 -1.07 -9.06 2.94
CA LYS A 34 0.04 -9.79 2.33
C LYS A 34 -0.13 -9.73 0.83
N ILE A 35 0.86 -10.21 0.09
CA ILE A 35 0.75 -10.25 -1.36
C ILE A 35 -0.22 -11.33 -1.78
N LEU A 36 -1.42 -10.91 -2.15
CA LEU A 36 -2.46 -11.82 -2.58
C LEU A 36 -3.18 -11.25 -3.81
N GLY A 37 -4.26 -11.90 -4.22
CA GLY A 37 -4.98 -11.52 -5.42
C GLY A 37 -5.40 -10.06 -5.43
N ILE A 38 -5.96 -9.60 -4.32
CA ILE A 38 -6.39 -8.21 -4.23
C ILE A 38 -5.35 -7.40 -3.45
N PHE A 39 -4.39 -6.85 -4.17
CA PHE A 39 -3.29 -6.14 -3.54
C PHE A 39 -2.55 -5.31 -4.59
N GLU A 1 17.38 15.22 -4.75
CA GLU A 1 16.30 15.07 -3.76
C GLU A 1 14.94 14.96 -4.44
N GLU A 2 14.77 15.62 -5.58
CA GLU A 2 13.53 15.48 -6.34
C GLU A 2 13.29 14.03 -6.70
N LYS A 3 14.36 13.35 -7.08
CA LYS A 3 14.30 11.93 -7.34
C LYS A 3 13.92 11.17 -6.08
N ARG A 4 14.53 11.54 -4.95
CA ARG A 4 14.19 10.94 -3.67
C ARG A 4 12.69 10.97 -3.43
N ALA A 5 12.15 12.18 -3.50
CA ALA A 5 10.72 12.38 -3.28
C ALA A 5 9.90 11.70 -4.37
N MET A 6 10.47 11.59 -5.55
CA MET A 6 9.81 10.91 -6.66
C MET A 6 9.78 9.41 -6.42
N ILE A 7 10.87 8.90 -5.88
CA ILE A 7 10.99 7.50 -5.54
C ILE A 7 10.01 7.17 -4.43
N GLU A 8 9.87 8.09 -3.50
CA GLU A 8 8.95 7.91 -2.39
C GLU A 8 7.56 8.40 -2.74
N ALA A 9 7.40 8.84 -3.97
CA ALA A 9 6.07 9.03 -4.52
C ALA A 9 5.62 7.73 -5.14
N LYS A 10 6.57 6.83 -5.31
CA LYS A 10 6.31 5.50 -5.83
C LYS A 10 6.26 4.51 -4.68
N ARG A 11 7.28 4.54 -3.85
CA ARG A 11 7.25 3.82 -2.59
C ARG A 11 6.10 4.35 -1.77
N GLY A 12 5.95 5.65 -1.83
CA GLY A 12 4.85 6.30 -1.17
C GLY A 12 3.54 5.85 -1.75
N GLU A 13 3.52 5.61 -3.05
CA GLU A 13 2.34 5.12 -3.74
C GLU A 13 2.04 3.69 -3.32
N ASP A 14 3.10 2.91 -3.12
CA ASP A 14 2.96 1.52 -2.71
C ASP A 14 2.62 1.39 -1.24
N LEU A 15 3.15 2.30 -0.46
CA LEU A 15 2.80 2.39 0.96
C LEU A 15 1.38 2.90 1.08
N LEU A 16 1.04 3.82 0.18
CA LEU A 16 -0.31 4.32 0.05
C LEU A 16 -1.25 3.22 -0.39
N LYS A 17 -0.69 2.29 -1.15
CA LYS A 17 -1.40 1.11 -1.59
C LYS A 17 -1.60 0.18 -0.44
N ALA A 18 -0.53 0.04 0.32
CA ALA A 18 -0.53 -0.85 1.47
C ALA A 18 -1.44 -0.32 2.56
N GLU A 19 -1.49 1.00 2.66
CA GLU A 19 -2.36 1.65 3.62
C GLU A 19 -3.78 1.65 3.09
N GLU A 20 -3.87 1.49 1.78
CA GLU A 20 -5.12 1.34 1.09
C GLU A 20 -5.67 -0.04 1.31
N LEU A 21 -4.80 -1.04 1.24
CA LEU A 21 -5.17 -2.39 1.61
C LEU A 21 -5.55 -2.39 3.06
N ALA A 22 -4.87 -1.57 3.83
CA ALA A 22 -5.19 -1.40 5.21
C ALA A 22 -6.58 -0.81 5.33
N ALA A 23 -6.84 0.20 4.51
CA ALA A 23 -8.14 0.86 4.50
C ALA A 23 -9.24 -0.11 4.10
N LYS A 24 -8.96 -0.97 3.13
CA LYS A 24 -9.90 -1.99 2.72
C LYS A 24 -10.10 -2.98 3.84
N TYR A 25 -8.98 -3.50 4.29
CA TYR A 25 -8.94 -4.59 5.23
C TYR A 25 -9.45 -4.21 6.60
N ARG A 26 -9.49 -2.92 6.89
CA ARG A 26 -10.22 -2.42 8.05
C ARG A 26 -11.66 -2.90 7.99
N ALA A 27 -12.19 -2.94 6.78
CA ALA A 27 -13.55 -3.38 6.53
C ALA A 27 -13.59 -4.87 6.18
N THR A 28 -12.60 -5.33 5.44
CA THR A 28 -12.53 -6.73 5.02
C THR A 28 -12.28 -7.65 6.20
N GLY A 29 -11.70 -7.08 7.25
CA GLY A 29 -11.37 -7.85 8.43
C GLY A 29 -10.04 -8.53 8.30
N THR A 30 -9.02 -7.73 7.95
CA THR A 30 -7.65 -8.19 7.65
C THR A 30 -7.47 -9.70 7.65
N ALA A 31 -7.97 -10.34 6.60
CA ALA A 31 -7.96 -11.79 6.52
C ALA A 31 -6.73 -12.36 5.79
N PRO A 32 -6.34 -11.85 4.60
CA PRO A 32 -5.24 -12.45 3.83
C PRO A 32 -3.89 -12.28 4.52
N LYS A 33 -3.55 -11.05 4.90
CA LYS A 33 -2.35 -10.78 5.71
C LYS A 33 -1.09 -11.36 5.08
N LYS A 34 -0.95 -11.13 3.79
CA LYS A 34 0.18 -11.64 3.03
C LYS A 34 1.04 -10.50 2.51
N ILE A 35 2.17 -10.86 1.90
CA ILE A 35 3.08 -9.93 1.24
C ILE A 35 3.58 -8.81 2.17
N LEU A 36 2.80 -7.76 2.35
CA LEU A 36 3.21 -6.63 3.16
C LEU A 36 2.76 -6.84 4.60
N GLY A 37 1.92 -7.83 4.78
CA GLY A 37 1.37 -8.13 6.09
C GLY A 37 -0.08 -7.73 6.17
N ILE A 38 -0.45 -6.74 5.37
CA ILE A 38 -1.82 -6.30 5.24
C ILE A 38 -2.22 -6.32 3.77
N PHE A 39 -2.23 -7.51 3.21
CA PHE A 39 -2.42 -7.69 1.79
C PHE A 39 -3.04 -9.06 1.56
N GLU A 1 18.68 13.65 -5.30
CA GLU A 1 17.80 13.43 -4.13
C GLU A 1 16.36 13.80 -4.46
N GLU A 2 16.16 14.74 -5.36
CA GLU A 2 14.82 15.09 -5.80
C GLU A 2 14.15 13.88 -6.44
N LYS A 3 14.93 13.12 -7.19
CA LYS A 3 14.43 11.88 -7.75
C LYS A 3 14.15 10.87 -6.65
N ARG A 4 15.00 10.84 -5.63
CA ARG A 4 14.78 9.97 -4.48
C ARG A 4 13.39 10.19 -3.90
N ALA A 5 13.10 11.45 -3.64
CA ALA A 5 11.80 11.85 -3.08
C ALA A 5 10.67 11.50 -4.06
N MET A 6 10.97 11.61 -5.34
CA MET A 6 10.02 11.24 -6.38
C MET A 6 9.81 9.73 -6.40
N ILE A 7 10.87 8.99 -6.12
CA ILE A 7 10.78 7.55 -6.04
C ILE A 7 10.00 7.16 -4.80
N GLU A 8 10.11 7.97 -3.76
CA GLU A 8 9.35 7.77 -2.55
C GLU A 8 7.94 8.32 -2.68
N ALA A 9 7.64 8.87 -3.83
CA ALA A 9 6.27 9.17 -4.18
C ALA A 9 5.63 7.93 -4.76
N LYS A 10 6.47 6.98 -5.14
CA LYS A 10 6.02 5.70 -5.66
C LYS A 10 6.07 4.66 -4.56
N ARG A 11 7.13 4.72 -3.76
CA ARG A 11 7.17 3.97 -2.51
C ARG A 11 6.06 4.49 -1.64
N GLY A 12 5.90 5.80 -1.66
CA GLY A 12 4.83 6.44 -0.95
C GLY A 12 3.49 6.00 -1.48
N GLU A 13 3.41 5.88 -2.79
CA GLU A 13 2.21 5.40 -3.45
C GLU A 13 1.94 3.94 -3.09
N ASP A 14 3.02 3.20 -2.91
CA ASP A 14 2.94 1.79 -2.56
C ASP A 14 2.51 1.61 -1.13
N LEU A 15 3.05 2.44 -0.26
CA LEU A 15 2.66 2.48 1.13
C LEU A 15 1.23 2.94 1.24
N LEU A 16 0.89 3.88 0.37
CA LEU A 16 -0.46 4.39 0.24
C LEU A 16 -1.39 3.31 -0.30
N LYS A 17 -0.81 2.43 -1.08
CA LYS A 17 -1.52 1.31 -1.65
C LYS A 17 -1.71 0.26 -0.59
N ALA A 18 -0.68 0.06 0.18
CA ALA A 18 -0.70 -0.91 1.25
C ALA A 18 -1.63 -0.44 2.35
N GLU A 19 -1.73 0.87 2.50
CA GLU A 19 -2.63 1.46 3.46
C GLU A 19 -4.03 1.49 2.88
N GLU A 20 -4.08 1.37 1.57
CA GLU A 20 -5.32 1.24 0.84
C GLU A 20 -5.86 -0.17 1.00
N LEU A 21 -4.96 -1.14 1.04
CA LEU A 21 -5.34 -2.48 1.42
C LEU A 21 -5.70 -2.47 2.87
N ALA A 22 -5.10 -1.56 3.61
CA ALA A 22 -5.45 -1.38 5.00
C ALA A 22 -6.83 -0.75 5.09
N ALA A 23 -7.15 0.05 4.07
CA ALA A 23 -8.46 0.68 3.98
C ALA A 23 -9.53 -0.35 3.65
N LYS A 24 -9.14 -1.44 2.98
CA LYS A 24 -10.03 -2.55 2.75
C LYS A 24 -10.05 -3.45 3.96
N TYR A 25 -8.86 -3.87 4.30
CA TYR A 25 -8.62 -4.86 5.32
C TYR A 25 -9.04 -4.40 6.70
N ARG A 26 -9.20 -3.10 6.90
CA ARG A 26 -9.73 -2.59 8.14
C ARG A 26 -11.11 -3.20 8.40
N ALA A 27 -11.79 -3.55 7.31
CA ALA A 27 -13.09 -4.20 7.41
C ALA A 27 -12.94 -5.69 7.63
N THR A 28 -11.79 -6.21 7.24
CA THR A 28 -11.48 -7.62 7.39
C THR A 28 -10.88 -7.91 8.76
N GLY A 29 -10.40 -6.84 9.39
CA GLY A 29 -9.67 -6.98 10.63
C GLY A 29 -8.20 -7.17 10.39
N THR A 30 -7.66 -6.33 9.48
CA THR A 30 -6.31 -6.44 8.91
C THR A 30 -5.54 -7.70 9.35
N ALA A 31 -5.95 -8.82 8.78
CA ALA A 31 -5.38 -10.10 9.14
C ALA A 31 -4.11 -10.46 8.34
N PRO A 32 -4.13 -10.38 6.99
CA PRO A 32 -2.97 -10.80 6.20
C PRO A 32 -1.79 -9.83 6.29
N LYS A 33 -2.06 -8.54 6.01
CA LYS A 33 -1.04 -7.49 6.06
C LYS A 33 0.28 -7.96 5.48
N LYS A 34 0.27 -8.15 4.18
CA LYS A 34 1.40 -8.71 3.48
C LYS A 34 1.16 -8.56 1.99
N ILE A 35 2.14 -8.94 1.18
CA ILE A 35 1.94 -9.03 -0.24
C ILE A 35 1.28 -10.36 -0.56
N LEU A 36 0.03 -10.29 -0.97
CA LEU A 36 -0.77 -11.48 -1.17
C LEU A 36 -1.45 -11.44 -2.54
N GLY A 37 -2.35 -12.36 -2.79
CA GLY A 37 -3.01 -12.46 -4.08
C GLY A 37 -3.72 -11.18 -4.49
N ILE A 38 -4.51 -10.63 -3.58
CA ILE A 38 -5.19 -9.38 -3.82
C ILE A 38 -4.32 -8.22 -3.34
N PHE A 39 -3.34 -7.87 -4.15
CA PHE A 39 -2.39 -6.82 -3.80
C PHE A 39 -1.69 -6.34 -5.06
N GLU A 1 18.26 14.07 -4.87
CA GLU A 1 17.10 13.73 -4.01
C GLU A 1 15.78 13.91 -4.76
N GLU A 2 15.82 14.59 -5.90
CA GLU A 2 14.66 14.71 -6.75
C GLU A 2 14.17 13.33 -7.16
N LYS A 3 15.10 12.50 -7.62
CA LYS A 3 14.78 11.12 -7.96
C LYS A 3 14.36 10.36 -6.71
N ARG A 4 15.07 10.58 -5.60
CA ARG A 4 14.73 9.93 -4.34
C ARG A 4 13.28 10.20 -3.98
N ALA A 5 12.92 11.47 -3.96
CA ALA A 5 11.56 11.89 -3.67
C ALA A 5 10.58 11.36 -4.71
N MET A 6 11.06 11.21 -5.93
CA MET A 6 10.26 10.63 -7.00
C MET A 6 10.03 9.15 -6.75
N ILE A 7 11.04 8.51 -6.21
CA ILE A 7 10.96 7.11 -5.85
C ILE A 7 10.03 6.94 -4.65
N GLU A 8 10.09 7.90 -3.75
CA GLU A 8 9.24 7.87 -2.57
C GLU A 8 7.87 8.44 -2.85
N ALA A 9 7.66 8.84 -4.09
CA ALA A 9 6.34 9.12 -4.56
C ALA A 9 5.69 7.84 -5.01
N LYS A 10 6.52 6.85 -5.29
CA LYS A 10 6.06 5.54 -5.69
C LYS A 10 6.01 4.64 -4.48
N ARG A 11 7.03 4.70 -3.66
CA ARG A 11 7.00 4.07 -2.36
C ARG A 11 5.94 4.73 -1.53
N GLY A 12 5.83 6.03 -1.71
CA GLY A 12 4.76 6.78 -1.09
C GLY A 12 3.42 6.29 -1.57
N GLU A 13 3.33 6.08 -2.87
CA GLU A 13 2.14 5.52 -3.48
C GLU A 13 1.88 4.11 -2.95
N ASP A 14 2.96 3.38 -2.72
CA ASP A 14 2.88 1.99 -2.26
C ASP A 14 2.47 1.94 -0.80
N LEU A 15 2.93 2.90 -0.04
CA LEU A 15 2.52 3.05 1.35
C LEU A 15 1.06 3.48 1.38
N LEU A 16 0.73 4.35 0.45
CA LEU A 16 -0.63 4.81 0.25
C LEU A 16 -1.50 3.68 -0.26
N LYS A 17 -0.86 2.71 -0.86
CA LYS A 17 -1.49 1.51 -1.36
C LYS A 17 -1.64 0.53 -0.24
N ALA A 18 -0.62 0.45 0.57
CA ALA A 18 -0.60 -0.45 1.70
C ALA A 18 -1.55 0.02 2.77
N GLU A 19 -1.78 1.32 2.80
CA GLU A 19 -2.75 1.90 3.71
C GLU A 19 -4.13 1.76 3.10
N GLU A 20 -4.14 1.64 1.80
CA GLU A 20 -5.34 1.40 1.04
C GLU A 20 -5.76 -0.05 1.18
N LEU A 21 -4.79 -0.94 1.22
CA LEU A 21 -5.06 -2.32 1.55
C LEU A 21 -5.27 -2.42 3.03
N ALA A 22 -4.83 -1.41 3.77
CA ALA A 22 -5.16 -1.33 5.17
C ALA A 22 -6.65 -1.06 5.28
N ALA A 23 -7.14 -0.22 4.36
CA ALA A 23 -8.56 0.05 4.26
C ALA A 23 -9.31 -1.21 3.84
N LYS A 24 -8.77 -1.90 2.84
CA LYS A 24 -9.28 -3.18 2.38
C LYS A 24 -9.39 -4.15 3.54
N TYR A 25 -8.29 -4.23 4.24
CA TYR A 25 -8.15 -5.10 5.38
C TYR A 25 -9.15 -4.79 6.48
N ARG A 26 -9.25 -3.52 6.84
CA ARG A 26 -10.25 -3.07 7.80
C ARG A 26 -11.62 -3.62 7.45
N ALA A 27 -11.85 -3.78 6.17
CA ALA A 27 -13.06 -4.38 5.67
C ALA A 27 -12.94 -5.91 5.70
N THR A 28 -12.40 -6.49 4.63
CA THR A 28 -12.29 -7.94 4.51
C THR A 28 -10.86 -8.44 4.73
N GLY A 29 -9.90 -7.67 4.23
CA GLY A 29 -8.54 -8.15 4.06
C GLY A 29 -7.83 -8.58 5.34
N THR A 30 -8.42 -8.29 6.48
CA THR A 30 -7.82 -8.69 7.76
C THR A 30 -7.91 -10.19 7.97
N ALA A 31 -8.65 -10.87 7.10
CA ALA A 31 -8.74 -12.31 7.16
C ALA A 31 -7.58 -12.99 6.41
N PRO A 32 -7.35 -12.68 5.11
CA PRO A 32 -6.22 -13.25 4.37
C PRO A 32 -4.86 -12.87 4.98
N LYS A 33 -4.66 -11.57 5.23
CA LYS A 33 -3.39 -11.06 5.77
C LYS A 33 -2.20 -11.61 4.99
N LYS A 34 -2.11 -11.18 3.75
CA LYS A 34 -1.09 -11.68 2.83
C LYS A 34 -1.15 -10.87 1.54
N ILE A 35 -0.49 -11.34 0.49
CA ILE A 35 -0.63 -10.69 -0.80
C ILE A 35 -1.97 -11.07 -1.44
N LEU A 36 -2.42 -12.29 -1.12
CA LEU A 36 -3.70 -12.84 -1.57
C LEU A 36 -3.95 -12.63 -3.07
N GLY A 37 -5.18 -12.79 -3.49
CA GLY A 37 -5.50 -12.63 -4.90
C GLY A 37 -5.43 -11.18 -5.35
N ILE A 38 -5.72 -10.26 -4.44
CA ILE A 38 -5.77 -8.85 -4.78
C ILE A 38 -4.99 -8.04 -3.74
N PHE A 39 -3.97 -7.33 -4.21
CA PHE A 39 -3.15 -6.51 -3.34
C PHE A 39 -2.54 -5.36 -4.13
N GLU A 1 18.10 14.77 -5.38
CA GLU A 1 16.97 14.31 -4.52
C GLU A 1 15.66 14.30 -5.31
N GLU A 2 15.71 14.76 -6.55
CA GLU A 2 14.54 14.70 -7.41
C GLU A 2 14.10 13.26 -7.61
N LYS A 3 15.07 12.39 -7.90
CA LYS A 3 14.81 10.98 -8.02
C LYS A 3 14.36 10.41 -6.68
N ARG A 4 14.97 10.88 -5.61
CA ARG A 4 14.55 10.51 -4.27
C ARG A 4 13.06 10.76 -4.07
N ALA A 5 12.66 12.00 -4.34
CA ALA A 5 11.28 12.41 -4.18
C ALA A 5 10.36 11.66 -5.14
N MET A 6 10.90 11.37 -6.32
CA MET A 6 10.18 10.61 -7.33
C MET A 6 9.96 9.18 -6.88
N ILE A 7 11.00 8.61 -6.31
CA ILE A 7 10.94 7.26 -5.80
C ILE A 7 10.02 7.19 -4.61
N GLU A 8 10.14 8.16 -3.73
CA GLU A 8 9.37 8.16 -2.50
C GLU A 8 7.94 8.60 -2.75
N ALA A 9 7.67 9.04 -3.96
CA ALA A 9 6.32 9.32 -4.38
C ALA A 9 5.66 8.05 -4.86
N LYS A 10 6.49 7.08 -5.23
CA LYS A 10 6.02 5.78 -5.70
C LYS A 10 6.06 4.79 -4.57
N ARG A 11 7.13 4.85 -3.80
CA ARG A 11 7.20 4.17 -2.53
C ARG A 11 6.10 4.70 -1.65
N GLY A 12 5.91 6.01 -1.73
CA GLY A 12 4.81 6.64 -1.06
C GLY A 12 3.49 6.06 -1.51
N GLU A 13 3.36 5.85 -2.82
CA GLU A 13 2.16 5.23 -3.38
C GLU A 13 2.00 3.81 -2.91
N ASP A 14 3.11 3.15 -2.63
CA ASP A 14 3.11 1.77 -2.18
C ASP A 14 2.70 1.70 -0.73
N LEU A 15 3.14 2.66 0.03
CA LEU A 15 2.73 2.81 1.42
C LEU A 15 1.27 3.22 1.47
N LEU A 16 0.92 4.08 0.53
CA LEU A 16 -0.45 4.52 0.36
C LEU A 16 -1.33 3.40 -0.18
N LYS A 17 -0.69 2.48 -0.86
CA LYS A 17 -1.34 1.29 -1.35
C LYS A 17 -1.54 0.35 -0.21
N ALA A 18 -0.52 0.23 0.60
CA ALA A 18 -0.53 -0.65 1.74
C ALA A 18 -1.52 -0.16 2.78
N GLU A 19 -1.68 1.16 2.83
CA GLU A 19 -2.66 1.75 3.73
C GLU A 19 -4.04 1.61 3.12
N GLU A 20 -4.05 1.48 1.82
CA GLU A 20 -5.24 1.23 1.07
C GLU A 20 -5.69 -0.21 1.25
N LEU A 21 -4.73 -1.11 1.26
CA LEU A 21 -5.02 -2.49 1.61
C LEU A 21 -5.44 -2.53 3.04
N ALA A 22 -4.86 -1.65 3.84
CA ALA A 22 -5.26 -1.54 5.21
C ALA A 22 -6.71 -1.10 5.26
N ALA A 23 -7.05 -0.17 4.38
CA ALA A 23 -8.40 0.34 4.29
C ALA A 23 -9.37 -0.75 3.82
N LYS A 24 -8.94 -1.52 2.82
CA LYS A 24 -9.75 -2.63 2.31
C LYS A 24 -9.93 -3.65 3.38
N TYR A 25 -8.81 -4.05 3.94
CA TYR A 25 -8.76 -5.10 4.93
C TYR A 25 -9.62 -4.77 6.14
N ARG A 26 -9.53 -3.54 6.64
CA ARG A 26 -10.40 -3.10 7.72
C ARG A 26 -11.86 -3.34 7.35
N ALA A 27 -12.16 -3.10 6.10
CA ALA A 27 -13.51 -3.27 5.58
C ALA A 27 -13.82 -4.76 5.35
N THR A 28 -12.77 -5.57 5.25
CA THR A 28 -12.91 -7.00 5.06
C THR A 28 -12.78 -7.74 6.40
N GLY A 29 -12.77 -6.96 7.48
CA GLY A 29 -12.62 -7.53 8.79
C GLY A 29 -11.26 -8.16 9.00
N THR A 30 -10.23 -7.38 8.60
CA THR A 30 -8.82 -7.83 8.50
C THR A 30 -8.64 -9.33 8.73
N ALA A 31 -9.21 -10.11 7.83
CA ALA A 31 -9.16 -11.56 7.94
C ALA A 31 -8.13 -12.20 6.99
N PRO A 32 -8.22 -11.95 5.66
CA PRO A 32 -7.33 -12.64 4.70
C PRO A 32 -5.85 -12.42 4.99
N LYS A 33 -5.45 -11.15 5.11
CA LYS A 33 -4.06 -10.78 5.41
C LYS A 33 -3.08 -11.61 4.60
N LYS A 34 -3.23 -11.53 3.30
CA LYS A 34 -2.51 -12.36 2.36
C LYS A 34 -2.49 -11.70 1.00
N ILE A 35 -1.90 -12.36 0.00
CA ILE A 35 -1.86 -11.82 -1.35
C ILE A 35 -3.29 -11.62 -1.89
N LEU A 36 -4.05 -12.73 -1.87
CA LEU A 36 -5.50 -12.81 -2.16
C LEU A 36 -5.90 -12.37 -3.58
N GLY A 37 -5.28 -11.35 -4.10
CA GLY A 37 -5.60 -10.88 -5.43
C GLY A 37 -5.92 -9.39 -5.44
N ILE A 38 -4.89 -8.58 -5.52
CA ILE A 38 -5.03 -7.12 -5.49
C ILE A 38 -3.67 -6.44 -5.60
N PHE A 39 -2.68 -7.00 -4.92
CA PHE A 39 -1.30 -6.52 -5.03
C PHE A 39 -0.80 -6.69 -6.46
N GLU A 1 18.58 13.92 -3.90
CA GLU A 1 17.45 13.29 -3.18
C GLU A 1 16.11 13.66 -3.82
N GLU A 2 16.15 14.44 -4.89
CA GLU A 2 14.93 14.72 -5.64
C GLU A 2 14.44 13.45 -6.30
N LYS A 3 15.38 12.65 -6.79
CA LYS A 3 15.05 11.33 -7.30
C LYS A 3 14.51 10.48 -6.16
N ARG A 4 15.14 10.57 -5.00
CA ARG A 4 14.69 9.87 -3.80
C ARG A 4 13.23 10.18 -3.53
N ALA A 5 12.91 11.46 -3.47
CA ALA A 5 11.54 11.90 -3.24
C ALA A 5 10.62 11.44 -4.36
N MET A 6 11.18 11.29 -5.54
CA MET A 6 10.47 10.76 -6.68
C MET A 6 10.24 9.25 -6.52
N ILE A 7 11.22 8.59 -5.92
CA ILE A 7 11.12 7.18 -5.62
C ILE A 7 10.07 6.96 -4.54
N GLU A 8 10.08 7.86 -3.56
CA GLU A 8 9.17 7.78 -2.44
C GLU A 8 7.82 8.38 -2.78
N ALA A 9 7.69 8.83 -4.02
CA ALA A 9 6.39 9.15 -4.55
C ALA A 9 5.73 7.89 -5.05
N LYS A 10 6.57 6.92 -5.40
CA LYS A 10 6.11 5.62 -5.85
C LYS A 10 5.97 4.70 -4.66
N ARG A 11 6.96 4.72 -3.78
CA ARG A 11 6.84 4.05 -2.51
C ARG A 11 5.73 4.69 -1.73
N GLY A 12 5.64 6.01 -1.86
CA GLY A 12 4.58 6.74 -1.23
C GLY A 12 3.24 6.33 -1.76
N GLU A 13 3.21 6.03 -3.06
CA GLU A 13 2.01 5.54 -3.72
C GLU A 13 1.73 4.10 -3.29
N ASP A 14 2.80 3.35 -3.04
CA ASP A 14 2.70 1.95 -2.66
C ASP A 14 2.32 1.82 -1.19
N LEU A 15 2.83 2.73 -0.39
CA LEU A 15 2.46 2.81 1.01
C LEU A 15 1.04 3.32 1.12
N LEU A 16 0.67 4.13 0.14
CA LEU A 16 -0.68 4.62 -0.02
C LEU A 16 -1.59 3.49 -0.49
N LYS A 17 -0.98 2.56 -1.19
CA LYS A 17 -1.64 1.35 -1.63
C LYS A 17 -1.77 0.42 -0.45
N ALA A 18 -0.70 0.34 0.30
CA ALA A 18 -0.65 -0.54 1.45
C ALA A 18 -1.54 -0.01 2.56
N GLU A 19 -1.78 1.29 2.55
CA GLU A 19 -2.69 1.89 3.49
C GLU A 19 -4.11 1.70 2.98
N GLU A 20 -4.21 1.50 1.68
CA GLU A 20 -5.45 1.15 1.04
C GLU A 20 -5.77 -0.31 1.32
N LEU A 21 -4.74 -1.14 1.33
CA LEU A 21 -4.89 -2.52 1.77
C LEU A 21 -4.78 -2.56 3.28
N ALA A 22 -4.73 -1.39 3.87
CA ALA A 22 -5.00 -1.25 5.28
C ALA A 22 -6.47 -0.95 5.44
N ALA A 23 -6.96 -0.07 4.56
CA ALA A 23 -8.34 0.36 4.57
C ALA A 23 -9.27 -0.79 4.18
N LYS A 24 -8.93 -1.50 3.11
CA LYS A 24 -9.69 -2.64 2.66
C LYS A 24 -9.64 -3.73 3.71
N TYR A 25 -8.45 -3.94 4.22
CA TYR A 25 -8.20 -4.94 5.23
C TYR A 25 -8.99 -4.68 6.51
N ARG A 26 -9.17 -3.41 6.85
CA ARG A 26 -10.06 -3.04 7.93
C ARG A 26 -11.42 -3.69 7.72
N ALA A 27 -11.86 -3.69 6.48
CA ALA A 27 -13.13 -4.29 6.10
C ALA A 27 -13.01 -5.81 5.98
N THR A 28 -11.85 -6.28 5.52
CA THR A 28 -11.60 -7.71 5.39
C THR A 28 -11.51 -8.38 6.76
N GLY A 29 -11.28 -7.58 7.78
CA GLY A 29 -11.10 -8.08 9.11
C GLY A 29 -9.68 -8.54 9.33
N THR A 30 -8.74 -7.68 8.89
CA THR A 30 -7.30 -7.95 8.82
C THR A 30 -6.92 -9.39 9.16
N ALA A 31 -7.31 -10.30 8.30
CA ALA A 31 -7.08 -11.72 8.52
C ALA A 31 -5.99 -12.29 7.61
N PRO A 32 -6.09 -12.18 6.26
CA PRO A 32 -5.12 -12.81 5.35
C PRO A 32 -3.70 -12.30 5.57
N LYS A 33 -3.54 -10.97 5.54
CA LYS A 33 -2.24 -10.32 5.67
C LYS A 33 -1.24 -10.96 4.73
N LYS A 34 -1.55 -10.84 3.45
CA LYS A 34 -0.75 -11.47 2.42
C LYS A 34 -0.95 -10.74 1.11
N ILE A 35 -0.11 -11.05 0.13
CA ILE A 35 -0.35 -10.61 -1.22
C ILE A 35 -1.58 -11.32 -1.76
N LEU A 36 -2.67 -10.58 -1.82
CA LEU A 36 -3.96 -11.11 -2.22
C LEU A 36 -3.99 -11.43 -3.71
N GLY A 37 -5.12 -11.98 -4.15
CA GLY A 37 -5.30 -12.29 -5.56
C GLY A 37 -5.60 -11.06 -6.38
N ILE A 38 -4.82 -10.02 -6.15
CA ILE A 38 -4.92 -8.74 -6.85
C ILE A 38 -3.95 -7.77 -6.18
N PHE A 39 -4.19 -7.50 -4.89
CA PHE A 39 -3.31 -6.69 -4.03
C PHE A 39 -2.64 -5.56 -4.80
N GLU A 1 17.78 14.76 -4.97
CA GLU A 1 16.58 14.45 -4.14
C GLU A 1 15.30 14.70 -4.91
N GLU A 2 15.39 15.33 -6.07
CA GLU A 2 14.23 15.46 -6.94
C GLU A 2 13.76 14.09 -7.37
N LYS A 3 14.71 13.27 -7.78
CA LYS A 3 14.45 11.87 -8.10
C LYS A 3 13.98 11.13 -6.87
N ARG A 4 14.62 11.40 -5.72
CA ARG A 4 14.22 10.80 -4.46
C ARG A 4 12.72 10.99 -4.20
N ALA A 5 12.29 12.23 -4.36
CA ALA A 5 10.89 12.58 -4.17
C ALA A 5 9.99 11.81 -5.14
N MET A 6 10.54 11.47 -6.29
CA MET A 6 9.82 10.67 -7.27
C MET A 6 9.79 9.21 -6.83
N ILE A 7 10.90 8.78 -6.25
CA ILE A 7 11.01 7.42 -5.75
C ILE A 7 10.09 7.24 -4.55
N GLU A 8 10.03 8.27 -3.72
CA GLU A 8 9.19 8.22 -2.54
C GLU A 8 7.76 8.62 -2.86
N ALA A 9 7.51 8.91 -4.11
CA ALA A 9 6.15 9.03 -4.60
C ALA A 9 5.65 7.65 -4.97
N LYS A 10 6.60 6.75 -5.18
CA LYS A 10 6.30 5.37 -5.49
C LYS A 10 6.34 4.53 -4.23
N ARG A 11 7.30 4.80 -3.37
CA ARG A 11 7.24 4.30 -2.01
C ARG A 11 5.98 4.84 -1.37
N GLY A 12 5.75 6.12 -1.62
CA GLY A 12 4.57 6.77 -1.14
C GLY A 12 3.33 6.10 -1.70
N GLU A 13 3.41 5.69 -2.95
CA GLU A 13 2.33 4.98 -3.61
C GLU A 13 2.15 3.59 -3.02
N ASP A 14 3.27 2.96 -2.67
CA ASP A 14 3.26 1.61 -2.13
C ASP A 14 2.80 1.61 -0.69
N LEU A 15 3.19 2.63 0.04
CA LEU A 15 2.73 2.84 1.39
C LEU A 15 1.26 3.22 1.37
N LEU A 16 0.91 3.98 0.33
CA LEU A 16 -0.46 4.34 0.05
C LEU A 16 -1.26 3.12 -0.34
N LYS A 17 -0.56 2.17 -0.91
CA LYS A 17 -1.13 0.90 -1.29
C LYS A 17 -1.28 0.05 -0.06
N ALA A 18 -0.29 0.15 0.80
CA ALA A 18 -0.27 -0.60 2.04
C ALA A 18 -1.34 -0.06 2.98
N GLU A 19 -1.56 1.24 2.91
CA GLU A 19 -2.60 1.87 3.69
C GLU A 19 -3.94 1.61 3.01
N GLU A 20 -3.84 1.25 1.75
CA GLU A 20 -4.98 0.80 0.99
C GLU A 20 -5.32 -0.63 1.36
N LEU A 21 -4.30 -1.44 1.63
CA LEU A 21 -4.53 -2.75 2.22
C LEU A 21 -5.13 -2.56 3.58
N ALA A 22 -4.78 -1.46 4.20
CA ALA A 22 -5.37 -1.09 5.47
C ALA A 22 -6.79 -0.66 5.23
N ALA A 23 -7.01 0.00 4.09
CA ALA A 23 -8.34 0.44 3.69
C ALA A 23 -9.23 -0.76 3.35
N LYS A 24 -8.63 -1.78 2.73
CA LYS A 24 -9.36 -2.98 2.37
C LYS A 24 -9.70 -3.75 3.63
N TYR A 25 -8.71 -3.89 4.46
CA TYR A 25 -8.82 -4.68 5.67
C TYR A 25 -9.65 -4.02 6.76
N ARG A 26 -9.60 -2.70 6.84
CA ARG A 26 -10.49 -1.99 7.75
C ARG A 26 -11.93 -2.18 7.28
N ALA A 27 -12.06 -2.62 6.05
CA ALA A 27 -13.32 -3.06 5.51
C ALA A 27 -13.33 -4.58 5.54
N THR A 28 -13.46 -5.10 6.76
CA THR A 28 -13.36 -6.54 7.07
C THR A 28 -14.10 -7.45 6.09
N GLY A 29 -15.04 -6.90 5.33
CA GLY A 29 -15.65 -7.62 4.23
C GLY A 29 -14.69 -7.74 3.04
N THR A 30 -13.42 -7.96 3.36
CA THR A 30 -12.36 -8.07 2.38
C THR A 30 -12.18 -9.53 1.99
N ALA A 31 -13.27 -10.09 1.50
CA ALA A 31 -13.35 -11.50 1.14
C ALA A 31 -12.32 -11.96 0.09
N PRO A 32 -12.13 -11.22 -1.05
CA PRO A 32 -11.30 -11.67 -2.17
C PRO A 32 -9.94 -12.23 -1.73
N LYS A 33 -9.21 -11.47 -0.92
CA LYS A 33 -7.88 -11.88 -0.46
C LYS A 33 -7.02 -12.38 -1.62
N LYS A 34 -7.16 -11.69 -2.75
CA LYS A 34 -6.43 -12.05 -3.96
C LYS A 34 -4.92 -11.98 -3.74
N ILE A 35 -4.43 -10.79 -3.41
CA ILE A 35 -3.03 -10.58 -3.07
C ILE A 35 -2.99 -9.75 -1.80
N LEU A 36 -4.15 -9.70 -1.16
CA LEU A 36 -4.40 -8.77 -0.07
C LEU A 36 -3.66 -9.20 1.19
N GLY A 37 -3.24 -10.44 1.19
CA GLY A 37 -2.51 -11.01 2.32
C GLY A 37 -1.26 -10.22 2.66
N ILE A 38 -0.79 -9.43 1.71
CA ILE A 38 0.37 -8.57 1.90
C ILE A 38 0.51 -7.57 0.75
N PHE A 39 0.49 -8.10 -0.48
CA PHE A 39 0.60 -7.29 -1.69
C PHE A 39 2.01 -6.72 -1.82
N GLU A 1 18.27 14.17 -5.49
CA GLU A 1 17.21 14.03 -4.45
C GLU A 1 15.82 14.18 -5.07
N GLU A 2 15.72 14.94 -6.16
CA GLU A 2 14.46 15.07 -6.88
C GLU A 2 13.92 13.70 -7.25
N LYS A 3 14.78 12.90 -7.84
CA LYS A 3 14.43 11.54 -8.19
C LYS A 3 14.12 10.72 -6.95
N ARG A 4 14.90 10.90 -5.89
CA ARG A 4 14.66 10.21 -4.64
C ARG A 4 13.23 10.43 -4.16
N ALA A 5 12.88 11.70 -4.03
CA ALA A 5 11.55 12.09 -3.59
C ALA A 5 10.49 11.64 -4.58
N MET A 6 10.89 11.50 -5.83
CA MET A 6 10.00 11.03 -6.89
C MET A 6 9.82 9.52 -6.76
N ILE A 7 10.86 8.84 -6.35
CA ILE A 7 10.80 7.41 -6.10
C ILE A 7 10.01 7.15 -4.83
N GLU A 8 10.15 8.06 -3.86
CA GLU A 8 9.38 7.96 -2.64
C GLU A 8 7.97 8.46 -2.82
N ALA A 9 7.65 8.87 -4.04
CA ALA A 9 6.28 9.11 -4.43
C ALA A 9 5.67 7.80 -4.87
N LYS A 10 6.53 6.88 -5.23
CA LYS A 10 6.11 5.54 -5.63
C LYS A 10 6.12 4.63 -4.43
N ARG A 11 7.15 4.77 -3.61
CA ARG A 11 7.17 4.15 -2.31
C ARG A 11 6.03 4.73 -1.50
N GLY A 12 5.87 6.02 -1.63
CA GLY A 12 4.78 6.72 -1.00
C GLY A 12 3.46 6.20 -1.49
N GLU A 13 3.40 5.92 -2.78
CA GLU A 13 2.21 5.38 -3.39
C GLU A 13 1.99 3.93 -2.96
N ASP A 14 3.09 3.24 -2.68
CA ASP A 14 3.06 1.85 -2.25
C ASP A 14 2.65 1.76 -0.80
N LEU A 15 3.11 2.71 -0.01
CA LEU A 15 2.69 2.84 1.37
C LEU A 15 1.22 3.24 1.39
N LEU A 16 0.87 4.09 0.46
CA LEU A 16 -0.50 4.49 0.23
C LEU A 16 -1.33 3.31 -0.22
N LYS A 17 -0.68 2.42 -0.94
CA LYS A 17 -1.28 1.20 -1.39
C LYS A 17 -1.48 0.29 -0.20
N ALA A 18 -0.44 0.22 0.61
CA ALA A 18 -0.45 -0.64 1.77
C ALA A 18 -1.48 -0.15 2.77
N GLU A 19 -1.68 1.16 2.82
CA GLU A 19 -2.67 1.75 3.70
C GLU A 19 -4.04 1.61 3.05
N GLU A 20 -4.02 1.47 1.75
CA GLU A 20 -5.21 1.19 0.98
C GLU A 20 -5.64 -0.25 1.20
N LEU A 21 -4.67 -1.14 1.27
CA LEU A 21 -4.93 -2.51 1.67
C LEU A 21 -5.41 -2.51 3.09
N ALA A 22 -4.89 -1.57 3.85
CA ALA A 22 -5.33 -1.40 5.21
C ALA A 22 -6.79 -0.96 5.19
N ALA A 23 -7.10 -0.08 4.24
CA ALA A 23 -8.47 0.38 4.07
C ALA A 23 -9.40 -0.75 3.65
N LYS A 24 -8.90 -1.63 2.79
CA LYS A 24 -9.66 -2.80 2.36
C LYS A 24 -9.84 -3.73 3.54
N TYR A 25 -8.73 -4.02 4.17
CA TYR A 25 -8.68 -4.95 5.27
C TYR A 25 -9.51 -4.52 6.47
N ARG A 26 -9.55 -3.23 6.73
CA ARG A 26 -10.46 -2.70 7.73
C ARG A 26 -11.89 -3.10 7.41
N ALA A 27 -12.18 -3.14 6.12
CA ALA A 27 -13.51 -3.50 5.64
C ALA A 27 -13.69 -5.01 5.55
N THR A 28 -12.61 -5.72 5.24
CA THR A 28 -12.64 -7.17 5.12
C THR A 28 -12.68 -7.84 6.50
N GLY A 29 -12.38 -7.05 7.52
CA GLY A 29 -12.30 -7.57 8.86
C GLY A 29 -11.04 -8.37 9.05
N THR A 30 -9.92 -7.73 8.67
CA THR A 30 -8.59 -8.34 8.57
C THR A 30 -8.58 -9.85 8.77
N ALA A 31 -9.09 -10.57 7.77
CA ALA A 31 -9.20 -12.02 7.83
C ALA A 31 -8.24 -12.75 6.88
N PRO A 32 -8.19 -12.41 5.57
CA PRO A 32 -7.43 -13.21 4.59
C PRO A 32 -5.92 -13.16 4.80
N LYS A 33 -5.37 -11.95 4.87
CA LYS A 33 -3.93 -11.75 5.05
C LYS A 33 -3.15 -12.62 4.08
N LYS A 34 -3.44 -12.42 2.82
CA LYS A 34 -2.86 -13.20 1.74
C LYS A 34 -1.93 -12.32 0.89
N ILE A 35 -1.86 -12.57 -0.42
CA ILE A 35 -1.12 -11.70 -1.32
C ILE A 35 -1.69 -10.30 -1.22
N LEU A 36 -3.01 -10.24 -1.25
CA LEU A 36 -3.73 -9.02 -0.95
C LEU A 36 -3.29 -8.53 0.42
N GLY A 37 -3.07 -7.23 0.54
CA GLY A 37 -2.59 -6.71 1.80
C GLY A 37 -1.21 -6.11 1.68
N ILE A 38 -0.45 -6.57 0.70
CA ILE A 38 0.95 -6.18 0.55
C ILE A 38 1.48 -6.45 -0.86
N PHE A 39 1.28 -7.69 -1.33
CA PHE A 39 1.75 -8.13 -2.65
C PHE A 39 3.27 -8.11 -2.70
N GLU A 1 18.55 13.44 -5.76
CA GLU A 1 17.50 13.59 -4.72
C GLU A 1 16.13 13.74 -5.36
N GLU A 2 16.09 14.37 -6.54
CA GLU A 2 14.84 14.50 -7.29
C GLU A 2 14.28 13.12 -7.60
N LYS A 3 15.16 12.20 -7.98
CA LYS A 3 14.77 10.83 -8.20
C LYS A 3 14.30 10.22 -6.90
N ARG A 4 15.02 10.47 -5.81
CA ARG A 4 14.66 9.99 -4.50
C ARG A 4 13.22 10.36 -4.16
N ALA A 5 12.92 11.64 -4.27
CA ALA A 5 11.58 12.15 -4.01
C ALA A 5 10.55 11.52 -4.94
N MET A 6 10.97 11.29 -6.18
CA MET A 6 10.11 10.65 -7.17
C MET A 6 9.88 9.19 -6.82
N ILE A 7 10.91 8.57 -6.28
CA ILE A 7 10.83 7.22 -5.77
C ILE A 7 9.86 7.19 -4.61
N GLU A 8 9.94 8.21 -3.78
CA GLU A 8 9.13 8.29 -2.59
C GLU A 8 7.69 8.65 -2.93
N ALA A 9 7.46 8.96 -4.19
CA ALA A 9 6.11 9.17 -4.68
C ALA A 9 5.49 7.85 -5.08
N LYS A 10 6.35 6.88 -5.32
CA LYS A 10 5.93 5.53 -5.68
C LYS A 10 6.00 4.63 -4.48
N ARG A 11 7.07 4.77 -3.72
CA ARG A 11 7.16 4.20 -2.41
C ARG A 11 6.07 4.77 -1.54
N GLY A 12 5.85 6.07 -1.69
CA GLY A 12 4.76 6.72 -1.02
C GLY A 12 3.43 6.17 -1.48
N GLU A 13 3.35 5.92 -2.78
CA GLU A 13 2.16 5.35 -3.38
C GLU A 13 1.96 3.92 -2.86
N ASP A 14 3.06 3.24 -2.58
CA ASP A 14 3.05 1.87 -2.11
C ASP A 14 2.63 1.80 -0.66
N LEU A 15 3.13 2.74 0.12
CA LEU A 15 2.73 2.88 1.50
C LEU A 15 1.27 3.27 1.55
N LEU A 16 0.91 4.13 0.63
CA LEU A 16 -0.46 4.56 0.43
C LEU A 16 -1.32 3.39 -0.05
N LYS A 17 -0.68 2.46 -0.71
CA LYS A 17 -1.31 1.25 -1.18
C LYS A 17 -1.46 0.30 -0.03
N ALA A 18 -0.44 0.23 0.78
CA ALA A 18 -0.41 -0.64 1.91
C ALA A 18 -1.40 -0.19 2.97
N GLU A 19 -1.59 1.12 3.03
CA GLU A 19 -2.57 1.71 3.93
C GLU A 19 -3.95 1.59 3.31
N GLU A 20 -3.94 1.44 2.01
CA GLU A 20 -5.15 1.20 1.24
C GLU A 20 -5.56 -0.25 1.37
N LEU A 21 -4.59 -1.13 1.45
CA LEU A 21 -4.84 -2.52 1.77
C LEU A 21 -4.94 -2.67 3.26
N ALA A 22 -4.90 -1.55 3.93
CA ALA A 22 -5.37 -1.47 5.28
C ALA A 22 -6.83 -1.05 5.21
N ALA A 23 -7.11 -0.09 4.33
CA ALA A 23 -8.46 0.45 4.15
C ALA A 23 -9.42 -0.60 3.62
N LYS A 24 -9.06 -1.25 2.53
CA LYS A 24 -9.90 -2.29 1.94
C LYS A 24 -10.10 -3.39 2.96
N TYR A 25 -8.98 -3.74 3.54
CA TYR A 25 -8.90 -4.86 4.43
C TYR A 25 -9.55 -4.62 5.77
N ARG A 26 -9.74 -3.36 6.14
CA ARG A 26 -10.59 -3.05 7.29
C ARG A 26 -11.94 -3.70 7.12
N ALA A 27 -12.42 -3.68 5.90
CA ALA A 27 -13.68 -4.31 5.55
C ALA A 27 -13.52 -5.82 5.39
N THR A 28 -12.36 -6.24 4.92
CA THR A 28 -12.06 -7.64 4.69
C THR A 28 -11.66 -8.35 5.99
N GLY A 29 -11.57 -7.58 7.05
CA GLY A 29 -11.18 -8.11 8.34
C GLY A 29 -9.71 -8.48 8.38
N THR A 30 -8.88 -7.57 7.84
CA THR A 30 -7.44 -7.74 7.59
C THR A 30 -6.95 -9.16 7.87
N ALA A 31 -7.34 -10.07 6.99
CA ALA A 31 -7.00 -11.48 7.17
C ALA A 31 -5.92 -11.96 6.20
N PRO A 32 -6.12 -11.91 4.86
CA PRO A 32 -5.16 -12.52 3.93
C PRO A 32 -3.80 -11.81 3.92
N LYS A 33 -3.81 -10.49 3.69
CA LYS A 33 -2.63 -9.62 3.80
C LYS A 33 -1.34 -10.30 3.35
N LYS A 34 -1.24 -10.57 2.06
CA LYS A 34 -0.06 -11.23 1.50
C LYS A 34 -0.09 -11.25 -0.03
N ILE A 35 -0.33 -10.09 -0.63
CA ILE A 35 -0.48 -9.96 -2.08
C ILE A 35 -1.74 -10.68 -2.58
N LEU A 36 -1.75 -12.01 -2.43
CA LEU A 36 -2.90 -12.87 -2.75
C LEU A 36 -3.55 -12.53 -4.09
N GLY A 37 -4.79 -12.95 -4.28
CA GLY A 37 -5.50 -12.70 -5.50
C GLY A 37 -5.87 -11.24 -5.69
N ILE A 38 -5.91 -10.49 -4.60
CA ILE A 38 -6.31 -9.09 -4.66
C ILE A 38 -5.49 -8.25 -3.69
N PHE A 39 -4.84 -7.23 -4.21
CA PHE A 39 -4.03 -6.35 -3.38
C PHE A 39 -4.06 -4.94 -3.96
N GLU A 1 18.15 13.92 -7.33
CA GLU A 1 17.48 14.11 -6.02
C GLU A 1 15.97 14.16 -6.18
N GLU A 2 15.51 14.79 -7.26
CA GLU A 2 14.08 14.80 -7.55
C GLU A 2 13.58 13.39 -7.75
N LYS A 3 14.33 12.60 -8.51
CA LYS A 3 14.02 11.19 -8.69
C LYS A 3 14.05 10.49 -7.34
N ARG A 4 15.06 10.80 -6.53
CA ARG A 4 15.20 10.26 -5.20
C ARG A 4 13.90 10.40 -4.40
N ALA A 5 13.37 11.61 -4.40
CA ALA A 5 12.12 11.91 -3.72
C ALA A 5 10.94 11.27 -4.45
N MET A 6 11.02 11.26 -5.77
CA MET A 6 9.99 10.66 -6.61
C MET A 6 9.87 9.17 -6.34
N ILE A 7 10.99 8.56 -5.99
CA ILE A 7 11.01 7.15 -5.66
C ILE A 7 10.18 6.90 -4.40
N GLU A 8 10.18 7.87 -3.50
CA GLU A 8 9.35 7.78 -2.31
C GLU A 8 7.97 8.35 -2.54
N ALA A 9 7.73 8.83 -3.74
CA ALA A 9 6.39 9.13 -4.17
C ALA A 9 5.78 7.88 -4.75
N LYS A 10 6.64 6.93 -5.03
CA LYS A 10 6.24 5.62 -5.51
C LYS A 10 6.14 4.68 -4.34
N ARG A 11 7.14 4.70 -3.48
CA ARG A 11 7.06 4.03 -2.20
C ARG A 11 5.90 4.63 -1.43
N GLY A 12 5.80 5.94 -1.51
CA GLY A 12 4.71 6.65 -0.90
C GLY A 12 3.39 6.24 -1.49
N GLU A 13 3.39 6.00 -2.80
CA GLU A 13 2.20 5.56 -3.50
C GLU A 13 1.87 4.13 -3.12
N ASP A 14 2.90 3.32 -2.93
CA ASP A 14 2.70 1.93 -2.57
C ASP A 14 2.35 1.78 -1.11
N LEU A 15 2.75 2.76 -0.32
CA LEU A 15 2.34 2.84 1.07
C LEU A 15 0.92 3.39 1.14
N LEU A 16 0.62 4.25 0.19
CA LEU A 16 -0.73 4.74 -0.02
C LEU A 16 -1.62 3.60 -0.48
N LYS A 17 -0.99 2.66 -1.15
CA LYS A 17 -1.62 1.44 -1.57
C LYS A 17 -1.76 0.52 -0.38
N ALA A 18 -0.73 0.54 0.44
CA ALA A 18 -0.69 -0.30 1.62
C ALA A 18 -1.64 0.22 2.67
N GLU A 19 -1.92 1.51 2.62
CA GLU A 19 -2.91 2.12 3.49
C GLU A 19 -4.29 1.80 2.94
N GLU A 20 -4.31 1.54 1.66
CA GLU A 20 -5.50 1.17 0.94
C GLU A 20 -5.81 -0.30 1.17
N LEU A 21 -4.76 -1.11 1.22
CA LEU A 21 -4.92 -2.49 1.64
C LEU A 21 -4.85 -2.56 3.14
N ALA A 22 -4.83 -1.40 3.75
CA ALA A 22 -5.14 -1.28 5.14
C ALA A 22 -6.63 -1.01 5.26
N ALA A 23 -7.11 -0.12 4.39
CA ALA A 23 -8.51 0.27 4.35
C ALA A 23 -9.39 -0.90 3.96
N LYS A 24 -8.98 -1.64 2.93
CA LYS A 24 -9.68 -2.83 2.51
C LYS A 24 -9.63 -3.87 3.60
N TYR A 25 -8.44 -4.07 4.10
CA TYR A 25 -8.17 -5.08 5.09
C TYR A 25 -8.93 -4.87 6.39
N ARG A 26 -9.13 -3.62 6.78
CA ARG A 26 -9.98 -3.31 7.90
C ARG A 26 -11.35 -3.93 7.71
N ALA A 27 -11.83 -3.88 6.48
CA ALA A 27 -13.11 -4.45 6.13
C ALA A 27 -13.01 -5.96 5.97
N THR A 28 -11.86 -6.42 5.45
CA THR A 28 -11.61 -7.84 5.25
C THR A 28 -11.49 -8.57 6.59
N GLY A 29 -11.20 -7.81 7.62
CA GLY A 29 -11.01 -8.37 8.94
C GLY A 29 -9.59 -8.84 9.14
N THR A 30 -8.65 -8.00 8.67
CA THR A 30 -7.20 -8.29 8.60
C THR A 30 -6.82 -9.71 8.99
N ALA A 31 -7.21 -10.66 8.15
CA ALA A 31 -6.94 -12.07 8.41
C ALA A 31 -5.90 -12.66 7.43
N PRO A 32 -6.12 -12.60 6.09
CA PRO A 32 -5.18 -13.21 5.14
C PRO A 32 -3.77 -12.63 5.24
N LYS A 33 -3.67 -11.30 5.21
CA LYS A 33 -2.41 -10.59 5.34
C LYS A 33 -1.38 -11.14 4.39
N LYS A 34 -1.63 -10.93 3.12
CA LYS A 34 -0.76 -11.43 2.07
C LYS A 34 -1.09 -10.75 0.76
N ILE A 35 -0.31 -11.03 -0.27
CA ILE A 35 -0.62 -10.57 -1.61
C ILE A 35 -1.82 -11.32 -2.15
N LEU A 36 -2.94 -10.62 -2.21
CA LEU A 36 -4.20 -11.20 -2.62
C LEU A 36 -4.33 -11.23 -4.13
N GLY A 37 -5.47 -11.71 -4.61
CA GLY A 37 -5.76 -11.63 -6.03
C GLY A 37 -5.85 -10.18 -6.48
N ILE A 38 -6.43 -9.36 -5.63
CA ILE A 38 -6.45 -7.93 -5.85
C ILE A 38 -5.50 -7.27 -4.85
N PHE A 39 -4.28 -7.05 -5.30
CA PHE A 39 -3.22 -6.52 -4.45
C PHE A 39 -2.00 -6.23 -5.30
N GLU A 1 18.98 13.06 -3.80
CA GLU A 1 17.78 12.98 -2.92
C GLU A 1 16.53 13.30 -3.72
N GLU A 2 16.68 14.07 -4.78
CA GLU A 2 15.56 14.37 -5.65
C GLU A 2 14.95 13.09 -6.20
N LYS A 3 15.79 12.24 -6.77
CA LYS A 3 15.34 10.95 -7.27
C LYS A 3 14.77 10.11 -6.14
N ARG A 4 15.38 10.22 -4.97
CA ARG A 4 14.87 9.57 -3.78
C ARG A 4 13.40 9.94 -3.56
N ALA A 5 13.14 11.23 -3.59
CA ALA A 5 11.80 11.75 -3.40
C ALA A 5 10.87 11.35 -4.54
N MET A 6 11.46 11.11 -5.71
CA MET A 6 10.70 10.66 -6.87
C MET A 6 10.33 9.19 -6.70
N ILE A 7 11.25 8.45 -6.14
CA ILE A 7 11.06 7.05 -5.87
C ILE A 7 10.12 6.87 -4.69
N GLU A 8 10.24 7.77 -3.72
CA GLU A 8 9.41 7.71 -2.55
C GLU A 8 8.07 8.36 -2.82
N ALA A 9 7.91 8.90 -4.02
CA ALA A 9 6.60 9.30 -4.51
C ALA A 9 5.88 8.07 -5.00
N LYS A 10 6.66 7.05 -5.30
CA LYS A 10 6.14 5.77 -5.72
C LYS A 10 5.95 4.90 -4.51
N ARG A 11 6.95 4.87 -3.64
CA ARG A 11 6.79 4.24 -2.34
C ARG A 11 5.65 4.87 -1.60
N GLY A 12 5.57 6.18 -1.70
CA GLY A 12 4.47 6.91 -1.13
C GLY A 12 3.15 6.46 -1.69
N GLU A 13 3.17 6.18 -2.99
CA GLU A 13 1.99 5.69 -3.69
C GLU A 13 1.68 4.26 -3.27
N ASP A 14 2.73 3.46 -3.13
CA ASP A 14 2.60 2.06 -2.75
C ASP A 14 2.20 1.93 -1.30
N LEU A 15 2.69 2.83 -0.48
CA LEU A 15 2.33 2.89 0.92
C LEU A 15 0.89 3.35 1.05
N LEU A 16 0.53 4.28 0.20
CA LEU A 16 -0.83 4.78 0.08
C LEU A 16 -1.75 3.65 -0.38
N LYS A 17 -1.16 2.75 -1.14
CA LYS A 17 -1.84 1.58 -1.63
C LYS A 17 -1.93 0.55 -0.53
N ALA A 18 -0.85 0.44 0.20
CA ALA A 18 -0.77 -0.53 1.28
C ALA A 18 -1.60 -0.09 2.47
N GLU A 19 -1.83 1.21 2.54
CA GLU A 19 -2.72 1.75 3.55
C GLU A 19 -4.15 1.63 3.06
N GLU A 20 -4.26 1.51 1.75
CA GLU A 20 -5.51 1.20 1.11
C GLU A 20 -5.84 -0.27 1.31
N LEU A 21 -4.80 -1.10 1.31
CA LEU A 21 -4.96 -2.48 1.73
C LEU A 21 -4.83 -2.58 3.22
N ALA A 22 -4.80 -1.44 3.86
CA ALA A 22 -5.08 -1.37 5.27
C ALA A 22 -6.56 -1.10 5.42
N ALA A 23 -7.07 -0.26 4.51
CA ALA A 23 -8.48 0.09 4.46
C ALA A 23 -9.34 -1.13 4.10
N LYS A 24 -8.95 -1.85 3.05
CA LYS A 24 -9.63 -3.07 2.67
C LYS A 24 -9.59 -4.06 3.80
N TYR A 25 -8.41 -4.20 4.34
CA TYR A 25 -8.14 -5.10 5.43
C TYR A 25 -9.04 -4.83 6.63
N ARG A 26 -9.29 -3.57 6.91
CA ARG A 26 -10.24 -3.19 7.95
C ARG A 26 -11.57 -3.90 7.76
N ALA A 27 -11.94 -4.06 6.50
CA ALA A 27 -13.17 -4.75 6.13
C ALA A 27 -12.96 -6.25 6.10
N THR A 28 -11.78 -6.68 5.65
CA THR A 28 -11.45 -8.09 5.54
C THR A 28 -11.31 -8.75 6.91
N GLY A 29 -10.88 -7.96 7.88
CA GLY A 29 -10.63 -8.49 9.20
C GLY A 29 -9.14 -8.65 9.45
N THR A 30 -8.39 -7.61 9.04
CA THR A 30 -6.91 -7.55 9.06
C THR A 30 -6.23 -8.87 9.45
N ALA A 31 -6.31 -9.83 8.55
CA ALA A 31 -5.75 -11.15 8.81
C ALA A 31 -4.51 -11.47 7.95
N PRO A 32 -4.61 -11.46 6.59
CA PRO A 32 -3.52 -11.93 5.73
C PRO A 32 -2.18 -11.24 5.98
N LYS A 33 -2.20 -9.89 5.99
CA LYS A 33 -0.99 -9.09 6.22
C LYS A 33 0.13 -9.54 5.30
N LYS A 34 -0.16 -9.53 4.02
CA LYS A 34 0.79 -9.96 3.01
C LYS A 34 0.30 -9.54 1.64
N ILE A 35 1.10 -9.81 0.62
CA ILE A 35 0.66 -9.67 -0.74
C ILE A 35 -0.17 -10.89 -1.13
N LEU A 36 -1.37 -10.65 -1.56
CA LEU A 36 -2.31 -11.72 -1.86
C LEU A 36 -2.86 -11.58 -3.27
N GLY A 37 -3.83 -12.43 -3.61
CA GLY A 37 -4.41 -12.42 -4.95
C GLY A 37 -4.92 -11.07 -5.36
N ILE A 38 -5.60 -10.40 -4.43
CA ILE A 38 -6.07 -9.06 -4.66
C ILE A 38 -5.32 -8.11 -3.73
N PHE A 39 -4.45 -7.30 -4.32
CA PHE A 39 -3.63 -6.39 -3.55
C PHE A 39 -3.18 -5.25 -4.44
N GLU A 1 18.33 13.71 -5.30
CA GLU A 1 17.32 13.70 -4.21
C GLU A 1 15.93 13.89 -4.81
N GLU A 2 15.80 14.71 -5.85
CA GLU A 2 14.52 14.87 -6.53
C GLU A 2 14.06 13.54 -7.07
N LYS A 3 15.00 12.78 -7.63
CA LYS A 3 14.72 11.42 -8.04
C LYS A 3 14.28 10.59 -6.86
N ARG A 4 15.03 10.67 -5.76
CA ARG A 4 14.70 9.96 -4.54
C ARG A 4 13.26 10.23 -4.11
N ALA A 5 12.95 11.50 -3.93
CA ALA A 5 11.63 11.94 -3.52
C ALA A 5 10.57 11.51 -4.53
N MET A 6 10.94 11.49 -5.80
CA MET A 6 10.06 11.07 -6.87
C MET A 6 9.80 9.57 -6.80
N ILE A 7 10.81 8.83 -6.40
CA ILE A 7 10.69 7.39 -6.24
C ILE A 7 9.93 7.08 -4.96
N GLU A 8 10.14 7.91 -3.94
CA GLU A 8 9.42 7.75 -2.69
C GLU A 8 8.03 8.33 -2.76
N ALA A 9 7.69 8.88 -3.91
CA ALA A 9 6.32 9.23 -4.20
C ALA A 9 5.60 8.00 -4.71
N LYS A 10 6.40 7.02 -5.13
CA LYS A 10 5.89 5.75 -5.59
C LYS A 10 5.99 4.72 -4.49
N ARG A 11 7.08 4.75 -3.75
CA ARG A 11 7.16 4.01 -2.50
C ARG A 11 6.06 4.52 -1.59
N GLY A 12 5.93 5.84 -1.58
CA GLY A 12 4.87 6.47 -0.85
C GLY A 12 3.52 6.03 -1.35
N GLU A 13 3.44 5.87 -2.66
CA GLU A 13 2.21 5.40 -3.30
C GLU A 13 1.93 3.96 -2.92
N ASP A 14 2.99 3.17 -2.78
CA ASP A 14 2.88 1.77 -2.41
C ASP A 14 2.54 1.62 -0.93
N LEU A 15 3.06 2.50 -0.13
CA LEU A 15 2.73 2.55 1.29
C LEU A 15 1.30 3.03 1.44
N LEU A 16 0.95 3.96 0.58
CA LEU A 16 -0.40 4.46 0.44
C LEU A 16 -1.32 3.36 -0.07
N LYS A 17 -0.75 2.49 -0.86
CA LYS A 17 -1.44 1.35 -1.38
C LYS A 17 -1.65 0.37 -0.27
N ALA A 18 -0.61 0.18 0.51
CA ALA A 18 -0.64 -0.74 1.61
C ALA A 18 -1.60 -0.25 2.68
N GLU A 19 -1.74 1.07 2.78
CA GLU A 19 -2.69 1.65 3.71
C GLU A 19 -4.08 1.58 3.10
N GLU A 20 -4.09 1.50 1.79
CA GLU A 20 -5.30 1.32 1.04
C GLU A 20 -5.79 -0.12 1.15
N LEU A 21 -4.85 -1.05 1.18
CA LEU A 21 -5.19 -2.42 1.50
C LEU A 21 -5.57 -2.49 2.95
N ALA A 22 -5.01 -1.61 3.75
CA ALA A 22 -5.38 -1.51 5.13
C ALA A 22 -6.81 -1.00 5.20
N ALA A 23 -7.14 -0.08 4.30
CA ALA A 23 -8.49 0.45 4.19
C ALA A 23 -9.45 -0.64 3.71
N LYS A 24 -8.96 -1.48 2.81
CA LYS A 24 -9.70 -2.63 2.33
C LYS A 24 -9.92 -3.61 3.47
N TYR A 25 -8.83 -3.99 4.07
CA TYR A 25 -8.81 -5.03 5.06
C TYR A 25 -9.50 -4.63 6.36
N ARG A 26 -9.66 -3.34 6.58
CA ARG A 26 -10.56 -2.88 7.62
C ARG A 26 -11.91 -3.56 7.47
N ALA A 27 -12.34 -3.67 6.23
CA ALA A 27 -13.63 -4.25 5.89
C ALA A 27 -13.51 -5.75 5.59
N THR A 28 -12.51 -6.11 4.80
CA THR A 28 -12.32 -7.48 4.35
C THR A 28 -11.87 -8.41 5.49
N GLY A 29 -11.25 -7.82 6.49
CA GLY A 29 -10.64 -8.58 7.55
C GLY A 29 -9.16 -8.31 7.58
N THR A 30 -8.69 -7.70 8.67
CA THR A 30 -7.35 -7.17 8.74
C THR A 30 -6.26 -8.23 8.61
N ALA A 31 -5.96 -8.53 7.35
CA ALA A 31 -4.82 -9.36 7.00
C ALA A 31 -3.53 -8.58 7.27
N PRO A 32 -2.39 -9.27 7.47
CA PRO A 32 -1.11 -8.62 7.85
C PRO A 32 -0.53 -7.71 6.76
N LYS A 33 -1.25 -7.54 5.66
CA LYS A 33 -0.83 -6.71 4.53
C LYS A 33 0.43 -7.28 3.89
N LYS A 34 0.70 -8.54 4.19
CA LYS A 34 1.83 -9.24 3.61
C LYS A 34 1.59 -9.44 2.13
N ILE A 35 2.64 -9.75 1.39
CA ILE A 35 2.50 -10.06 -0.02
C ILE A 35 1.60 -11.29 -0.20
N LEU A 36 0.40 -11.04 -0.67
CA LEU A 36 -0.59 -12.07 -0.87
C LEU A 36 -1.34 -11.79 -2.16
N GLY A 37 -2.24 -12.70 -2.53
CA GLY A 37 -2.95 -12.60 -3.78
C GLY A 37 -3.94 -11.45 -3.83
N ILE A 38 -3.42 -10.25 -4.06
CA ILE A 38 -4.23 -9.06 -4.20
C ILE A 38 -3.38 -7.90 -4.70
N PHE A 39 -2.16 -7.79 -4.18
CA PHE A 39 -1.17 -6.84 -4.70
C PHE A 39 -0.92 -7.11 -6.18
N GLU A 1 18.16 13.82 -3.65
CA GLU A 1 16.98 13.99 -2.75
C GLU A 1 15.72 14.28 -3.56
N GLU A 2 15.87 15.04 -4.64
CA GLU A 2 14.73 15.29 -5.53
C GLU A 2 14.24 13.98 -6.11
N LYS A 3 15.17 13.12 -6.49
CA LYS A 3 14.84 11.79 -6.95
C LYS A 3 14.23 10.99 -5.82
N ARG A 4 14.75 11.14 -4.61
CA ARG A 4 14.18 10.52 -3.43
C ARG A 4 12.69 10.74 -3.36
N ALA A 5 12.30 12.00 -3.48
CA ALA A 5 10.91 12.40 -3.45
C ALA A 5 10.12 11.73 -4.59
N MET A 6 10.78 11.51 -5.71
CA MET A 6 10.17 10.87 -6.86
C MET A 6 10.06 9.37 -6.63
N ILE A 7 11.03 8.83 -5.95
CA ILE A 7 11.05 7.43 -5.60
C ILE A 7 10.01 7.18 -4.51
N GLU A 8 9.84 8.15 -3.64
CA GLU A 8 8.85 8.07 -2.59
C GLU A 8 7.47 8.48 -3.09
N ALA A 9 7.40 8.81 -4.35
CA ALA A 9 6.13 8.94 -5.02
C ALA A 9 5.66 7.57 -5.46
N LYS A 10 6.61 6.65 -5.48
CA LYS A 10 6.35 5.26 -5.81
C LYS A 10 6.27 4.44 -4.55
N ARG A 11 7.29 4.56 -3.71
CA ARG A 11 7.25 3.95 -2.39
C ARG A 11 6.08 4.51 -1.64
N GLY A 12 5.88 5.80 -1.80
CA GLY A 12 4.77 6.47 -1.19
C GLY A 12 3.46 5.96 -1.74
N GLU A 13 3.46 5.68 -3.04
CA GLU A 13 2.28 5.16 -3.70
C GLU A 13 1.99 3.74 -3.22
N ASP A 14 3.04 2.95 -3.06
CA ASP A 14 2.92 1.58 -2.61
C ASP A 14 2.53 1.51 -1.15
N LEU A 15 3.11 2.39 -0.36
CA LEU A 15 2.78 2.50 1.05
C LEU A 15 1.36 2.99 1.21
N LEU A 16 0.99 3.90 0.32
CA LEU A 16 -0.36 4.42 0.25
C LEU A 16 -1.33 3.33 -0.18
N LYS A 17 -0.84 2.50 -1.07
CA LYS A 17 -1.58 1.35 -1.57
C LYS A 17 -1.77 0.37 -0.46
N ALA A 18 -0.71 0.16 0.29
CA ALA A 18 -0.71 -0.78 1.38
C ALA A 18 -1.55 -0.26 2.52
N GLU A 19 -1.60 1.06 2.66
CA GLU A 19 -2.43 1.67 3.68
C GLU A 19 -3.87 1.66 3.23
N GLU A 20 -4.04 1.69 1.92
CA GLU A 20 -5.33 1.61 1.30
C GLU A 20 -5.88 0.21 1.40
N LEU A 21 -5.01 -0.76 1.23
CA LEU A 21 -5.37 -2.12 1.44
C LEU A 21 -5.56 -2.38 2.90
N ALA A 22 -4.87 -1.59 3.70
CA ALA A 22 -5.06 -1.63 5.12
C ALA A 22 -6.45 -1.09 5.43
N ALA A 23 -6.82 -0.05 4.70
CA ALA A 23 -8.15 0.55 4.83
C ALA A 23 -9.21 -0.42 4.33
N LYS A 24 -8.88 -1.12 3.24
CA LYS A 24 -9.74 -2.14 2.69
C LYS A 24 -9.92 -3.26 3.68
N TYR A 25 -8.80 -3.78 4.13
CA TYR A 25 -8.78 -4.93 4.97
C TYR A 25 -9.34 -4.67 6.35
N ARG A 26 -9.29 -3.43 6.81
CA ARG A 26 -10.04 -3.04 8.00
C ARG A 26 -11.51 -3.39 7.85
N ALA A 27 -11.97 -3.32 6.61
CA ALA A 27 -13.35 -3.63 6.29
C ALA A 27 -13.52 -5.10 5.88
N THR A 28 -12.70 -5.54 4.93
CA THR A 28 -12.83 -6.88 4.36
C THR A 28 -12.37 -7.97 5.34
N GLY A 29 -11.49 -7.60 6.25
CA GLY A 29 -10.96 -8.55 7.18
C GLY A 29 -9.45 -8.63 7.06
N THR A 30 -8.76 -8.09 8.06
CA THR A 30 -7.30 -8.05 8.07
C THR A 30 -6.71 -9.43 8.37
N ALA A 31 -7.08 -10.40 7.56
CA ALA A 31 -6.62 -11.77 7.74
C ALA A 31 -5.29 -12.02 7.03
N PRO A 32 -5.17 -11.79 5.70
CA PRO A 32 -3.90 -12.04 5.00
C PRO A 32 -2.82 -11.03 5.39
N LYS A 33 -3.15 -9.74 5.27
CA LYS A 33 -2.24 -8.63 5.59
C LYS A 33 -0.81 -8.95 5.22
N LYS A 34 -0.57 -8.97 3.93
CA LYS A 34 0.70 -9.35 3.36
C LYS A 34 0.66 -9.12 1.87
N ILE A 35 1.77 -9.32 1.18
CA ILE A 35 1.74 -9.38 -0.26
C ILE A 35 0.95 -10.60 -0.69
N LEU A 36 -0.21 -10.35 -1.29
CA LEU A 36 -1.10 -11.42 -1.68
C LEU A 36 -1.67 -11.11 -3.06
N GLY A 37 -2.64 -11.90 -3.50
CA GLY A 37 -3.23 -11.72 -4.82
C GLY A 37 -4.17 -10.53 -4.90
N ILE A 38 -3.99 -9.58 -4.01
CA ILE A 38 -4.76 -8.33 -4.02
C ILE A 38 -3.77 -7.17 -3.94
N PHE A 39 -2.78 -7.22 -4.81
CA PHE A 39 -1.68 -6.26 -4.81
C PHE A 39 -1.27 -5.95 -6.24
N GLU A 1 18.41 13.88 -4.50
CA GLU A 1 17.42 13.78 -3.40
C GLU A 1 16.01 13.96 -3.94
N GLU A 2 15.82 14.84 -4.92
CA GLU A 2 14.53 15.01 -5.56
C GLU A 2 14.09 13.69 -6.17
N LYS A 3 15.03 13.02 -6.82
CA LYS A 3 14.78 11.70 -7.39
C LYS A 3 14.48 10.72 -6.27
N ARG A 4 15.26 10.77 -5.20
CA ARG A 4 15.01 9.96 -4.02
C ARG A 4 13.55 10.09 -3.58
N ALA A 5 13.15 11.33 -3.35
CA ALA A 5 11.80 11.65 -2.93
C ALA A 5 10.78 11.30 -4.01
N MET A 6 11.20 11.37 -5.25
CA MET A 6 10.37 11.00 -6.39
C MET A 6 10.15 9.50 -6.42
N ILE A 7 11.15 8.78 -5.94
CA ILE A 7 11.04 7.35 -5.78
C ILE A 7 10.08 7.06 -4.64
N GLU A 8 10.10 7.94 -3.66
CA GLU A 8 9.21 7.82 -2.51
C GLU A 8 7.84 8.37 -2.82
N ALA A 9 7.67 8.85 -4.04
CA ALA A 9 6.35 9.16 -4.54
C ALA A 9 5.72 7.88 -5.05
N LYS A 10 6.58 6.91 -5.34
CA LYS A 10 6.16 5.60 -5.79
C LYS A 10 6.06 4.68 -4.60
N ARG A 11 7.08 4.70 -3.75
CA ARG A 11 7.00 4.02 -2.47
C ARG A 11 5.86 4.63 -1.69
N GLY A 12 5.74 5.94 -1.80
CA GLY A 12 4.65 6.65 -1.19
C GLY A 12 3.33 6.21 -1.76
N GLU A 13 3.32 5.99 -3.06
CA GLU A 13 2.14 5.49 -3.76
C GLU A 13 1.81 4.08 -3.30
N ASP A 14 2.85 3.28 -3.12
CA ASP A 14 2.69 1.89 -2.72
C ASP A 14 2.32 1.77 -1.27
N LEU A 15 2.86 2.66 -0.46
CA LEU A 15 2.49 2.75 0.94
C LEU A 15 1.06 3.24 1.04
N LEU A 16 0.72 4.14 0.15
CA LEU A 16 -0.63 4.66 0.02
C LEU A 16 -1.57 3.55 -0.43
N LYS A 17 -1.03 2.64 -1.21
CA LYS A 17 -1.73 1.47 -1.68
C LYS A 17 -1.87 0.50 -0.55
N ALA A 18 -0.79 0.30 0.16
CA ALA A 18 -0.74 -0.64 1.25
C ALA A 18 -1.60 -0.16 2.40
N GLU A 19 -1.77 1.15 2.48
CA GLU A 19 -2.64 1.74 3.47
C GLU A 19 -4.08 1.65 2.99
N GLU A 20 -4.21 1.53 1.69
CA GLU A 20 -5.48 1.33 1.04
C GLU A 20 -5.92 -0.11 1.20
N LEU A 21 -4.96 -1.03 1.14
CA LEU A 21 -5.24 -2.39 1.51
C LEU A 21 -5.43 -2.47 3.00
N ALA A 22 -4.81 -1.55 3.71
CA ALA A 22 -5.04 -1.43 5.13
C ALA A 22 -6.48 -1.02 5.35
N ALA A 23 -6.96 -0.16 4.45
CA ALA A 23 -8.35 0.25 4.44
C ALA A 23 -9.26 -0.94 4.12
N LYS A 24 -8.87 -1.72 3.12
CA LYS A 24 -9.55 -2.95 2.80
C LYS A 24 -9.60 -3.86 4.01
N TYR A 25 -8.42 -4.14 4.50
CA TYR A 25 -8.22 -5.02 5.63
C TYR A 25 -9.05 -4.63 6.84
N ARG A 26 -9.19 -3.34 7.09
CA ARG A 26 -10.09 -2.85 8.12
C ARG A 26 -11.47 -3.45 7.95
N ALA A 27 -11.90 -3.51 6.70
CA ALA A 27 -13.20 -4.05 6.36
C ALA A 27 -13.16 -5.57 6.29
N THR A 28 -11.99 -6.13 5.98
CA THR A 28 -11.81 -7.57 5.90
C THR A 28 -11.72 -8.19 7.29
N GLY A 29 -11.50 -7.34 8.28
CA GLY A 29 -11.33 -7.79 9.65
C GLY A 29 -9.91 -8.24 9.91
N THR A 30 -8.96 -7.40 9.47
CA THR A 30 -7.51 -7.65 9.50
C THR A 30 -7.11 -9.05 9.96
N ALA A 31 -7.44 -10.04 9.15
CA ALA A 31 -7.11 -11.42 9.45
C ALA A 31 -5.91 -11.94 8.63
N PRO A 32 -5.94 -11.84 7.27
CA PRO A 32 -4.86 -12.39 6.42
C PRO A 32 -3.49 -11.79 6.76
N LYS A 33 -3.43 -10.46 6.82
CA LYS A 33 -2.21 -9.71 7.14
C LYS A 33 -0.99 -10.25 6.41
N LYS A 34 -0.94 -9.98 5.12
CA LYS A 34 0.14 -10.43 4.28
C LYS A 34 0.02 -9.79 2.91
N ILE A 35 0.97 -10.07 2.05
CA ILE A 35 0.82 -9.77 0.64
C ILE A 35 -0.32 -10.61 0.08
N LEU A 36 -1.45 -9.96 -0.09
CA LEU A 36 -2.67 -10.63 -0.50
C LEU A 36 -2.64 -10.96 -1.98
N GLY A 37 -3.60 -11.77 -2.42
CA GLY A 37 -3.78 -11.98 -3.85
C GLY A 37 -4.04 -10.67 -4.55
N ILE A 38 -4.75 -9.78 -3.86
CA ILE A 38 -4.99 -8.43 -4.34
C ILE A 38 -4.05 -7.48 -3.62
N PHE A 39 -2.83 -7.46 -4.07
CA PHE A 39 -1.78 -6.70 -3.41
C PHE A 39 -0.58 -6.58 -4.35
N GLU A 1 18.18 13.90 -3.46
CA GLU A 1 16.87 13.84 -2.78
C GLU A 1 15.72 13.91 -3.78
N GLU A 2 15.93 14.61 -4.90
CA GLU A 2 14.92 14.67 -5.95
C GLU A 2 14.54 13.26 -6.39
N LYS A 3 15.56 12.44 -6.59
CA LYS A 3 15.35 11.04 -6.93
C LYS A 3 14.66 10.32 -5.79
N ARG A 4 15.12 10.57 -4.56
CA ARG A 4 14.51 9.97 -3.39
C ARG A 4 13.00 10.25 -3.35
N ALA A 5 12.68 11.52 -3.47
CA ALA A 5 11.30 11.97 -3.47
C ALA A 5 10.53 11.37 -4.65
N MET A 6 11.24 11.17 -5.75
CA MET A 6 10.65 10.55 -6.93
C MET A 6 10.36 9.08 -6.66
N ILE A 7 11.26 8.46 -5.92
CA ILE A 7 11.10 7.08 -5.52
C ILE A 7 10.02 6.95 -4.46
N GLU A 8 9.91 7.96 -3.62
CA GLU A 8 8.89 7.99 -2.59
C GLU A 8 7.56 8.49 -3.13
N ALA A 9 7.54 8.81 -4.40
CA ALA A 9 6.28 9.04 -5.08
C ALA A 9 5.73 7.70 -5.52
N LYS A 10 6.61 6.71 -5.49
CA LYS A 10 6.25 5.34 -5.78
C LYS A 10 6.09 4.55 -4.50
N ARG A 11 7.08 4.64 -3.62
CA ARG A 11 6.98 4.05 -2.30
C ARG A 11 5.84 4.70 -1.56
N GLY A 12 5.72 6.00 -1.72
CA GLY A 12 4.64 6.73 -1.11
C GLY A 12 3.31 6.28 -1.67
N GLU A 13 3.33 5.93 -2.94
CA GLU A 13 2.15 5.43 -3.62
C GLU A 13 1.85 4.01 -3.16
N ASP A 14 2.90 3.24 -2.96
CA ASP A 14 2.77 1.86 -2.53
C ASP A 14 2.32 1.78 -1.10
N LEU A 15 2.80 2.70 -0.30
CA LEU A 15 2.39 2.82 1.09
C LEU A 15 0.96 3.34 1.14
N LEU A 16 0.65 4.20 0.19
CA LEU A 16 -0.69 4.74 0.03
C LEU A 16 -1.64 3.65 -0.44
N LYS A 17 -1.06 2.71 -1.15
CA LYS A 17 -1.76 1.53 -1.61
C LYS A 17 -1.90 0.57 -0.45
N ALA A 18 -0.83 0.44 0.30
CA ALA A 18 -0.78 -0.47 1.41
C ALA A 18 -1.63 0.02 2.56
N GLU A 19 -1.81 1.33 2.62
CA GLU A 19 -2.68 1.93 3.62
C GLU A 19 -4.12 1.81 3.14
N GLU A 20 -4.25 1.73 1.83
CA GLU A 20 -5.53 1.55 1.18
C GLU A 20 -5.97 0.12 1.34
N LEU A 21 -5.04 -0.80 1.17
CA LEU A 21 -5.29 -2.19 1.44
C LEU A 21 -5.07 -2.46 2.90
N ALA A 22 -4.86 -1.39 3.64
CA ALA A 22 -4.98 -1.44 5.07
C ALA A 22 -6.41 -1.09 5.40
N ALA A 23 -6.92 -0.09 4.69
CA ALA A 23 -8.29 0.34 4.84
C ALA A 23 -9.25 -0.78 4.46
N LYS A 24 -9.00 -1.40 3.31
CA LYS A 24 -9.80 -2.52 2.86
C LYS A 24 -9.67 -3.70 3.79
N TYR A 25 -8.43 -4.03 4.11
CA TYR A 25 -8.12 -5.16 4.96
C TYR A 25 -8.70 -5.04 6.36
N ARG A 26 -8.76 -3.82 6.87
CA ARG A 26 -9.45 -3.57 8.13
C ARG A 26 -10.87 -4.09 8.10
N ALA A 27 -11.45 -4.08 6.91
CA ALA A 27 -12.81 -4.55 6.70
C ALA A 27 -12.85 -5.99 6.19
N THR A 28 -12.04 -6.28 5.17
CA THR A 28 -12.01 -7.58 4.54
C THR A 28 -11.40 -8.65 5.44
N GLY A 29 -10.45 -8.23 6.24
CA GLY A 29 -9.76 -9.15 7.10
C GLY A 29 -8.27 -9.16 6.84
N THR A 30 -7.50 -8.77 7.84
CA THR A 30 -6.05 -8.77 7.73
C THR A 30 -5.49 -10.17 7.90
N ALA A 31 -6.00 -11.09 7.09
CA ALA A 31 -5.65 -12.50 7.21
C ALA A 31 -4.29 -12.82 6.57
N PRO A 32 -4.08 -12.58 5.26
CA PRO A 32 -2.81 -12.95 4.61
C PRO A 32 -1.65 -12.06 5.04
N LYS A 33 -1.84 -10.74 4.94
CA LYS A 33 -0.83 -9.76 5.33
C LYS A 33 0.57 -10.10 4.82
N LYS A 34 0.64 -10.42 3.56
CA LYS A 34 1.90 -10.55 2.86
C LYS A 34 2.45 -9.15 2.59
N ILE A 35 3.19 -8.63 3.56
CA ILE A 35 3.60 -7.23 3.58
C ILE A 35 2.38 -6.31 3.60
N LEU A 36 1.73 -6.18 2.46
CA LEU A 36 0.46 -5.52 2.35
C LEU A 36 -0.63 -6.50 2.71
N GLY A 37 -0.62 -7.62 2.01
CA GLY A 37 -1.67 -8.59 2.13
C GLY A 37 -1.59 -9.65 1.06
N ILE A 38 -1.66 -9.24 -0.19
CA ILE A 38 -1.64 -10.19 -1.29
C ILE A 38 -0.20 -10.48 -1.78
N PHE A 39 0.33 -9.63 -2.67
CA PHE A 39 1.68 -9.82 -3.25
C PHE A 39 2.00 -11.29 -3.51
N GLU A 1 17.72 14.71 -4.17
CA GLU A 1 16.43 14.35 -3.54
C GLU A 1 15.28 14.41 -4.54
N GLU A 2 15.54 14.94 -5.72
CA GLU A 2 14.53 14.96 -6.78
C GLU A 2 14.18 13.54 -7.16
N LYS A 3 15.21 12.73 -7.39
CA LYS A 3 15.03 11.32 -7.66
C LYS A 3 14.39 10.65 -6.46
N ARG A 4 14.87 10.98 -5.26
CA ARG A 4 14.30 10.45 -4.04
C ARG A 4 12.80 10.66 -4.00
N ALA A 5 12.38 11.90 -4.23
CA ALA A 5 10.98 12.26 -4.20
C ALA A 5 10.20 11.54 -5.29
N MET A 6 10.87 11.17 -6.37
CA MET A 6 10.25 10.41 -7.44
C MET A 6 10.10 8.97 -7.02
N ILE A 7 11.10 8.48 -6.31
CA ILE A 7 11.09 7.12 -5.83
C ILE A 7 10.09 7.00 -4.68
N GLU A 8 10.05 8.02 -3.84
CA GLU A 8 9.12 8.05 -2.73
C GLU A 8 7.74 8.48 -3.17
N ALA A 9 7.59 8.74 -4.45
CA ALA A 9 6.27 8.89 -5.02
C ALA A 9 5.69 7.51 -5.28
N LYS A 10 6.60 6.54 -5.37
CA LYS A 10 6.22 5.16 -5.56
C LYS A 10 6.22 4.42 -4.25
N ARG A 11 7.22 4.69 -3.42
CA ARG A 11 7.19 4.24 -2.05
C ARG A 11 6.01 4.85 -1.36
N GLY A 12 5.81 6.12 -1.67
CA GLY A 12 4.67 6.83 -1.16
C GLY A 12 3.38 6.23 -1.65
N GLU A 13 3.36 5.86 -2.92
CA GLU A 13 2.22 5.22 -3.52
C GLU A 13 2.00 3.84 -2.91
N ASP A 14 3.10 3.19 -2.57
CA ASP A 14 3.07 1.85 -2.00
C ASP A 14 2.63 1.88 -0.55
N LEU A 15 3.06 2.91 0.16
CA LEU A 15 2.62 3.15 1.52
C LEU A 15 1.15 3.51 1.50
N LEU A 16 0.80 4.30 0.51
CA LEU A 16 -0.58 4.66 0.24
C LEU A 16 -1.37 3.44 -0.16
N LYS A 17 -0.68 2.50 -0.78
CA LYS A 17 -1.26 1.24 -1.16
C LYS A 17 -1.44 0.39 0.08
N ALA A 18 -0.46 0.46 0.94
CA ALA A 18 -0.45 -0.32 2.16
C ALA A 18 -1.51 0.20 3.12
N GLU A 19 -1.75 1.50 3.07
CA GLU A 19 -2.79 2.11 3.87
C GLU A 19 -4.13 1.85 3.20
N GLU A 20 -4.06 1.65 1.90
CA GLU A 20 -5.19 1.26 1.11
C GLU A 20 -5.56 -0.18 1.42
N LEU A 21 -4.55 -1.00 1.62
CA LEU A 21 -4.78 -2.35 2.08
C LEU A 21 -5.32 -2.32 3.48
N ALA A 22 -4.99 -1.26 4.18
CA ALA A 22 -5.57 -1.04 5.50
C ALA A 22 -7.03 -0.65 5.32
N ALA A 23 -7.30 0.04 4.22
CA ALA A 23 -8.65 0.44 3.87
C ALA A 23 -9.44 -0.72 3.25
N LYS A 24 -8.74 -1.76 2.82
CA LYS A 24 -9.39 -2.98 2.34
C LYS A 24 -9.56 -3.94 3.49
N TYR A 25 -8.45 -4.21 4.14
CA TYR A 25 -8.33 -5.19 5.19
C TYR A 25 -9.16 -4.86 6.42
N ARG A 26 -9.55 -3.59 6.54
CA ARG A 26 -10.57 -3.21 7.50
C ARG A 26 -11.82 -4.07 7.28
N ALA A 27 -11.95 -4.53 6.04
CA ALA A 27 -12.89 -5.57 5.68
C ALA A 27 -12.07 -6.82 5.37
N THR A 28 -11.66 -7.49 6.43
CA THR A 28 -10.72 -8.61 6.38
C THR A 28 -11.14 -9.72 5.40
N GLY A 29 -12.37 -9.67 4.94
CA GLY A 29 -12.82 -10.59 3.91
C GLY A 29 -12.10 -10.38 2.58
N THR A 30 -11.35 -9.29 2.49
CA THR A 30 -10.60 -8.95 1.30
C THR A 30 -9.15 -9.41 1.40
N ALA A 31 -8.89 -10.31 2.32
CA ALA A 31 -7.53 -10.70 2.70
C ALA A 31 -6.72 -11.38 1.57
N PRO A 32 -7.29 -12.39 0.86
CA PRO A 32 -6.53 -13.13 -0.17
C PRO A 32 -5.84 -12.23 -1.18
N LYS A 33 -6.60 -11.30 -1.75
CA LYS A 33 -6.06 -10.30 -2.66
C LYS A 33 -5.38 -10.90 -3.87
N LYS A 34 -6.23 -11.38 -4.78
CA LYS A 34 -5.86 -11.77 -6.16
C LYS A 34 -4.52 -12.52 -6.32
N ILE A 35 -3.42 -11.78 -6.27
CA ILE A 35 -2.11 -12.29 -6.61
C ILE A 35 -1.66 -13.41 -5.68
N LEU A 36 -1.76 -13.14 -4.40
CA LEU A 36 -1.13 -13.98 -3.40
C LEU A 36 -2.12 -14.32 -2.28
N GLY A 37 -1.61 -14.59 -1.09
CA GLY A 37 -2.48 -14.80 0.05
C GLY A 37 -2.76 -13.53 0.82
N ILE A 38 -1.94 -12.51 0.57
CA ILE A 38 -2.08 -11.21 1.23
C ILE A 38 -1.92 -10.13 0.15
N PHE A 39 -1.37 -8.98 0.53
CA PHE A 39 -1.03 -7.94 -0.43
C PHE A 39 -0.29 -6.82 0.29
N GLU A 1 18.38 14.25 -4.62
CA GLU A 1 17.35 14.00 -3.57
C GLU A 1 15.96 14.09 -4.17
N GLU A 2 15.80 14.86 -5.25
CA GLU A 2 14.53 14.92 -5.94
C GLU A 2 14.12 13.55 -6.43
N LYS A 3 15.07 12.85 -7.03
CA LYS A 3 14.82 11.48 -7.47
C LYS A 3 14.48 10.60 -6.30
N ARG A 4 15.21 10.75 -5.21
CA ARG A 4 14.93 10.04 -3.97
C ARG A 4 13.47 10.23 -3.57
N ALA A 5 13.08 11.47 -3.44
CA ALA A 5 11.72 11.83 -3.06
C ALA A 5 10.71 11.39 -4.12
N MET A 6 11.17 11.30 -5.35
CA MET A 6 10.33 10.88 -6.46
C MET A 6 10.15 9.38 -6.45
N ILE A 7 11.18 8.67 -6.04
CA ILE A 7 11.10 7.24 -5.86
C ILE A 7 10.21 6.94 -4.67
N GLU A 8 10.33 7.77 -3.65
CA GLU A 8 9.54 7.62 -2.45
C GLU A 8 8.14 8.19 -2.65
N ALA A 9 7.91 8.77 -3.81
CA ALA A 9 6.57 9.16 -4.20
C ALA A 9 5.87 7.96 -4.80
N LYS A 10 6.67 6.97 -5.18
CA LYS A 10 6.16 5.73 -5.70
C LYS A 10 6.07 4.72 -4.59
N ARG A 11 7.07 4.72 -3.72
CA ARG A 11 6.96 4.01 -2.46
C ARG A 11 5.80 4.58 -1.69
N GLY A 12 5.73 5.90 -1.67
CA GLY A 12 4.64 6.59 -1.03
C GLY A 12 3.31 6.21 -1.62
N GLU A 13 3.30 6.07 -2.94
CA GLU A 13 2.11 5.67 -3.67
C GLU A 13 1.73 4.24 -3.32
N ASP A 14 2.75 3.41 -3.14
CA ASP A 14 2.55 2.00 -2.84
C ASP A 14 2.20 1.80 -1.38
N LEU A 15 2.75 2.64 -0.54
CA LEU A 15 2.41 2.66 0.88
C LEU A 15 0.99 3.17 1.04
N LEU A 16 0.63 4.09 0.16
CA LEU A 16 -0.72 4.61 0.06
C LEU A 16 -1.66 3.52 -0.42
N LYS A 17 -1.14 2.66 -1.28
CA LYS A 17 -1.86 1.51 -1.77
C LYS A 17 -1.98 0.49 -0.66
N ALA A 18 -0.89 0.31 0.03
CA ALA A 18 -0.82 -0.65 1.11
C ALA A 18 -1.69 -0.22 2.27
N GLU A 19 -1.84 1.08 2.41
CA GLU A 19 -2.71 1.63 3.43
C GLU A 19 -4.15 1.48 2.98
N GLU A 20 -4.30 1.42 1.67
CA GLU A 20 -5.57 1.23 1.03
C GLU A 20 -6.03 -0.21 1.15
N LEU A 21 -5.08 -1.15 1.05
CA LEU A 21 -5.38 -2.52 1.34
C LEU A 21 -5.53 -2.68 2.83
N ALA A 22 -4.99 -1.73 3.56
CA ALA A 22 -5.20 -1.68 4.98
C ALA A 22 -6.58 -1.14 5.25
N ALA A 23 -7.01 -0.20 4.41
CA ALA A 23 -8.34 0.35 4.49
C ALA A 23 -9.38 -0.69 4.08
N LYS A 24 -8.99 -1.55 3.17
CA LYS A 24 -9.82 -2.66 2.73
C LYS A 24 -9.86 -3.74 3.80
N TYR A 25 -8.70 -4.19 4.18
CA TYR A 25 -8.55 -5.32 5.05
C TYR A 25 -8.81 -5.01 6.52
N ARG A 26 -8.79 -3.74 6.89
CA ARG A 26 -9.19 -3.35 8.24
C ARG A 26 -10.62 -3.80 8.50
N ALA A 27 -11.38 -3.97 7.43
CA ALA A 27 -12.75 -4.44 7.51
C ALA A 27 -12.76 -5.93 7.82
N THR A 28 -11.75 -6.64 7.33
CA THR A 28 -11.56 -8.04 7.62
C THR A 28 -11.00 -8.20 9.03
N GLY A 29 -10.29 -7.18 9.47
CA GLY A 29 -9.64 -7.22 10.77
C GLY A 29 -8.16 -7.42 10.64
N THR A 30 -7.73 -7.71 9.43
CA THR A 30 -6.33 -7.96 9.13
C THR A 30 -5.70 -6.72 8.49
N ALA A 31 -5.68 -5.65 9.26
CA ALA A 31 -5.26 -4.34 8.78
C ALA A 31 -3.77 -4.24 8.38
N PRO A 32 -2.81 -4.81 9.16
CA PRO A 32 -1.38 -4.65 8.88
C PRO A 32 -1.02 -4.96 7.43
N LYS A 33 -1.44 -6.14 6.97
CA LYS A 33 -1.32 -6.55 5.59
C LYS A 33 0.11 -6.55 5.05
N LYS A 34 0.63 -7.75 4.91
CA LYS A 34 1.86 -7.98 4.16
C LYS A 34 1.52 -7.97 2.67
N ILE A 35 2.52 -8.15 1.82
CA ILE A 35 2.26 -8.31 0.41
C ILE A 35 1.54 -9.63 0.16
N LEU A 36 0.28 -9.53 -0.20
CA LEU A 36 -0.57 -10.68 -0.36
C LEU A 36 -0.43 -11.28 -1.75
N GLY A 37 -1.21 -12.33 -1.99
CA GLY A 37 -1.27 -12.92 -3.32
C GLY A 37 -1.69 -11.90 -4.36
N ILE A 38 -2.85 -11.29 -4.13
CA ILE A 38 -3.30 -10.22 -5.01
C ILE A 38 -2.76 -8.86 -4.54
N PHE A 39 -3.16 -8.46 -3.33
CA PHE A 39 -2.73 -7.18 -2.75
C PHE A 39 -3.08 -6.01 -3.67
N GLU A 1 17.99 14.43 -5.72
CA GLU A 1 17.03 14.32 -4.61
C GLU A 1 15.59 14.38 -5.13
N GLU A 2 15.40 15.08 -6.24
CA GLU A 2 14.09 15.10 -6.88
C GLU A 2 13.70 13.70 -7.35
N LYS A 3 14.70 12.93 -7.74
CA LYS A 3 14.48 11.53 -8.05
C LYS A 3 14.07 10.78 -6.80
N ARG A 4 14.74 11.07 -5.69
CA ARG A 4 14.34 10.51 -4.40
C ARG A 4 12.87 10.75 -4.14
N ALA A 5 12.48 12.01 -4.22
CA ALA A 5 11.10 12.41 -3.97
C ALA A 5 10.15 11.76 -4.96
N MET A 6 10.64 11.53 -6.17
CA MET A 6 9.87 10.85 -7.19
C MET A 6 9.74 9.37 -6.85
N ILE A 7 10.82 8.81 -6.34
CA ILE A 7 10.85 7.42 -5.94
C ILE A 7 9.98 7.22 -4.70
N GLU A 8 9.98 8.20 -3.82
CA GLU A 8 9.19 8.13 -2.62
C GLU A 8 7.77 8.61 -2.86
N ALA A 9 7.49 8.99 -4.09
CA ALA A 9 6.13 9.18 -4.52
C ALA A 9 5.58 7.87 -5.02
N LYS A 10 6.51 6.94 -5.22
CA LYS A 10 6.18 5.59 -5.62
C LYS A 10 6.19 4.67 -4.42
N ARG A 11 7.23 4.77 -3.62
CA ARG A 11 7.24 4.12 -2.32
C ARG A 11 6.11 4.67 -1.49
N GLY A 12 5.93 5.98 -1.60
CA GLY A 12 4.83 6.63 -0.96
C GLY A 12 3.51 6.11 -1.46
N GLU A 13 3.47 5.81 -2.75
CA GLU A 13 2.28 5.26 -3.38
C GLU A 13 2.06 3.82 -2.95
N ASP A 14 3.16 3.09 -2.78
CA ASP A 14 3.09 1.69 -2.35
C ASP A 14 2.73 1.59 -0.89
N LEU A 15 3.20 2.55 -0.11
CA LEU A 15 2.83 2.65 1.29
C LEU A 15 1.38 3.09 1.39
N LEU A 16 1.02 3.99 0.51
CA LEU A 16 -0.35 4.45 0.35
C LEU A 16 -1.23 3.31 -0.10
N LYS A 17 -0.62 2.38 -0.81
CA LYS A 17 -1.25 1.18 -1.29
C LYS A 17 -1.41 0.21 -0.14
N ALA A 18 -0.36 0.10 0.63
CA ALA A 18 -0.32 -0.82 1.75
C ALA A 18 -1.26 -0.37 2.84
N GLU A 19 -1.46 0.94 2.92
CA GLU A 19 -2.41 1.51 3.86
C GLU A 19 -3.80 1.41 3.27
N GLU A 20 -3.84 1.28 1.96
CA GLU A 20 -5.06 1.08 1.22
C GLU A 20 -5.52 -0.36 1.36
N LEU A 21 -4.57 -1.28 1.40
CA LEU A 21 -4.88 -2.66 1.73
C LEU A 21 -4.98 -2.81 3.22
N ALA A 22 -4.85 -1.69 3.90
CA ALA A 22 -5.28 -1.58 5.26
C ALA A 22 -6.72 -1.06 5.25
N ALA A 23 -6.96 -0.11 4.35
CA ALA A 23 -8.27 0.53 4.22
C ALA A 23 -9.33 -0.44 3.72
N LYS A 24 -9.02 -1.18 2.65
CA LYS A 24 -9.93 -2.20 2.13
C LYS A 24 -10.20 -3.19 3.22
N TYR A 25 -9.13 -3.58 3.84
CA TYR A 25 -9.14 -4.59 4.86
C TYR A 25 -9.97 -4.22 6.07
N ARG A 26 -9.98 -2.95 6.41
CA ARG A 26 -10.89 -2.44 7.42
C ARG A 26 -12.32 -2.80 7.05
N ALA A 27 -12.60 -2.75 5.77
CA ALA A 27 -13.92 -3.06 5.24
C ALA A 27 -14.07 -4.58 5.04
N THR A 28 -12.97 -5.26 4.80
CA THR A 28 -12.97 -6.71 4.61
C THR A 28 -13.00 -7.43 5.96
N GLY A 29 -12.91 -6.65 7.02
CA GLY A 29 -12.87 -7.19 8.35
C GLY A 29 -11.60 -7.95 8.62
N THR A 30 -10.48 -7.31 8.26
CA THR A 30 -9.13 -7.90 8.24
C THR A 30 -9.10 -9.40 8.54
N ALA A 31 -9.55 -10.18 7.58
CA ALA A 31 -9.61 -11.63 7.74
C ALA A 31 -8.58 -12.36 6.86
N PRO A 32 -8.61 -12.20 5.52
CA PRO A 32 -7.73 -12.98 4.63
C PRO A 32 -6.23 -12.71 4.90
N LYS A 33 -5.87 -11.44 4.93
CA LYS A 33 -4.50 -11.02 5.15
C LYS A 33 -3.55 -11.72 4.18
N LYS A 34 -3.72 -11.39 2.92
CA LYS A 34 -2.95 -12.01 1.86
C LYS A 34 -3.00 -11.12 0.61
N ILE A 35 -2.25 -11.49 -0.40
CA ILE A 35 -2.35 -10.84 -1.70
C ILE A 35 -3.68 -11.20 -2.34
N LEU A 36 -4.58 -10.24 -2.34
CA LEU A 36 -5.93 -10.43 -2.83
C LEU A 36 -5.97 -10.47 -4.34
N GLY A 37 -7.16 -10.75 -4.87
CA GLY A 37 -7.37 -10.60 -6.29
C GLY A 37 -7.29 -9.14 -6.69
N ILE A 38 -7.72 -8.27 -5.79
CA ILE A 38 -7.64 -6.84 -5.98
C ILE A 38 -6.55 -6.28 -5.09
N PHE A 39 -5.32 -6.60 -5.43
CA PHE A 39 -4.19 -6.21 -4.61
C PHE A 39 -3.15 -5.52 -5.48
N GLU A 1 19.32 12.78 -6.93
CA GLU A 1 18.05 13.43 -6.51
C GLU A 1 17.04 13.41 -7.65
N GLU A 2 15.86 14.00 -7.41
CA GLU A 2 14.75 14.00 -8.36
C GLU A 2 14.15 12.60 -8.48
N LYS A 3 14.96 11.65 -8.93
CA LYS A 3 14.56 10.26 -8.88
C LYS A 3 14.29 9.87 -7.44
N ARG A 4 15.15 10.35 -6.54
CA ARG A 4 14.97 10.18 -5.11
C ARG A 4 13.53 10.44 -4.68
N ALA A 5 13.07 11.65 -4.96
CA ALA A 5 11.72 12.07 -4.60
C ALA A 5 10.67 11.29 -5.37
N MET A 6 11.00 10.88 -6.59
CA MET A 6 10.10 10.09 -7.40
C MET A 6 9.96 8.68 -6.83
N ILE A 7 11.07 8.15 -6.33
CA ILE A 7 11.09 6.86 -5.69
C ILE A 7 10.24 6.91 -4.43
N GLU A 8 10.31 8.04 -3.76
CA GLU A 8 9.59 8.23 -2.52
C GLU A 8 8.13 8.59 -2.81
N ALA A 9 7.85 8.90 -4.06
CA ALA A 9 6.48 9.06 -4.50
C ALA A 9 5.89 7.69 -4.81
N LYS A 10 6.79 6.74 -5.05
CA LYS A 10 6.40 5.35 -5.26
C LYS A 10 6.30 4.67 -3.92
N ARG A 11 7.21 5.03 -3.02
CA ARG A 11 7.05 4.69 -1.62
C ARG A 11 5.76 5.29 -1.12
N GLY A 12 5.55 6.55 -1.50
CA GLY A 12 4.33 7.23 -1.16
C GLY A 12 3.13 6.51 -1.70
N GLU A 13 3.25 6.02 -2.93
CA GLU A 13 2.18 5.27 -3.56
C GLU A 13 2.02 3.91 -2.88
N ASP A 14 3.13 3.36 -2.45
CA ASP A 14 3.14 2.05 -1.79
C ASP A 14 2.56 2.15 -0.40
N LEU A 15 2.81 3.27 0.24
CA LEU A 15 2.24 3.57 1.54
C LEU A 15 0.76 3.86 1.39
N LEU A 16 0.43 4.47 0.27
CA LEU A 16 -0.94 4.71 -0.11
C LEU A 16 -1.64 3.39 -0.41
N LYS A 17 -0.88 2.47 -0.95
CA LYS A 17 -1.32 1.12 -1.18
C LYS A 17 -1.47 0.42 0.15
N ALA A 18 -0.50 0.63 1.00
CA ALA A 18 -0.48 0.01 2.31
C ALA A 18 -1.63 0.50 3.15
N GLU A 19 -2.02 1.75 2.92
CA GLU A 19 -3.14 2.33 3.63
C GLU A 19 -4.43 1.83 3.00
N GLU A 20 -4.33 1.51 1.73
CA GLU A 20 -5.43 0.97 0.97
C GLU A 20 -5.66 -0.47 1.36
N LEU A 21 -4.58 -1.21 1.50
CA LEU A 21 -4.65 -2.57 1.98
C LEU A 21 -4.72 -2.57 3.48
N ALA A 22 -4.81 -1.38 4.03
CA ALA A 22 -5.24 -1.22 5.39
C ALA A 22 -6.75 -1.02 5.37
N ALA A 23 -7.19 -0.25 4.38
CA ALA A 23 -8.61 0.06 4.21
C ALA A 23 -9.40 -1.17 3.79
N LYS A 24 -8.89 -1.88 2.78
CA LYS A 24 -9.54 -3.10 2.31
C LYS A 24 -9.56 -4.11 3.41
N TYR A 25 -8.40 -4.27 4.01
CA TYR A 25 -8.17 -5.27 5.03
C TYR A 25 -8.95 -5.01 6.31
N ARG A 26 -9.39 -3.77 6.51
CA ARG A 26 -10.39 -3.48 7.52
C ARG A 26 -11.59 -4.37 7.30
N ALA A 27 -11.84 -4.66 6.04
CA ALA A 27 -12.78 -5.67 5.64
C ALA A 27 -11.99 -6.95 5.34
N THR A 28 -11.55 -7.60 6.40
CA THR A 28 -10.63 -8.74 6.34
C THR A 28 -11.10 -9.88 5.43
N GLY A 29 -12.33 -9.79 4.93
CA GLY A 29 -12.79 -10.70 3.89
C GLY A 29 -12.01 -10.49 2.60
N THR A 30 -11.23 -9.42 2.55
CA THR A 30 -10.37 -9.12 1.41
C THR A 30 -8.95 -9.62 1.66
N ALA A 31 -8.82 -10.66 2.46
CA ALA A 31 -7.52 -11.18 2.84
C ALA A 31 -6.67 -11.58 1.62
N PRO A 32 -7.21 -12.33 0.64
CA PRO A 32 -6.43 -12.72 -0.55
C PRO A 32 -6.36 -11.62 -1.62
N LYS A 33 -7.52 -11.12 -2.04
CA LYS A 33 -7.61 -10.13 -3.12
C LYS A 33 -6.79 -10.55 -4.33
N LYS A 34 -6.73 -11.87 -4.53
CA LYS A 34 -6.05 -12.51 -5.66
C LYS A 34 -4.66 -11.93 -5.96
N ILE A 35 -4.04 -11.37 -4.94
CA ILE A 35 -2.82 -10.59 -5.12
C ILE A 35 -3.05 -9.51 -6.17
N LEU A 36 -3.75 -8.50 -5.73
CA LEU A 36 -4.17 -7.37 -6.56
C LEU A 36 -3.00 -6.71 -7.27
N GLY A 37 -3.32 -6.00 -8.34
CA GLY A 37 -2.33 -5.20 -9.04
C GLY A 37 -1.88 -4.01 -8.21
N ILE A 38 -2.53 -3.79 -7.08
CA ILE A 38 -2.12 -2.75 -6.14
C ILE A 38 -1.36 -3.43 -5.00
N PHE A 39 -0.14 -3.84 -5.32
CA PHE A 39 0.73 -4.55 -4.39
C PHE A 39 2.18 -4.39 -4.84
N GLU A 1 17.98 14.50 -4.52
CA GLU A 1 16.92 14.20 -3.53
C GLU A 1 15.53 14.42 -4.14
N GLU A 2 15.48 15.23 -5.21
CA GLU A 2 14.24 15.42 -5.94
C GLU A 2 13.73 14.09 -6.47
N LYS A 3 14.64 13.33 -7.09
CA LYS A 3 14.29 12.01 -7.57
C LYS A 3 13.95 11.10 -6.40
N ARG A 4 14.68 11.23 -5.31
CA ARG A 4 14.38 10.46 -4.10
C ARG A 4 12.92 10.63 -3.71
N ALA A 5 12.50 11.88 -3.59
CA ALA A 5 11.14 12.21 -3.25
C ALA A 5 10.16 11.64 -4.27
N MET A 6 10.60 11.59 -5.52
CA MET A 6 9.81 11.01 -6.59
C MET A 6 9.76 9.50 -6.47
N ILE A 7 10.83 8.93 -5.95
CA ILE A 7 10.90 7.51 -5.70
C ILE A 7 10.04 7.16 -4.50
N GLU A 8 10.02 8.05 -3.53
CA GLU A 8 9.18 7.88 -2.35
C GLU A 8 7.77 8.35 -2.62
N ALA A 9 7.54 8.82 -3.83
CA ALA A 9 6.19 9.04 -4.29
C ALA A 9 5.67 7.77 -4.91
N LYS A 10 6.59 6.87 -5.20
CA LYS A 10 6.27 5.56 -5.74
C LYS A 10 6.24 4.54 -4.62
N ARG A 11 7.26 4.58 -3.78
CA ARG A 11 7.22 3.85 -2.52
C ARG A 11 6.07 4.37 -1.71
N GLY A 12 5.93 5.69 -1.74
CA GLY A 12 4.83 6.34 -1.07
C GLY A 12 3.51 5.93 -1.66
N GLU A 13 3.51 5.65 -2.96
CA GLU A 13 2.33 5.21 -3.65
C GLU A 13 1.98 3.78 -3.26
N ASP A 14 3.01 2.96 -3.11
CA ASP A 14 2.82 1.57 -2.72
C ASP A 14 2.49 1.45 -1.25
N LEU A 15 3.03 2.37 -0.48
CA LEU A 15 2.69 2.46 0.94
C LEU A 15 1.28 3.02 1.08
N LEU A 16 0.91 3.83 0.12
CA LEU A 16 -0.43 4.37 -0.01
C LEU A 16 -1.38 3.25 -0.42
N LYS A 17 -0.85 2.37 -1.23
CA LYS A 17 -1.55 1.19 -1.66
C LYS A 17 -1.69 0.26 -0.48
N ALA A 18 -0.64 0.20 0.30
CA ALA A 18 -0.61 -0.65 1.48
C ALA A 18 -1.47 -0.07 2.58
N GLU A 19 -1.67 1.25 2.51
CA GLU A 19 -2.57 1.91 3.44
C GLU A 19 -3.99 1.73 2.94
N GLU A 20 -4.10 1.54 1.63
CA GLU A 20 -5.35 1.22 1.00
C GLU A 20 -5.73 -0.22 1.29
N LEU A 21 -4.74 -1.10 1.27
CA LEU A 21 -4.94 -2.46 1.70
C LEU A 21 -4.90 -2.54 3.20
N ALA A 22 -4.77 -1.39 3.81
CA ALA A 22 -5.06 -1.23 5.21
C ALA A 22 -6.52 -0.84 5.33
N ALA A 23 -6.92 0.08 4.45
CA ALA A 23 -8.29 0.59 4.41
C ALA A 23 -9.28 -0.51 4.07
N LYS A 24 -8.99 -1.30 3.04
CA LYS A 24 -9.84 -2.42 2.66
C LYS A 24 -9.93 -3.38 3.81
N TYR A 25 -8.77 -3.67 4.35
CA TYR A 25 -8.61 -4.62 5.42
C TYR A 25 -9.35 -4.21 6.69
N ARG A 26 -9.46 -2.91 6.90
CA ARG A 26 -10.29 -2.38 7.98
C ARG A 26 -11.71 -2.92 7.85
N ALA A 27 -12.13 -3.10 6.61
CA ALA A 27 -13.45 -3.62 6.29
C ALA A 27 -13.43 -5.16 6.26
N THR A 28 -12.34 -5.73 5.76
CA THR A 28 -12.21 -7.18 5.67
C THR A 28 -12.15 -7.82 7.05
N GLY A 29 -11.54 -7.11 7.97
CA GLY A 29 -11.28 -7.66 9.29
C GLY A 29 -9.89 -8.24 9.34
N THR A 30 -8.91 -7.42 8.92
CA THR A 30 -7.52 -7.81 8.66
C THR A 30 -7.26 -9.30 8.77
N ALA A 31 -7.80 -10.05 7.83
CA ALA A 31 -7.74 -11.50 7.86
C ALA A 31 -6.68 -12.09 6.90
N PRO A 32 -6.69 -11.74 5.60
CA PRO A 32 -5.80 -12.41 4.62
C PRO A 32 -4.32 -12.03 4.77
N LYS A 33 -4.04 -10.72 4.75
CA LYS A 33 -2.67 -10.21 4.79
C LYS A 33 -1.84 -10.87 3.68
N LYS A 34 -2.36 -10.79 2.48
CA LYS A 34 -1.74 -11.42 1.32
C LYS A 34 -2.14 -10.69 0.06
N ILE A 35 -1.56 -11.11 -1.06
CA ILE A 35 -1.98 -10.64 -2.36
C ILE A 35 -3.41 -11.09 -2.63
N LEU A 36 -4.30 -10.13 -2.74
CA LEU A 36 -5.71 -10.40 -2.93
C LEU A 36 -6.04 -10.64 -4.38
N GLY A 37 -7.30 -10.95 -4.64
CA GLY A 37 -7.78 -11.15 -6.00
C GLY A 37 -7.99 -9.84 -6.73
N ILE A 38 -7.05 -8.94 -6.53
CA ILE A 38 -7.05 -7.61 -7.11
C ILE A 38 -5.83 -6.84 -6.60
N PHE A 39 -5.80 -6.61 -5.29
CA PHE A 39 -4.67 -5.98 -4.60
C PHE A 39 -4.19 -4.73 -5.33
N GLU A 1 18.99 12.47 -4.28
CA GLU A 1 17.80 12.49 -3.38
C GLU A 1 16.57 12.96 -4.14
N GLU A 2 16.77 13.74 -5.19
CA GLU A 2 15.67 14.22 -6.02
C GLU A 2 14.92 13.04 -6.60
N LYS A 3 15.66 12.11 -7.18
CA LYS A 3 15.06 10.89 -7.70
C LYS A 3 14.51 10.07 -6.56
N ARG A 4 15.26 9.99 -5.45
CA ARG A 4 14.82 9.27 -4.27
C ARG A 4 13.42 9.70 -3.85
N ALA A 5 13.24 11.00 -3.75
CA ALA A 5 11.95 11.60 -3.42
C ALA A 5 10.89 11.21 -4.45
N MET A 6 11.31 11.13 -5.72
CA MET A 6 10.41 10.73 -6.79
C MET A 6 10.08 9.25 -6.68
N ILE A 7 11.00 8.51 -6.10
CA ILE A 7 10.81 7.10 -5.86
C ILE A 7 9.88 6.92 -4.67
N GLU A 8 9.97 7.84 -3.72
CA GLU A 8 9.09 7.84 -2.56
C GLU A 8 7.73 8.40 -2.93
N ALA A 9 7.58 8.78 -4.17
CA ALA A 9 6.27 9.12 -4.69
C ALA A 9 5.59 7.83 -5.13
N LYS A 10 6.39 6.80 -5.34
CA LYS A 10 5.91 5.50 -5.72
C LYS A 10 5.88 4.57 -4.52
N ARG A 11 6.92 4.64 -3.71
CA ARG A 11 6.90 3.98 -2.42
C ARG A 11 5.87 4.65 -1.55
N GLY A 12 5.78 5.95 -1.71
CA GLY A 12 4.76 6.71 -1.03
C GLY A 12 3.39 6.32 -1.54
N GLU A 13 3.33 6.04 -2.83
CA GLU A 13 2.11 5.55 -3.46
C GLU A 13 1.80 4.14 -2.97
N ASP A 14 2.87 3.38 -2.73
CA ASP A 14 2.76 2.00 -2.29
C ASP A 14 2.37 1.92 -0.83
N LEU A 15 2.91 2.82 -0.04
CA LEU A 15 2.54 2.94 1.36
C LEU A 15 1.11 3.44 1.46
N LEU A 16 0.78 4.34 0.56
CA LEU A 16 -0.57 4.85 0.43
C LEU A 16 -1.49 3.77 -0.08
N LYS A 17 -0.93 2.87 -0.85
CA LYS A 17 -1.64 1.75 -1.39
C LYS A 17 -1.82 0.72 -0.30
N ALA A 18 -0.79 0.57 0.48
CA ALA A 18 -0.77 -0.39 1.56
C ALA A 18 -1.72 0.06 2.65
N GLU A 19 -1.90 1.36 2.75
CA GLU A 19 -2.84 1.92 3.70
C GLU A 19 -4.25 1.80 3.12
N GLU A 20 -4.27 1.74 1.80
CA GLU A 20 -5.50 1.51 1.06
C GLU A 20 -5.92 0.06 1.18
N LEU A 21 -4.94 -0.84 1.13
CA LEU A 21 -5.21 -2.23 1.39
C LEU A 21 -5.37 -2.43 2.87
N ALA A 22 -4.97 -1.46 3.65
CA ALA A 22 -5.27 -1.45 5.06
C ALA A 22 -6.72 -1.08 5.21
N ALA A 23 -7.17 -0.18 4.35
CA ALA A 23 -8.57 0.21 4.31
C ALA A 23 -9.42 -0.89 3.70
N LYS A 24 -8.77 -1.73 2.90
CA LYS A 24 -9.39 -2.90 2.31
C LYS A 24 -9.47 -4.02 3.34
N TYR A 25 -8.31 -4.34 3.86
CA TYR A 25 -8.14 -5.46 4.75
C TYR A 25 -8.74 -5.23 6.13
N ARG A 26 -8.99 -3.99 6.49
CA ARG A 26 -9.74 -3.70 7.70
C ARG A 26 -11.11 -4.36 7.64
N ALA A 27 -11.57 -4.61 6.41
CA ALA A 27 -12.82 -5.28 6.18
C ALA A 27 -12.61 -6.78 5.97
N THR A 28 -11.39 -7.17 5.65
CA THR A 28 -11.06 -8.55 5.35
C THR A 28 -10.48 -9.27 6.58
N GLY A 29 -10.53 -8.59 7.71
CA GLY A 29 -9.97 -9.14 8.93
C GLY A 29 -8.47 -8.96 8.98
N THR A 30 -8.08 -7.69 8.90
CA THR A 30 -6.69 -7.24 8.76
C THR A 30 -5.67 -8.35 8.61
N ALA A 31 -5.48 -8.77 7.37
CA ALA A 31 -4.46 -9.76 7.02
C ALA A 31 -3.06 -9.15 7.23
N PRO A 32 -1.97 -9.91 7.04
CA PRO A 32 -0.60 -9.35 7.17
C PRO A 32 -0.34 -8.12 6.28
N LYS A 33 -1.16 -7.97 5.25
CA LYS A 33 -0.98 -6.92 4.23
C LYS A 33 0.24 -7.21 3.40
N LYS A 34 0.47 -8.48 3.14
CA LYS A 34 1.48 -8.88 2.18
C LYS A 34 0.84 -8.83 0.80
N ILE A 35 1.62 -8.98 -0.24
CA ILE A 35 1.09 -8.95 -1.60
C ILE A 35 -0.01 -10.01 -1.78
N LEU A 36 0.33 -11.26 -1.43
CA LEU A 36 -0.59 -12.43 -1.38
C LEU A 36 -1.38 -12.72 -2.67
N GLY A 37 -1.40 -11.78 -3.58
CA GLY A 37 -2.11 -11.95 -4.83
C GLY A 37 -2.93 -10.74 -5.17
N ILE A 38 -3.68 -10.25 -4.19
CA ILE A 38 -4.47 -9.04 -4.36
C ILE A 38 -3.90 -7.94 -3.47
N PHE A 39 -3.30 -6.95 -4.11
CA PHE A 39 -2.62 -5.89 -3.39
C PHE A 39 -2.21 -4.79 -4.36
N GLU A 1 18.03 14.63 -4.92
CA GLU A 1 16.85 14.32 -4.06
C GLU A 1 15.54 14.39 -4.83
N GLU A 2 15.56 15.03 -6.01
CA GLU A 2 14.38 15.02 -6.87
C GLU A 2 14.02 13.59 -7.22
N LYS A 3 15.04 12.82 -7.58
CA LYS A 3 14.85 11.41 -7.87
C LYS A 3 14.39 10.67 -6.62
N ARG A 4 15.01 11.00 -5.49
CA ARG A 4 14.63 10.41 -4.21
C ARG A 4 13.14 10.56 -3.96
N ALA A 5 12.70 11.81 -3.97
CA ALA A 5 11.30 12.14 -3.72
C ALA A 5 10.40 11.55 -4.80
N MET A 6 10.92 11.47 -6.01
CA MET A 6 10.21 10.88 -7.14
C MET A 6 9.98 9.40 -6.89
N ILE A 7 10.99 8.75 -6.33
CA ILE A 7 10.91 7.34 -6.01
C ILE A 7 10.05 7.14 -4.78
N GLU A 8 10.12 8.09 -3.85
CA GLU A 8 9.31 8.02 -2.64
C GLU A 8 7.91 8.51 -2.90
N ALA A 9 7.63 8.91 -4.11
CA ALA A 9 6.26 9.15 -4.53
C ALA A 9 5.63 7.83 -4.93
N LYS A 10 6.49 6.88 -5.26
CA LYS A 10 6.08 5.54 -5.64
C LYS A 10 6.11 4.64 -4.44
N ARG A 11 7.12 4.82 -3.60
CA ARG A 11 7.09 4.27 -2.26
C ARG A 11 5.92 4.87 -1.54
N GLY A 12 5.73 6.15 -1.78
CA GLY A 12 4.57 6.84 -1.27
C GLY A 12 3.29 6.19 -1.76
N GLU A 13 3.30 5.79 -3.02
CA GLU A 13 2.17 5.08 -3.60
C GLU A 13 2.01 3.71 -3.00
N ASP A 14 3.13 3.10 -2.64
CA ASP A 14 3.12 1.77 -2.06
C ASP A 14 2.67 1.81 -0.62
N LEU A 15 3.10 2.83 0.09
CA LEU A 15 2.65 3.06 1.45
C LEU A 15 1.20 3.46 1.44
N LEU A 16 0.84 4.21 0.42
CA LEU A 16 -0.54 4.59 0.16
C LEU A 16 -1.34 3.38 -0.26
N LYS A 17 -0.67 2.45 -0.89
CA LYS A 17 -1.25 1.21 -1.34
C LYS A 17 -1.45 0.31 -0.14
N ALA A 18 -0.44 0.27 0.69
CA ALA A 18 -0.46 -0.57 1.86
C ALA A 18 -1.43 -0.03 2.90
N GLU A 19 -1.66 1.27 2.85
CA GLU A 19 -2.66 1.88 3.70
C GLU A 19 -4.03 1.66 3.10
N GLU A 20 -4.02 1.46 1.79
CA GLU A 20 -5.19 1.13 1.03
C GLU A 20 -5.58 -0.31 1.27
N LEU A 21 -4.60 -1.18 1.34
CA LEU A 21 -4.84 -2.56 1.74
C LEU A 21 -5.28 -2.56 3.18
N ALA A 22 -4.76 -1.61 3.93
CA ALA A 22 -5.17 -1.44 5.30
C ALA A 22 -6.63 -1.03 5.32
N ALA A 23 -6.99 -0.16 4.38
CA ALA A 23 -8.37 0.28 4.23
C ALA A 23 -9.26 -0.89 3.83
N LYS A 24 -8.81 -1.68 2.84
CA LYS A 24 -9.56 -2.84 2.39
C LYS A 24 -9.78 -3.78 3.54
N TYR A 25 -8.69 -4.17 4.14
CA TYR A 25 -8.68 -5.13 5.20
C TYR A 25 -9.52 -4.69 6.40
N ARG A 26 -9.42 -3.44 6.77
CA ARG A 26 -10.28 -2.88 7.81
C ARG A 26 -11.74 -2.97 7.39
N ALA A 27 -11.98 -2.83 6.11
CA ALA A 27 -13.33 -2.85 5.56
C ALA A 27 -13.86 -4.27 5.42
N THR A 28 -13.00 -5.18 4.99
CA THR A 28 -13.38 -6.57 4.75
C THR A 28 -13.42 -7.36 6.05
N GLY A 29 -12.94 -6.72 7.11
CA GLY A 29 -12.86 -7.39 8.39
C GLY A 29 -11.75 -8.41 8.40
N THR A 30 -10.53 -7.90 8.15
CA THR A 30 -9.32 -8.69 7.85
C THR A 30 -9.60 -10.18 7.65
N ALA A 31 -10.27 -10.47 6.54
CA ALA A 31 -10.68 -11.84 6.22
C ALA A 31 -9.79 -12.52 5.18
N PRO A 32 -9.50 -11.88 4.00
CA PRO A 32 -8.75 -12.54 2.92
C PRO A 32 -7.39 -13.06 3.36
N LYS A 33 -6.60 -12.18 3.99
CA LYS A 33 -5.30 -12.53 4.54
C LYS A 33 -4.46 -13.34 3.56
N LYS A 34 -4.03 -12.67 2.52
CA LYS A 34 -3.16 -13.27 1.53
C LYS A 34 -1.93 -12.38 1.33
N ILE A 35 -1.15 -12.66 0.28
CA ILE A 35 0.01 -11.83 -0.04
C ILE A 35 -0.41 -10.37 -0.13
N LEU A 36 -1.52 -10.15 -0.82
CA LEU A 36 -2.15 -8.86 -0.85
C LEU A 36 -2.43 -8.38 0.56
N GLY A 37 -2.06 -7.15 0.83
CA GLY A 37 -2.16 -6.63 2.17
C GLY A 37 -0.91 -5.88 2.55
N ILE A 38 0.22 -6.55 2.42
CA ILE A 38 1.52 -5.96 2.71
C ILE A 38 2.58 -6.58 1.80
N PHE A 39 2.64 -6.09 0.58
CA PHE A 39 3.52 -6.67 -0.43
C PHE A 39 3.99 -5.61 -1.42
N GLU A 1 18.90 13.20 -6.93
CA GLU A 1 17.60 13.77 -6.52
C GLU A 1 16.63 13.70 -7.70
N GLU A 2 15.41 14.21 -7.49
CA GLU A 2 14.33 14.13 -8.47
C GLU A 2 13.84 12.71 -8.61
N LYS A 3 14.72 11.82 -9.04
CA LYS A 3 14.43 10.40 -9.02
C LYS A 3 14.18 9.98 -7.58
N ARG A 4 14.98 10.54 -6.66
CA ARG A 4 14.78 10.36 -5.23
C ARG A 4 13.33 10.58 -4.85
N ALA A 5 12.85 11.77 -5.16
CA ALA A 5 11.50 12.18 -4.81
C ALA A 5 10.46 11.38 -5.59
N MET A 6 10.82 11.01 -6.82
CA MET A 6 9.95 10.20 -7.65
C MET A 6 9.83 8.80 -7.06
N ILE A 7 10.93 8.32 -6.51
CA ILE A 7 10.95 7.03 -5.86
C ILE A 7 10.15 7.08 -4.58
N GLU A 8 10.27 8.18 -3.86
CA GLU A 8 9.56 8.34 -2.60
C GLU A 8 8.09 8.65 -2.86
N ALA A 9 7.78 9.10 -4.05
CA ALA A 9 6.41 9.27 -4.45
C ALA A 9 5.80 7.92 -4.75
N LYS A 10 6.66 6.95 -4.97
CA LYS A 10 6.24 5.57 -5.20
C LYS A 10 6.27 4.80 -3.90
N ARG A 11 7.27 5.07 -3.07
CA ARG A 11 7.25 4.60 -1.71
C ARG A 11 6.03 5.14 -1.02
N GLY A 12 5.77 6.41 -1.27
CA GLY A 12 4.58 7.04 -0.77
C GLY A 12 3.34 6.38 -1.31
N GLU A 13 3.36 6.12 -2.61
CA GLU A 13 2.25 5.47 -3.29
C GLU A 13 2.04 4.06 -2.78
N ASP A 14 3.15 3.38 -2.48
CA ASP A 14 3.09 2.02 -1.99
C ASP A 14 2.66 1.96 -0.55
N LEU A 15 3.10 2.92 0.23
CA LEU A 15 2.64 3.07 1.60
C LEU A 15 1.16 3.44 1.59
N LEU A 16 0.80 4.23 0.59
CA LEU A 16 -0.58 4.58 0.33
C LEU A 16 -1.36 3.37 -0.13
N LYS A 17 -0.67 2.48 -0.81
CA LYS A 17 -1.25 1.23 -1.25
C LYS A 17 -1.44 0.34 -0.05
N ALA A 18 -0.48 0.41 0.84
CA ALA A 18 -0.48 -0.38 2.06
C ALA A 18 -1.57 0.13 3.00
N GLU A 19 -1.78 1.43 2.98
CA GLU A 19 -2.84 2.03 3.77
C GLU A 19 -4.17 1.70 3.11
N GLU A 20 -4.09 1.51 1.82
CA GLU A 20 -5.23 1.16 1.01
C GLU A 20 -5.58 -0.29 1.21
N LEU A 21 -4.57 -1.12 1.41
CA LEU A 21 -4.79 -2.51 1.76
C LEU A 21 -5.35 -2.54 3.15
N ALA A 22 -4.99 -1.54 3.93
CA ALA A 22 -5.55 -1.38 5.24
C ALA A 22 -6.98 -0.92 5.11
N ALA A 23 -7.24 -0.17 4.05
CA ALA A 23 -8.58 0.29 3.74
C ALA A 23 -9.44 -0.84 3.16
N LYS A 24 -8.80 -1.85 2.59
CA LYS A 24 -9.50 -3.03 2.14
C LYS A 24 -9.72 -3.98 3.29
N TYR A 25 -8.61 -4.31 3.92
CA TYR A 25 -8.54 -5.31 4.95
C TYR A 25 -9.19 -4.88 6.25
N ARG A 26 -9.43 -3.59 6.42
CA ARG A 26 -10.31 -3.11 7.47
C ARG A 26 -11.68 -3.79 7.34
N ALA A 27 -11.96 -4.25 6.13
CA ALA A 27 -13.12 -5.05 5.85
C ALA A 27 -12.70 -6.50 5.76
N THR A 28 -12.93 -7.23 6.84
CA THR A 28 -12.51 -8.63 6.98
C THR A 28 -13.06 -9.55 5.88
N GLY A 29 -13.92 -9.01 5.02
CA GLY A 29 -14.37 -9.72 3.84
C GLY A 29 -13.20 -10.06 2.92
N THR A 30 -12.08 -9.38 3.13
CA THR A 30 -10.86 -9.60 2.35
C THR A 30 -9.99 -10.68 3.00
N ALA A 31 -10.57 -11.41 3.93
CA ALA A 31 -9.89 -12.46 4.69
C ALA A 31 -9.13 -13.49 3.83
N PRO A 32 -9.64 -13.88 2.63
CA PRO A 32 -8.94 -14.80 1.73
C PRO A 32 -7.45 -14.51 1.59
N LYS A 33 -7.08 -13.23 1.65
CA LYS A 33 -5.69 -12.81 1.46
C LYS A 33 -5.21 -13.23 0.08
N LYS A 34 -6.13 -13.08 -0.86
CA LYS A 34 -5.87 -13.40 -2.25
C LYS A 34 -4.78 -12.51 -2.82
N ILE A 35 -4.20 -12.91 -3.94
CA ILE A 35 -3.29 -12.05 -4.67
C ILE A 35 -4.10 -11.02 -5.47
N LEU A 36 -5.02 -10.41 -4.74
CA LEU A 36 -5.78 -9.26 -5.20
C LEU A 36 -4.97 -8.01 -4.94
N GLY A 37 -5.61 -6.85 -4.89
CA GLY A 37 -4.91 -5.64 -4.52
C GLY A 37 -4.28 -5.74 -3.14
N ILE A 38 -3.06 -6.26 -3.11
CA ILE A 38 -2.29 -6.46 -1.88
C ILE A 38 -1.02 -7.25 -2.23
N PHE A 39 -1.22 -8.37 -2.92
CA PHE A 39 -0.13 -9.16 -3.49
C PHE A 39 0.84 -9.63 -2.42
N GLU A 1 18.96 12.83 -2.75
CA GLU A 1 17.60 13.46 -2.72
C GLU A 1 17.13 13.76 -4.13
N GLU A 2 15.96 14.39 -4.25
CA GLU A 2 15.27 14.58 -5.52
C GLU A 2 14.79 13.25 -6.05
N LYS A 3 15.72 12.36 -6.37
CA LYS A 3 15.38 11.00 -6.73
C LYS A 3 14.68 10.34 -5.56
N ARG A 4 15.17 10.62 -4.35
CA ARG A 4 14.54 10.15 -3.12
C ARG A 4 13.04 10.42 -3.14
N ALA A 5 12.70 11.69 -3.26
CA ALA A 5 11.31 12.12 -3.30
C ALA A 5 10.59 11.56 -4.52
N MET A 6 11.29 11.49 -5.63
CA MET A 6 10.72 10.97 -6.86
C MET A 6 10.41 9.49 -6.74
N ILE A 7 11.25 8.78 -6.01
CA ILE A 7 11.03 7.37 -5.77
C ILE A 7 9.93 7.19 -4.73
N GLU A 8 9.84 8.14 -3.82
CA GLU A 8 8.80 8.13 -2.81
C GLU A 8 7.47 8.61 -3.36
N ALA A 9 7.44 8.94 -4.64
CA ALA A 9 6.20 9.10 -5.34
C ALA A 9 5.63 7.74 -5.68
N LYS A 10 6.52 6.76 -5.65
CA LYS A 10 6.16 5.37 -5.89
C LYS A 10 6.04 4.62 -4.58
N ARG A 11 7.04 4.77 -3.72
CA ARG A 11 6.96 4.23 -2.38
C ARG A 11 5.82 4.88 -1.64
N GLY A 12 5.65 6.16 -1.88
CA GLY A 12 4.54 6.87 -1.30
C GLY A 12 3.23 6.39 -1.85
N GLU A 13 3.28 5.90 -3.08
CA GLU A 13 2.13 5.31 -3.74
C GLU A 13 1.87 3.92 -3.20
N ASP A 14 2.95 3.20 -2.91
CA ASP A 14 2.86 1.82 -2.42
C ASP A 14 2.50 1.80 -0.95
N LEU A 15 3.01 2.75 -0.20
CA LEU A 15 2.64 2.91 1.18
C LEU A 15 1.19 3.33 1.25
N LEU A 16 0.81 4.14 0.28
CA LEU A 16 -0.57 4.55 0.10
C LEU A 16 -1.43 3.37 -0.29
N LYS A 17 -0.82 2.47 -1.02
CA LYS A 17 -1.47 1.26 -1.44
C LYS A 17 -1.60 0.32 -0.26
N ALA A 18 -0.54 0.24 0.50
CA ALA A 18 -0.48 -0.63 1.64
C ALA A 18 -1.42 -0.14 2.73
N GLU A 19 -1.61 1.17 2.77
CA GLU A 19 -2.55 1.76 3.70
C GLU A 19 -3.96 1.58 3.16
N GLU A 20 -4.03 1.44 1.86
CA GLU A 20 -5.26 1.17 1.16
C GLU A 20 -5.66 -0.27 1.34
N LEU A 21 -4.68 -1.15 1.36
CA LEU A 21 -4.92 -2.52 1.73
C LEU A 21 -5.26 -2.57 3.19
N ALA A 22 -4.70 -1.64 3.93
CA ALA A 22 -5.03 -1.50 5.33
C ALA A 22 -6.48 -1.07 5.44
N ALA A 23 -6.87 -0.13 4.56
CA ALA A 23 -8.24 0.34 4.51
C ALA A 23 -9.19 -0.77 4.08
N LYS A 24 -8.74 -1.55 3.10
CA LYS A 24 -9.49 -2.70 2.63
C LYS A 24 -9.65 -3.71 3.74
N TYR A 25 -8.55 -4.02 4.38
CA TYR A 25 -8.53 -4.99 5.44
C TYR A 25 -9.39 -4.58 6.63
N ARG A 26 -9.36 -3.31 6.98
CA ARG A 26 -10.26 -2.78 7.99
C ARG A 26 -11.71 -3.03 7.59
N ALA A 27 -11.96 -2.88 6.30
CA ALA A 27 -13.30 -3.01 5.76
C ALA A 27 -13.71 -4.47 5.57
N THR A 28 -12.76 -5.31 5.21
CA THR A 28 -13.05 -6.71 4.91
C THR A 28 -12.99 -7.58 6.16
N GLY A 29 -12.72 -6.93 7.27
CA GLY A 29 -12.59 -7.62 8.53
C GLY A 29 -11.40 -8.55 8.52
N THR A 30 -10.23 -7.93 8.35
CA THR A 30 -8.94 -8.61 8.10
C THR A 30 -9.07 -10.12 7.89
N ALA A 31 -9.54 -10.49 6.71
CA ALA A 31 -9.86 -11.89 6.42
C ALA A 31 -8.77 -12.64 5.64
N PRO A 32 -8.35 -12.18 4.45
CA PRO A 32 -7.52 -13.01 3.56
C PRO A 32 -6.08 -13.22 4.04
N LYS A 33 -5.35 -12.13 4.26
CA LYS A 33 -3.93 -12.19 4.66
C LYS A 33 -3.15 -13.19 3.81
N LYS A 34 -3.43 -13.18 2.50
CA LYS A 34 -2.79 -14.13 1.60
C LYS A 34 -1.53 -13.51 0.98
N ILE A 35 -1.71 -12.52 0.12
CA ILE A 35 -0.60 -11.76 -0.43
C ILE A 35 -0.90 -10.29 -0.26
N LEU A 36 -2.11 -9.91 -0.65
CA LEU A 36 -2.58 -8.56 -0.45
C LEU A 36 -2.55 -8.21 1.03
N GLY A 37 -2.50 -6.93 1.31
CA GLY A 37 -2.31 -6.47 2.66
C GLY A 37 -1.08 -5.63 2.78
N ILE A 38 0.04 -6.17 2.30
CA ILE A 38 1.32 -5.48 2.33
C ILE A 38 2.28 -6.06 1.29
N PHE A 39 1.94 -5.88 0.02
CA PHE A 39 2.71 -6.48 -1.06
C PHE A 39 3.01 -5.46 -2.15
N GLU A 1 19.22 13.00 -5.56
CA GLU A 1 18.13 12.56 -4.64
C GLU A 1 16.77 13.03 -5.12
N GLU A 2 16.74 13.82 -6.19
CA GLU A 2 15.48 14.21 -6.79
C GLU A 2 14.71 12.98 -7.22
N LYS A 3 15.38 12.10 -7.97
CA LYS A 3 14.78 10.85 -8.37
C LYS A 3 14.45 10.01 -7.15
N ARG A 4 15.30 10.05 -6.14
CA ARG A 4 15.04 9.35 -4.89
C ARG A 4 13.68 9.75 -4.34
N ALA A 5 13.46 11.05 -4.25
CA ALA A 5 12.21 11.59 -3.77
C ALA A 5 11.04 11.19 -4.69
N MET A 6 11.35 10.99 -5.96
CA MET A 6 10.34 10.55 -6.93
C MET A 6 10.04 9.08 -6.73
N ILE A 7 11.05 8.35 -6.31
CA ILE A 7 10.90 6.95 -5.98
C ILE A 7 10.11 6.80 -4.69
N GLU A 8 10.29 7.77 -3.80
CA GLU A 8 9.54 7.79 -2.56
C GLU A 8 8.16 8.39 -2.77
N ALA A 9 7.91 8.88 -3.96
CA ALA A 9 6.57 9.23 -4.37
C ALA A 9 5.85 7.97 -4.81
N LYS A 10 6.65 6.96 -5.13
CA LYS A 10 6.13 5.67 -5.50
C LYS A 10 6.05 4.78 -4.28
N ARG A 11 7.05 4.89 -3.41
CA ARG A 11 6.95 4.32 -2.09
C ARG A 11 5.79 4.95 -1.38
N GLY A 12 5.70 6.27 -1.49
CA GLY A 12 4.58 6.99 -0.94
C GLY A 12 3.27 6.52 -1.51
N GLU A 13 3.29 6.24 -2.81
CA GLU A 13 2.13 5.70 -3.49
C GLU A 13 1.84 4.29 -2.99
N ASP A 14 2.90 3.56 -2.69
CA ASP A 14 2.80 2.18 -2.21
C ASP A 14 2.32 2.14 -0.79
N LEU A 15 2.75 3.10 0.00
CA LEU A 15 2.30 3.24 1.36
C LEU A 15 0.84 3.65 1.36
N LEU A 16 0.51 4.50 0.40
CA LEU A 16 -0.85 4.93 0.16
C LEU A 16 -1.69 3.77 -0.33
N LYS A 17 -1.03 2.86 -1.01
CA LYS A 17 -1.64 1.65 -1.49
C LYS A 17 -1.80 0.69 -0.35
N ALA A 18 -0.79 0.65 0.49
CA ALA A 18 -0.75 -0.23 1.63
C ALA A 18 -1.75 0.20 2.67
N GLU A 19 -2.02 1.49 2.72
CA GLU A 19 -3.03 2.03 3.62
C GLU A 19 -4.40 1.76 3.02
N GLU A 20 -4.40 1.58 1.73
CA GLU A 20 -5.58 1.23 0.99
C GLU A 20 -5.88 -0.25 1.14
N LEU A 21 -4.84 -1.07 1.15
CA LEU A 21 -5.00 -2.46 1.51
C LEU A 21 -5.31 -2.54 2.97
N ALA A 22 -4.85 -1.56 3.72
CA ALA A 22 -5.19 -1.47 5.11
C ALA A 22 -6.68 -1.23 5.22
N ALA A 23 -7.18 -0.36 4.33
CA ALA A 23 -8.60 -0.08 4.25
C ALA A 23 -9.38 -1.34 3.86
N LYS A 24 -8.83 -2.08 2.90
CA LYS A 24 -9.41 -3.35 2.49
C LYS A 24 -9.41 -4.32 3.64
N TYR A 25 -8.25 -4.48 4.20
CA TYR A 25 -7.99 -5.38 5.30
C TYR A 25 -8.90 -5.11 6.49
N ARG A 26 -9.15 -3.85 6.79
CA ARG A 26 -10.12 -3.49 7.81
C ARG A 26 -11.46 -4.15 7.55
N ALA A 27 -11.77 -4.29 6.27
CA ALA A 27 -13.01 -4.92 5.85
C ALA A 27 -12.85 -6.45 5.76
N THR A 28 -11.68 -6.90 5.31
CA THR A 28 -11.41 -8.33 5.18
C THR A 28 -11.32 -9.00 6.55
N GLY A 29 -10.93 -8.20 7.53
CA GLY A 29 -10.68 -8.73 8.86
C GLY A 29 -9.24 -9.16 8.98
N THR A 30 -8.34 -8.23 8.63
CA THR A 30 -6.89 -8.48 8.45
C THR A 30 -6.50 -9.95 8.55
N ALA A 31 -6.91 -10.72 7.54
CA ALA A 31 -6.63 -12.14 7.51
C ALA A 31 -5.42 -12.47 6.63
N PRO A 32 -5.38 -12.07 5.34
CA PRO A 32 -4.26 -12.42 4.47
C PRO A 32 -2.95 -11.75 4.89
N LYS A 33 -3.01 -10.42 5.05
CA LYS A 33 -1.85 -9.62 5.42
C LYS A 33 -0.62 -10.01 4.63
N LYS A 34 -0.72 -9.87 3.32
CA LYS A 34 0.32 -10.33 2.41
C LYS A 34 -0.02 -9.90 0.99
N ILE A 35 0.93 -10.11 0.08
CA ILE A 35 0.68 -9.86 -1.33
C ILE A 35 -0.14 -10.99 -1.91
N LEU A 36 -1.43 -10.93 -1.64
CA LEU A 36 -2.37 -11.95 -2.07
C LEU A 36 -2.90 -11.62 -3.46
N GLY A 37 -3.84 -12.44 -3.94
CA GLY A 37 -4.37 -12.28 -5.30
C GLY A 37 -5.37 -11.16 -5.43
N ILE A 38 -5.08 -10.07 -4.75
CA ILE A 38 -5.88 -8.86 -4.79
C ILE A 38 -5.19 -7.79 -3.95
N PHE A 39 -4.13 -7.24 -4.51
CA PHE A 39 -3.25 -6.34 -3.79
C PHE A 39 -2.72 -5.29 -4.76
N GLU A 1 18.49 14.21 -5.66
CA GLU A 1 17.57 13.87 -4.54
C GLU A 1 16.12 14.11 -4.95
N GLU A 2 15.93 14.94 -5.97
CA GLU A 2 14.61 15.18 -6.51
C GLU A 2 13.98 13.88 -6.99
N LYS A 3 14.75 13.10 -7.73
CA LYS A 3 14.30 11.79 -8.19
C LYS A 3 13.96 10.91 -7.00
N ARG A 4 14.77 10.98 -5.94
CA ARG A 4 14.50 10.23 -4.73
C ARG A 4 13.08 10.46 -4.26
N ALA A 5 12.72 11.72 -4.14
CA ALA A 5 11.39 12.12 -3.70
C ALA A 5 10.32 11.60 -4.65
N MET A 6 10.67 11.48 -5.93
CA MET A 6 9.76 10.94 -6.93
C MET A 6 9.62 9.45 -6.74
N ILE A 7 10.72 8.82 -6.38
CA ILE A 7 10.72 7.40 -6.11
C ILE A 7 9.94 7.10 -4.84
N GLU A 8 10.04 8.00 -3.88
CA GLU A 8 9.31 7.86 -2.63
C GLU A 8 7.90 8.40 -2.76
N ALA A 9 7.56 8.88 -3.95
CA ALA A 9 6.18 9.16 -4.27
C ALA A 9 5.54 7.90 -4.81
N LYS A 10 6.40 6.96 -5.17
CA LYS A 10 5.97 5.65 -5.64
C LYS A 10 6.02 4.66 -4.50
N ARG A 11 7.10 4.73 -3.72
CA ARG A 11 7.13 4.03 -2.45
C ARG A 11 6.04 4.59 -1.57
N GLY A 12 5.89 5.90 -1.63
CA GLY A 12 4.84 6.56 -0.93
C GLY A 12 3.49 6.09 -1.39
N GLU A 13 3.40 5.83 -2.69
CA GLU A 13 2.18 5.33 -3.29
C GLU A 13 1.98 3.86 -2.91
N ASP A 14 3.08 3.15 -2.71
CA ASP A 14 3.04 1.75 -2.35
C ASP A 14 2.70 1.60 -0.87
N LEU A 15 3.18 2.55 -0.09
CA LEU A 15 2.83 2.65 1.31
C LEU A 15 1.39 3.09 1.43
N LEU A 16 1.00 3.93 0.50
CA LEU A 16 -0.39 4.34 0.34
C LEU A 16 -1.24 3.18 -0.12
N LYS A 17 -0.60 2.29 -0.86
CA LYS A 17 -1.24 1.06 -1.28
C LYS A 17 -1.38 0.15 -0.09
N ALA A 18 -0.37 0.17 0.73
CA ALA A 18 -0.34 -0.64 1.94
C ALA A 18 -1.34 -0.10 2.94
N GLU A 19 -1.55 1.21 2.93
CA GLU A 19 -2.54 1.83 3.78
C GLU A 19 -3.91 1.64 3.18
N GLU A 20 -3.91 1.45 1.87
CA GLU A 20 -5.09 1.15 1.13
C GLU A 20 -5.49 -0.29 1.36
N LEU A 21 -4.50 -1.14 1.52
CA LEU A 21 -4.75 -2.51 1.92
C LEU A 21 -4.85 -2.57 3.43
N ALA A 22 -4.84 -1.41 4.03
CA ALA A 22 -5.34 -1.27 5.37
C ALA A 22 -6.80 -0.89 5.27
N ALA A 23 -7.09 -0.03 4.28
CA ALA A 23 -8.45 0.45 4.05
C ALA A 23 -9.37 -0.66 3.54
N LYS A 24 -8.95 -1.37 2.49
CA LYS A 24 -9.74 -2.47 1.93
C LYS A 24 -9.96 -3.49 3.01
N TYR A 25 -8.87 -3.76 3.71
CA TYR A 25 -8.85 -4.72 4.78
C TYR A 25 -9.80 -4.37 5.90
N ARG A 26 -9.84 -3.09 6.26
CA ARG A 26 -10.82 -2.63 7.23
C ARG A 26 -12.23 -3.00 6.80
N ALA A 27 -12.43 -2.97 5.49
CA ALA A 27 -13.71 -3.32 4.90
C ALA A 27 -13.89 -4.84 4.85
N THR A 28 -12.79 -5.56 4.61
CA THR A 28 -12.82 -7.02 4.56
C THR A 28 -12.95 -7.62 5.94
N GLY A 29 -12.44 -6.90 6.92
CA GLY A 29 -12.32 -7.42 8.26
C GLY A 29 -10.95 -8.04 8.48
N THR A 30 -9.92 -7.22 8.18
CA THR A 30 -8.51 -7.64 8.10
C THR A 30 -8.30 -9.15 8.24
N ALA A 31 -8.68 -9.88 7.20
CA ALA A 31 -8.62 -11.33 7.22
C ALA A 31 -7.46 -11.91 6.38
N PRO A 32 -7.33 -11.56 5.08
CA PRO A 32 -6.36 -12.22 4.20
C PRO A 32 -4.90 -12.03 4.64
N LYS A 33 -4.50 -10.77 4.86
CA LYS A 33 -3.13 -10.45 5.27
C LYS A 33 -2.11 -11.12 4.36
N LYS A 34 -2.24 -10.82 3.08
CA LYS A 34 -1.42 -11.44 2.04
C LYS A 34 -1.69 -10.75 0.72
N ILE A 35 -0.96 -11.16 -0.31
CA ILE A 35 -1.32 -10.80 -1.67
C ILE A 35 -2.44 -11.71 -2.13
N LEU A 36 -3.58 -11.12 -2.38
CA LEU A 36 -4.79 -11.87 -2.67
C LEU A 36 -5.41 -11.38 -3.97
N GLY A 37 -6.64 -11.81 -4.25
CA GLY A 37 -7.29 -11.44 -5.48
C GLY A 37 -7.48 -9.94 -5.62
N ILE A 38 -7.56 -9.26 -4.50
CA ILE A 38 -7.74 -7.81 -4.49
C ILE A 38 -6.61 -7.16 -3.69
N PHE A 39 -5.74 -6.44 -4.39
CA PHE A 39 -4.57 -5.86 -3.76
C PHE A 39 -4.07 -4.67 -4.56
N GLU A 1 19.17 12.75 -5.18
CA GLU A 1 18.05 12.92 -4.23
C GLU A 1 16.75 13.19 -4.98
N GLU A 2 16.86 13.69 -6.21
CA GLU A 2 15.70 13.85 -7.07
C GLU A 2 15.04 12.51 -7.32
N LYS A 3 15.86 11.51 -7.63
CA LYS A 3 15.37 10.16 -7.83
C LYS A 3 14.81 9.61 -6.53
N ARG A 4 15.48 9.92 -5.42
CA ARG A 4 14.99 9.55 -4.10
C ARG A 4 13.55 10.01 -3.92
N ALA A 5 13.33 11.29 -4.14
CA ALA A 5 12.02 11.90 -3.99
C ALA A 5 11.01 11.28 -4.96
N MET A 6 11.51 10.90 -6.13
CA MET A 6 10.69 10.25 -7.14
C MET A 6 10.32 8.85 -6.71
N ILE A 7 11.30 8.14 -6.15
CA ILE A 7 11.09 6.80 -5.65
C ILE A 7 10.17 6.85 -4.46
N GLU A 8 10.32 7.89 -3.67
CA GLU A 8 9.52 8.07 -2.47
C GLU A 8 8.11 8.51 -2.83
N ALA A 9 7.94 9.02 -4.03
CA ALA A 9 6.61 9.32 -4.53
C ALA A 9 5.91 8.01 -4.87
N LYS A 10 6.71 6.99 -5.13
CA LYS A 10 6.20 5.67 -5.43
C LYS A 10 6.10 4.86 -4.16
N ARG A 11 7.03 5.07 -3.25
CA ARG A 11 6.89 4.60 -1.88
C ARG A 11 5.63 5.14 -1.31
N GLY A 12 5.44 6.44 -1.48
CA GLY A 12 4.26 7.09 -1.02
C GLY A 12 3.02 6.52 -1.65
N GLU A 13 3.14 6.23 -2.94
CA GLU A 13 2.06 5.62 -3.70
C GLU A 13 1.79 4.21 -3.20
N ASP A 14 2.86 3.49 -2.88
CA ASP A 14 2.77 2.11 -2.42
C ASP A 14 2.24 2.05 -1.01
N LEU A 15 2.64 3.00 -0.20
CA LEU A 15 2.16 3.10 1.16
C LEU A 15 0.71 3.55 1.16
N LEU A 16 0.40 4.41 0.20
CA LEU A 16 -0.97 4.84 -0.05
C LEU A 16 -1.81 3.68 -0.53
N LYS A 17 -1.14 2.76 -1.19
CA LYS A 17 -1.75 1.54 -1.66
C LYS A 17 -1.93 0.61 -0.49
N ALA A 18 -0.88 0.47 0.27
CA ALA A 18 -0.85 -0.44 1.38
C ALA A 18 -1.72 0.05 2.51
N GLU A 19 -1.99 1.34 2.52
CA GLU A 19 -2.91 1.92 3.48
C GLU A 19 -4.33 1.75 2.98
N GLU A 20 -4.44 1.67 1.68
CA GLU A 20 -5.68 1.45 1.00
C GLU A 20 -6.12 0.00 1.18
N LEU A 21 -5.18 -0.91 1.02
CA LEU A 21 -5.45 -2.29 1.29
C LEU A 21 -5.47 -2.51 2.78
N ALA A 22 -4.92 -1.57 3.51
CA ALA A 22 -5.06 -1.58 4.95
C ALA A 22 -6.48 -1.19 5.28
N ALA A 23 -7.00 -0.27 4.48
CA ALA A 23 -8.39 0.17 4.61
C ALA A 23 -9.34 -0.97 4.22
N LYS A 24 -8.88 -1.80 3.30
CA LYS A 24 -9.62 -2.98 2.90
C LYS A 24 -9.52 -4.06 3.96
N TYR A 25 -8.30 -4.44 4.22
CA TYR A 25 -7.99 -5.56 5.08
C TYR A 25 -8.39 -5.36 6.52
N ARG A 26 -8.51 -4.12 6.95
CA ARG A 26 -9.04 -3.83 8.27
C ARG A 26 -10.48 -4.32 8.36
N ALA A 27 -11.12 -4.43 7.20
CA ALA A 27 -12.48 -4.91 7.11
C ALA A 27 -12.49 -6.42 6.85
N THR A 28 -11.53 -6.88 6.06
CA THR A 28 -11.39 -8.30 5.76
C THR A 28 -11.00 -9.09 7.00
N GLY A 29 -10.46 -8.39 7.98
CA GLY A 29 -10.02 -9.02 9.19
C GLY A 29 -8.63 -9.57 9.05
N THR A 30 -7.77 -8.76 8.40
CA THR A 30 -6.39 -9.12 8.02
C THR A 30 -6.01 -10.58 8.29
N ALA A 31 -6.54 -11.47 7.48
CA ALA A 31 -6.29 -12.90 7.63
C ALA A 31 -5.00 -13.35 6.90
N PRO A 32 -4.83 -13.04 5.59
CA PRO A 32 -3.64 -13.49 4.86
C PRO A 32 -2.36 -12.80 5.33
N LYS A 33 -2.40 -11.47 5.38
CA LYS A 33 -1.26 -10.68 5.84
C LYS A 33 0.01 -11.06 5.10
N LYS A 34 -0.11 -11.15 3.80
CA LYS A 34 1.00 -11.48 2.93
C LYS A 34 1.28 -10.30 2.02
N ILE A 35 2.10 -10.48 1.00
CA ILE A 35 2.41 -9.43 0.03
C ILE A 35 1.14 -8.75 -0.49
N LEU A 36 0.39 -9.47 -1.35
CA LEU A 36 -0.83 -8.95 -1.98
C LEU A 36 -0.79 -7.44 -2.27
N GLY A 37 -1.50 -6.65 -1.48
CA GLY A 37 -1.46 -5.21 -1.68
C GLY A 37 -1.01 -4.45 -0.44
N ILE A 38 -0.53 -5.14 0.57
CA ILE A 38 -0.12 -4.48 1.81
C ILE A 38 1.40 -4.55 2.02
N PHE A 39 2.04 -5.56 1.43
CA PHE A 39 3.49 -5.70 1.43
C PHE A 39 4.09 -5.57 2.82
N GLU A 1 18.29 13.93 -4.52
CA GLU A 1 17.19 13.93 -3.53
C GLU A 1 15.85 14.21 -4.21
N GLU A 2 15.87 15.02 -5.26
CA GLU A 2 14.66 15.26 -6.03
C GLU A 2 14.12 13.96 -6.58
N LYS A 3 15.01 13.10 -7.04
CA LYS A 3 14.63 11.79 -7.52
C LYS A 3 14.15 10.92 -6.37
N ARG A 4 14.78 11.07 -5.20
CA ARG A 4 14.33 10.39 -4.00
C ARG A 4 12.84 10.62 -3.80
N ALA A 5 12.46 11.87 -3.88
CA ALA A 5 11.07 12.29 -3.72
C ALA A 5 10.18 11.68 -4.79
N MET A 6 10.75 11.44 -5.97
CA MET A 6 10.01 10.79 -7.05
C MET A 6 9.86 9.31 -6.76
N ILE A 7 10.91 8.75 -6.20
CA ILE A 7 10.94 7.35 -5.84
C ILE A 7 9.99 7.12 -4.68
N GLU A 8 9.96 8.06 -3.76
CA GLU A 8 9.09 7.96 -2.60
C GLU A 8 7.70 8.49 -2.92
N ALA A 9 7.51 8.93 -4.14
CA ALA A 9 6.18 9.18 -4.64
C ALA A 9 5.61 7.88 -5.16
N LYS A 10 6.49 6.91 -5.33
CA LYS A 10 6.13 5.57 -5.75
C LYS A 10 6.10 4.64 -4.55
N ARG A 11 7.14 4.72 -3.73
CA ARG A 11 7.12 4.04 -2.45
C ARG A 11 6.01 4.59 -1.60
N GLY A 12 5.87 5.90 -1.64
CA GLY A 12 4.81 6.56 -0.95
C GLY A 12 3.47 6.13 -1.47
N GLU A 13 3.43 5.90 -2.79
CA GLU A 13 2.23 5.42 -3.45
C GLU A 13 1.96 3.97 -3.08
N ASP A 14 3.04 3.21 -2.94
CA ASP A 14 2.96 1.80 -2.61
C ASP A 14 2.59 1.60 -1.16
N LEU A 15 3.09 2.48 -0.33
CA LEU A 15 2.74 2.53 1.08
C LEU A 15 1.32 3.03 1.22
N LEU A 16 0.97 3.95 0.34
CA LEU A 16 -0.39 4.45 0.22
C LEU A 16 -1.31 3.35 -0.25
N LYS A 17 -0.73 2.42 -0.97
CA LYS A 17 -1.42 1.24 -1.42
C LYS A 17 -1.52 0.27 -0.28
N ALA A 18 -0.45 0.18 0.47
CA ALA A 18 -0.38 -0.72 1.61
C ALA A 18 -1.31 -0.26 2.71
N GLU A 19 -1.46 1.04 2.83
CA GLU A 19 -2.38 1.63 3.78
C GLU A 19 -3.79 1.50 3.23
N GLU A 20 -3.84 1.29 1.93
CA GLU A 20 -5.08 1.02 1.25
C GLU A 20 -5.47 -0.43 1.45
N LEU A 21 -4.49 -1.30 1.55
CA LEU A 21 -4.75 -2.68 1.95
C LEU A 21 -4.91 -2.73 3.46
N ALA A 22 -4.81 -1.57 4.06
CA ALA A 22 -5.25 -1.38 5.42
C ALA A 22 -6.69 -0.90 5.36
N ALA A 23 -6.96 0.00 4.40
CA ALA A 23 -8.28 0.57 4.22
C ALA A 23 -9.29 -0.48 3.76
N LYS A 24 -8.94 -1.23 2.71
CA LYS A 24 -9.82 -2.29 2.21
C LYS A 24 -10.07 -3.27 3.31
N TYR A 25 -8.99 -3.59 3.98
CA TYR A 25 -8.97 -4.61 5.00
C TYR A 25 -9.81 -4.26 6.23
N ARG A 26 -9.91 -2.98 6.53
CA ARG A 26 -10.85 -2.52 7.53
C ARG A 26 -12.25 -2.96 7.18
N ALA A 27 -12.52 -3.02 5.89
CA ALA A 27 -13.79 -3.48 5.38
C ALA A 27 -13.82 -5.00 5.19
N THR A 28 -12.68 -5.57 4.80
CA THR A 28 -12.55 -7.00 4.60
C THR A 28 -12.65 -7.75 5.93
N GLY A 29 -12.41 -7.02 6.99
CA GLY A 29 -12.39 -7.61 8.31
C GLY A 29 -11.05 -8.23 8.63
N THR A 30 -10.00 -7.46 8.30
CA THR A 30 -8.59 -7.90 8.33
C THR A 30 -8.40 -9.39 8.63
N ALA A 31 -8.81 -10.22 7.68
CA ALA A 31 -8.75 -11.66 7.85
C ALA A 31 -7.70 -12.34 6.95
N PRO A 32 -7.74 -12.16 5.61
CA PRO A 32 -6.81 -12.87 4.71
C PRO A 32 -5.35 -12.49 4.93
N LYS A 33 -5.09 -11.21 5.10
CA LYS A 33 -3.74 -10.67 5.19
C LYS A 33 -2.91 -11.16 4.02
N LYS A 34 -3.36 -10.73 2.88
CA LYS A 34 -2.81 -11.13 1.60
C LYS A 34 -2.60 -9.91 0.75
N ILE A 35 -1.46 -9.81 0.10
CA ILE A 35 -1.28 -8.81 -0.92
C ILE A 35 -2.16 -9.18 -2.11
N LEU A 36 -3.17 -8.35 -2.33
CA LEU A 36 -4.24 -8.65 -3.28
C LEU A 36 -3.76 -8.63 -4.72
N GLY A 37 -4.65 -9.05 -5.61
CA GLY A 37 -4.40 -8.94 -7.03
C GLY A 37 -5.26 -7.87 -7.63
N ILE A 38 -5.58 -6.88 -6.82
CA ILE A 38 -6.45 -5.78 -7.21
C ILE A 38 -6.38 -4.67 -6.17
N PHE A 39 -5.96 -3.49 -6.59
CA PHE A 39 -5.85 -2.37 -5.66
C PHE A 39 -6.63 -1.19 -6.21
N GLU A 1 17.53 15.20 -4.88
CA GLU A 1 16.52 14.86 -3.85
C GLU A 1 15.13 14.75 -4.49
N GLU A 2 14.94 15.44 -5.61
CA GLU A 2 13.70 15.31 -6.37
C GLU A 2 13.50 13.87 -6.80
N LYS A 3 14.57 13.23 -7.26
CA LYS A 3 14.53 11.81 -7.59
C LYS A 3 14.17 11.00 -6.35
N ARG A 4 14.80 11.32 -5.23
CA ARG A 4 14.47 10.69 -3.95
C ARG A 4 12.98 10.77 -3.69
N ALA A 5 12.46 11.99 -3.73
CA ALA A 5 11.05 12.24 -3.49
C ALA A 5 10.17 11.58 -4.56
N MET A 6 10.73 11.41 -5.74
CA MET A 6 10.04 10.74 -6.82
C MET A 6 10.00 9.24 -6.56
N ILE A 7 11.05 8.75 -5.93
CA ILE A 7 11.09 7.36 -5.51
C ILE A 7 10.10 7.14 -4.39
N GLU A 8 9.98 8.13 -3.52
CA GLU A 8 9.03 8.08 -2.43
C GLU A 8 7.65 8.50 -2.88
N ALA A 9 7.53 8.80 -4.16
CA ALA A 9 6.23 8.94 -4.78
C ALA A 9 5.78 7.56 -5.26
N LYS A 10 6.74 6.66 -5.32
CA LYS A 10 6.48 5.28 -5.70
C LYS A 10 6.35 4.44 -4.45
N ARG A 11 7.28 4.62 -3.54
CA ARG A 11 7.16 4.05 -2.22
C ARG A 11 5.98 4.67 -1.52
N GLY A 12 5.82 5.96 -1.76
CA GLY A 12 4.67 6.66 -1.26
C GLY A 12 3.40 6.09 -1.83
N GLU A 13 3.48 5.72 -3.11
CA GLU A 13 2.37 5.08 -3.80
C GLU A 13 2.12 3.70 -3.22
N ASP A 14 3.20 3.02 -2.85
CA ASP A 14 3.13 1.67 -2.32
C ASP A 14 2.64 1.68 -0.89
N LEU A 15 3.02 2.71 -0.16
CA LEU A 15 2.54 2.94 1.18
C LEU A 15 1.09 3.40 1.13
N LEU A 16 0.79 4.14 0.08
CA LEU A 16 -0.57 4.57 -0.23
C LEU A 16 -1.41 3.35 -0.59
N LYS A 17 -0.75 2.40 -1.21
CA LYS A 17 -1.35 1.13 -1.54
C LYS A 17 -1.55 0.34 -0.28
N ALA A 18 -0.51 0.32 0.53
CA ALA A 18 -0.52 -0.41 1.76
C ALA A 18 -1.55 0.16 2.72
N GLU A 19 -1.74 1.47 2.64
CA GLU A 19 -2.74 2.13 3.47
C GLU A 19 -4.11 1.84 2.91
N GLU A 20 -4.14 1.55 1.62
CA GLU A 20 -5.34 1.18 0.93
C GLU A 20 -5.74 -0.24 1.25
N LEU A 21 -4.77 -1.14 1.28
CA LEU A 21 -5.04 -2.49 1.72
C LEU A 21 -5.34 -2.46 3.20
N ALA A 22 -4.83 -1.44 3.86
CA ALA A 22 -5.17 -1.22 5.24
C ALA A 22 -6.60 -0.72 5.33
N ALA A 23 -6.98 0.06 4.33
CA ALA A 23 -8.33 0.59 4.23
C ALA A 23 -9.33 -0.51 3.88
N LYS A 24 -8.86 -1.56 3.22
CA LYS A 24 -9.70 -2.70 2.91
C LYS A 24 -9.72 -3.66 4.08
N TYR A 25 -8.52 -4.08 4.43
CA TYR A 25 -8.31 -5.13 5.43
C TYR A 25 -8.74 -4.72 6.83
N ARG A 26 -8.85 -3.42 7.08
CA ARG A 26 -9.46 -2.94 8.31
C ARG A 26 -10.86 -3.51 8.45
N ALA A 27 -11.42 -3.88 7.31
CA ALA A 27 -12.70 -4.53 7.24
C ALA A 27 -12.50 -5.97 6.79
N THR A 28 -12.55 -6.88 7.76
CA THR A 28 -12.34 -8.30 7.52
C THR A 28 -13.19 -8.83 6.35
N GLY A 29 -14.41 -8.33 6.24
CA GLY A 29 -15.29 -8.74 5.16
C GLY A 29 -14.77 -8.31 3.81
N THR A 30 -14.05 -7.20 3.79
CA THR A 30 -13.48 -6.66 2.56
C THR A 30 -12.18 -7.35 2.21
N ALA A 31 -11.62 -8.04 3.19
CA ALA A 31 -10.30 -8.63 3.06
C ALA A 31 -10.34 -9.98 2.38
N PRO A 32 -9.72 -10.11 1.19
CA PRO A 32 -9.57 -11.40 0.52
C PRO A 32 -8.53 -12.30 1.20
N LYS A 33 -7.68 -11.66 2.01
CA LYS A 33 -6.65 -12.36 2.77
C LYS A 33 -5.69 -13.09 1.87
N LYS A 34 -5.13 -12.32 0.96
CA LYS A 34 -4.18 -12.82 -0.01
C LYS A 34 -3.59 -11.66 -0.79
N ILE A 35 -2.62 -11.95 -1.65
CA ILE A 35 -2.20 -10.97 -2.62
C ILE A 35 -3.27 -10.85 -3.69
N LEU A 36 -3.69 -9.63 -3.96
CA LEU A 36 -4.82 -9.40 -4.80
C LEU A 36 -4.42 -8.54 -6.00
N GLY A 37 -5.40 -8.20 -6.83
CA GLY A 37 -5.14 -7.44 -8.04
C GLY A 37 -4.40 -6.15 -7.76
N ILE A 38 -4.95 -5.35 -6.86
CA ILE A 38 -4.29 -4.12 -6.46
C ILE A 38 -3.30 -4.44 -5.33
N PHE A 39 -2.06 -4.70 -5.73
CA PHE A 39 -1.03 -5.12 -4.80
C PHE A 39 0.32 -5.17 -5.52
N GLU A 1 19.53 11.27 -4.10
CA GLU A 1 18.36 12.11 -3.76
C GLU A 1 17.76 12.70 -5.02
N GLU A 2 16.70 13.52 -4.85
CA GLU A 2 15.94 14.08 -5.97
C GLU A 2 15.15 12.98 -6.67
N LYS A 3 15.86 12.01 -7.22
CA LYS A 3 15.22 10.80 -7.70
C LYS A 3 14.57 10.10 -6.52
N ARG A 4 15.19 10.22 -5.34
CA ARG A 4 14.61 9.72 -4.12
C ARG A 4 13.18 10.18 -3.98
N ALA A 5 12.97 11.47 -4.09
CA ALA A 5 11.65 12.06 -3.94
C ALA A 5 10.69 11.54 -5.00
N MET A 6 11.23 11.16 -6.14
CA MET A 6 10.42 10.63 -7.23
C MET A 6 10.08 9.17 -6.94
N ILE A 7 11.04 8.48 -6.35
CA ILE A 7 10.86 7.10 -5.96
C ILE A 7 9.96 7.03 -4.75
N GLU A 8 10.08 8.03 -3.90
CA GLU A 8 9.34 8.10 -2.66
C GLU A 8 7.93 8.58 -2.90
N ALA A 9 7.67 9.00 -4.12
CA ALA A 9 6.31 9.26 -4.56
C ALA A 9 5.67 7.97 -4.98
N LYS A 10 6.50 6.97 -5.19
CA LYS A 10 6.06 5.63 -5.54
C LYS A 10 6.07 4.75 -4.31
N ARG A 11 7.05 4.93 -3.45
CA ARG A 11 7.00 4.36 -2.13
C ARG A 11 5.84 4.95 -1.38
N GLY A 12 5.67 6.26 -1.55
CA GLY A 12 4.55 6.94 -0.98
C GLY A 12 3.25 6.47 -1.56
N GLU A 13 3.31 6.02 -2.80
CA GLU A 13 2.15 5.46 -3.48
C GLU A 13 1.92 4.02 -3.00
N ASP A 14 3.00 3.32 -2.72
CA ASP A 14 2.95 1.94 -2.29
C ASP A 14 2.54 1.83 -0.84
N LEU A 15 3.01 2.75 -0.04
CA LEU A 15 2.61 2.85 1.36
C LEU A 15 1.16 3.27 1.41
N LEU A 16 0.79 4.12 0.46
CA LEU A 16 -0.57 4.52 0.25
C LEU A 16 -1.42 3.34 -0.19
N LYS A 17 -0.81 2.51 -1.00
CA LYS A 17 -1.41 1.28 -1.48
C LYS A 17 -1.60 0.34 -0.33
N ALA A 18 -0.61 0.31 0.52
CA ALA A 18 -0.61 -0.54 1.68
C ALA A 18 -1.63 -0.06 2.68
N GLU A 19 -1.83 1.24 2.72
CA GLU A 19 -2.80 1.83 3.63
C GLU A 19 -4.18 1.68 3.03
N GLU A 20 -4.21 1.63 1.72
CA GLU A 20 -5.39 1.37 0.95
C GLU A 20 -5.84 -0.06 1.17
N LEU A 21 -4.87 -0.95 1.17
CA LEU A 21 -5.12 -2.33 1.50
C LEU A 21 -5.46 -2.42 2.95
N ALA A 22 -4.84 -1.58 3.75
CA ALA A 22 -5.16 -1.52 5.16
C ALA A 22 -6.62 -1.14 5.30
N ALA A 23 -7.07 -0.25 4.43
CA ALA A 23 -8.46 0.17 4.41
C ALA A 23 -9.37 -0.97 3.99
N LYS A 24 -8.95 -1.72 2.97
CA LYS A 24 -9.74 -2.86 2.48
C LYS A 24 -9.78 -3.94 3.53
N TYR A 25 -8.62 -4.23 4.03
CA TYR A 25 -8.40 -5.27 5.00
C TYR A 25 -9.18 -5.01 6.27
N ARG A 26 -9.13 -3.78 6.76
CA ARG A 26 -9.96 -3.36 7.88
C ARG A 26 -11.44 -3.59 7.59
N ALA A 27 -11.82 -3.37 6.35
CA ALA A 27 -13.19 -3.56 5.92
C ALA A 27 -13.54 -5.05 5.85
N THR A 28 -12.53 -5.87 5.63
CA THR A 28 -12.71 -7.31 5.62
C THR A 28 -12.26 -7.93 6.93
N GLY A 29 -12.28 -7.10 7.97
CA GLY A 29 -11.77 -7.50 9.26
C GLY A 29 -10.27 -7.27 9.32
N THR A 30 -9.53 -8.26 8.87
CA THR A 30 -8.11 -8.14 8.62
C THR A 30 -7.68 -9.22 7.64
N ALA A 31 -7.85 -8.89 6.37
CA ALA A 31 -7.54 -9.80 5.27
C ALA A 31 -6.12 -10.37 5.38
N PRO A 32 -5.86 -11.55 4.75
CA PRO A 32 -4.59 -12.30 4.76
C PRO A 32 -3.31 -11.49 5.01
N LYS A 33 -3.21 -10.32 4.39
CA LYS A 33 -1.99 -9.52 4.45
C LYS A 33 -0.88 -10.19 3.66
N LYS A 34 -1.16 -10.40 2.41
CA LYS A 34 -0.23 -11.03 1.48
C LYS A 34 -0.76 -10.82 0.07
N ILE A 35 0.00 -11.23 -0.94
CA ILE A 35 -0.44 -11.09 -2.31
C ILE A 35 -1.62 -12.02 -2.59
N LEU A 36 -2.80 -11.48 -2.40
CA LEU A 36 -4.03 -12.21 -2.59
C LEU A 36 -4.78 -11.66 -3.82
N GLY A 37 -6.02 -12.10 -4.01
CA GLY A 37 -6.77 -11.72 -5.19
C GLY A 37 -7.31 -10.29 -5.14
N ILE A 38 -6.72 -9.47 -4.31
CA ILE A 38 -7.09 -8.07 -4.20
C ILE A 38 -5.96 -7.29 -3.53
N PHE A 39 -5.04 -6.81 -4.33
CA PHE A 39 -3.86 -6.16 -3.81
C PHE A 39 -3.60 -4.88 -4.60
N GLU A 1 18.78 12.67 -4.59
CA GLU A 1 17.69 12.91 -3.62
C GLU A 1 16.38 13.21 -4.36
N GLU A 2 16.46 13.97 -5.44
CA GLU A 2 15.28 14.24 -6.26
C GLU A 2 14.71 12.93 -6.79
N LYS A 3 15.60 12.04 -7.21
CA LYS A 3 15.19 10.70 -7.58
C LYS A 3 14.62 9.99 -6.37
N ARG A 4 15.30 10.10 -5.23
CA ARG A 4 14.85 9.49 -4.00
C ARG A 4 13.41 9.88 -3.68
N ALA A 5 13.16 11.17 -3.64
CA ALA A 5 11.83 11.70 -3.39
C ALA A 5 10.84 11.24 -4.45
N MET A 6 11.31 11.14 -5.68
CA MET A 6 10.50 10.62 -6.78
C MET A 6 10.17 9.15 -6.55
N ILE A 7 11.15 8.42 -6.04
CA ILE A 7 10.98 7.02 -5.75
C ILE A 7 10.04 6.87 -4.55
N GLU A 8 10.19 7.77 -3.58
CA GLU A 8 9.34 7.73 -2.41
C GLU A 8 8.00 8.38 -2.66
N ALA A 9 7.82 8.89 -3.86
CA ALA A 9 6.51 9.29 -4.31
C ALA A 9 5.77 8.06 -4.81
N LYS A 10 6.55 7.07 -5.22
CA LYS A 10 6.02 5.81 -5.69
C LYS A 10 5.91 4.84 -4.54
N ARG A 11 6.89 4.87 -3.65
CA ARG A 11 6.77 4.20 -2.38
C ARG A 11 5.65 4.84 -1.60
N GLY A 12 5.55 6.15 -1.76
CA GLY A 12 4.46 6.88 -1.18
C GLY A 12 3.12 6.40 -1.72
N GLU A 13 3.09 6.11 -3.02
CA GLU A 13 1.91 5.58 -3.67
C GLU A 13 1.70 4.12 -3.28
N ASP A 14 2.79 3.44 -3.01
CA ASP A 14 2.77 2.04 -2.62
C ASP A 14 2.34 1.90 -1.18
N LEU A 15 2.69 2.88 -0.39
CA LEU A 15 2.27 2.96 1.00
C LEU A 15 0.85 3.50 1.07
N LEU A 16 0.48 4.24 0.04
CA LEU A 16 -0.88 4.67 -0.16
C LEU A 16 -1.71 3.49 -0.60
N LYS A 17 -1.07 2.59 -1.31
CA LYS A 17 -1.63 1.31 -1.65
C LYS A 17 -1.74 0.48 -0.40
N ALA A 18 -0.70 0.56 0.40
CA ALA A 18 -0.62 -0.20 1.63
C ALA A 18 -1.61 0.35 2.66
N GLU A 19 -1.94 1.62 2.53
CA GLU A 19 -2.94 2.23 3.39
C GLU A 19 -4.32 1.88 2.86
N GLU A 20 -4.33 1.55 1.58
CA GLU A 20 -5.50 1.07 0.91
C GLU A 20 -5.73 -0.40 1.27
N LEU A 21 -4.64 -1.15 1.37
CA LEU A 21 -4.71 -2.49 1.91
C LEU A 21 -4.64 -2.43 3.42
N ALA A 22 -4.74 -1.23 3.94
CA ALA A 22 -5.07 -1.03 5.32
C ALA A 22 -6.58 -0.85 5.40
N ALA A 23 -7.08 -0.08 4.43
CA ALA A 23 -8.51 0.22 4.36
C ALA A 23 -9.32 -1.01 3.97
N LYS A 24 -8.79 -1.82 3.08
CA LYS A 24 -9.41 -3.07 2.70
C LYS A 24 -9.27 -4.09 3.79
N TYR A 25 -8.08 -4.13 4.35
CA TYR A 25 -7.74 -5.09 5.38
C TYR A 25 -8.60 -4.95 6.60
N ARG A 26 -8.73 -3.73 7.11
CA ARG A 26 -9.56 -3.45 8.29
C ARG A 26 -10.95 -4.06 8.12
N ALA A 27 -11.34 -4.24 6.87
CA ALA A 27 -12.61 -4.86 6.54
C ALA A 27 -12.42 -6.36 6.30
N THR A 28 -11.84 -6.69 5.16
CA THR A 28 -11.73 -8.08 4.73
C THR A 28 -10.33 -8.66 4.90
N GLY A 29 -9.35 -7.93 4.37
CA GLY A 29 -8.01 -8.46 4.21
C GLY A 29 -7.32 -8.88 5.48
N THR A 30 -7.85 -8.51 6.63
CA THR A 30 -7.22 -8.85 7.90
C THR A 30 -7.34 -10.34 8.20
N ALA A 31 -8.15 -11.04 7.42
CA ALA A 31 -8.27 -12.49 7.57
C ALA A 31 -7.15 -13.22 6.80
N PRO A 32 -7.03 -13.04 5.47
CA PRO A 32 -5.94 -13.67 4.71
C PRO A 32 -4.56 -13.24 5.17
N LYS A 33 -4.35 -11.92 5.30
CA LYS A 33 -3.07 -11.36 5.74
C LYS A 33 -1.91 -11.90 4.90
N LYS A 34 -1.82 -11.39 3.69
CA LYS A 34 -0.81 -11.85 2.74
C LYS A 34 -0.80 -10.93 1.53
N ILE A 35 0.16 -11.14 0.63
CA ILE A 35 0.13 -10.48 -0.65
C ILE A 35 -1.03 -11.04 -1.46
N LEU A 36 -2.09 -10.27 -1.50
CA LEU A 36 -3.34 -10.69 -2.13
C LEU A 36 -3.27 -10.56 -3.64
N GLY A 37 -4.39 -10.86 -4.29
CA GLY A 37 -4.49 -10.65 -5.72
C GLY A 37 -4.25 -9.21 -6.07
N ILE A 38 -4.81 -8.32 -5.26
CA ILE A 38 -4.57 -6.90 -5.37
C ILE A 38 -3.72 -6.46 -4.18
N PHE A 39 -2.42 -6.37 -4.42
CA PHE A 39 -1.46 -6.04 -3.36
C PHE A 39 -0.07 -5.94 -3.99
N GLU A 1 18.30 13.63 -3.80
CA GLU A 1 17.13 13.65 -2.89
C GLU A 1 15.85 13.97 -3.65
N GLU A 2 15.94 14.81 -4.68
CA GLU A 2 14.76 15.12 -5.48
C GLU A 2 14.27 13.87 -6.19
N LYS A 3 15.20 13.03 -6.60
CA LYS A 3 14.84 11.73 -7.13
C LYS A 3 14.29 10.84 -6.02
N ARG A 4 14.90 10.93 -4.83
CA ARG A 4 14.42 10.19 -3.67
C ARG A 4 12.94 10.43 -3.44
N ALA A 5 12.60 11.71 -3.34
CA ALA A 5 11.22 12.11 -3.11
C ALA A 5 10.31 11.65 -4.24
N MET A 6 10.86 11.59 -5.44
CA MET A 6 10.13 11.10 -6.61
C MET A 6 9.95 9.59 -6.51
N ILE A 7 10.95 8.93 -5.97
CA ILE A 7 10.89 7.49 -5.76
C ILE A 7 9.92 7.19 -4.62
N GLU A 8 9.86 8.10 -3.66
CA GLU A 8 8.92 7.98 -2.55
C GLU A 8 7.56 8.49 -2.95
N ALA A 9 7.43 8.92 -4.18
CA ALA A 9 6.13 9.16 -4.75
C ALA A 9 5.59 7.86 -5.28
N LYS A 10 6.48 6.90 -5.41
CA LYS A 10 6.15 5.56 -5.84
C LYS A 10 6.09 4.63 -4.64
N ARG A 11 7.11 4.69 -3.80
CA ARG A 11 7.08 4.00 -2.54
C ARG A 11 5.97 4.56 -1.69
N GLY A 12 5.82 5.87 -1.77
CA GLY A 12 4.76 6.52 -1.06
C GLY A 12 3.41 6.10 -1.58
N GLU A 13 3.34 5.90 -2.89
CA GLU A 13 2.12 5.45 -3.54
C GLU A 13 1.86 3.98 -3.20
N ASP A 14 2.93 3.22 -3.07
CA ASP A 14 2.84 1.79 -2.77
C ASP A 14 2.54 1.57 -1.31
N LEU A 15 3.08 2.42 -0.47
CA LEU A 15 2.77 2.42 0.94
C LEU A 15 1.34 2.90 1.14
N LEU A 16 0.95 3.82 0.28
CA LEU A 16 -0.41 4.31 0.19
C LEU A 16 -1.33 3.21 -0.30
N LYS A 17 -0.77 2.33 -1.09
CA LYS A 17 -1.46 1.18 -1.61
C LYS A 17 -1.59 0.15 -0.50
N ALA A 18 -0.50 -0.02 0.21
CA ALA A 18 -0.44 -0.97 1.29
C ALA A 18 -1.31 -0.49 2.44
N GLU A 19 -1.44 0.82 2.56
CA GLU A 19 -2.30 1.40 3.56
C GLU A 19 -3.73 1.38 3.05
N GLU A 20 -3.84 1.31 1.74
CA GLU A 20 -5.11 1.15 1.08
C GLU A 20 -5.65 -0.25 1.30
N LEU A 21 -4.76 -1.23 1.22
CA LEU A 21 -5.13 -2.59 1.56
C LEU A 21 -5.44 -2.65 3.03
N ALA A 22 -4.82 -1.77 3.77
CA ALA A 22 -5.13 -1.63 5.17
C ALA A 22 -6.51 -1.01 5.30
N ALA A 23 -6.78 -0.05 4.43
CA ALA A 23 -8.07 0.64 4.41
C ALA A 23 -9.19 -0.30 4.00
N LYS A 24 -8.93 -1.17 3.02
CA LYS A 24 -9.90 -2.16 2.61
C LYS A 24 -10.16 -3.10 3.75
N TYR A 25 -9.07 -3.58 4.29
CA TYR A 25 -9.09 -4.60 5.31
C TYR A 25 -9.58 -4.10 6.65
N ARG A 26 -9.48 -2.80 6.90
CA ARG A 26 -10.17 -2.21 8.04
C ARG A 26 -11.66 -2.49 7.94
N ALA A 27 -12.13 -2.56 6.71
CA ALA A 27 -13.54 -2.81 6.44
C ALA A 27 -13.82 -4.30 6.27
N THR A 28 -12.94 -5.00 5.55
CA THR A 28 -13.12 -6.41 5.26
C THR A 28 -12.76 -7.31 6.44
N GLY A 29 -11.81 -6.85 7.23
CA GLY A 29 -11.27 -7.64 8.29
C GLY A 29 -9.79 -7.90 8.07
N THR A 30 -8.96 -7.26 8.88
CA THR A 30 -7.51 -7.35 8.73
C THR A 30 -6.99 -8.70 9.20
N ALA A 31 -7.43 -9.75 8.56
CA ALA A 31 -7.05 -11.10 8.93
C ALA A 31 -5.71 -11.52 8.32
N PRO A 32 -5.53 -11.47 6.97
CA PRO A 32 -4.27 -11.88 6.36
C PRO A 32 -3.12 -10.93 6.67
N LYS A 33 -3.35 -9.64 6.40
CA LYS A 33 -2.36 -8.58 6.62
C LYS A 33 -0.99 -9.00 6.14
N LYS A 34 -0.89 -9.18 4.84
CA LYS A 34 0.32 -9.62 4.18
C LYS A 34 0.18 -9.45 2.69
N ILE A 35 1.22 -9.77 1.95
CA ILE A 35 1.11 -9.85 0.50
C ILE A 35 0.36 -11.11 0.13
N LEU A 36 -0.95 -10.97 0.05
CA LEU A 36 -1.83 -12.09 -0.18
C LEU A 36 -2.30 -12.10 -1.63
N GLY A 37 -3.23 -12.99 -1.95
CA GLY A 37 -3.72 -13.12 -3.31
C GLY A 37 -4.22 -11.81 -3.88
N ILE A 38 -4.97 -11.06 -3.09
CA ILE A 38 -5.44 -9.75 -3.51
C ILE A 38 -4.68 -8.68 -2.74
N PHE A 39 -3.87 -7.91 -3.46
CA PHE A 39 -3.07 -6.88 -2.85
C PHE A 39 -2.72 -5.82 -3.89
N GLU A 1 18.27 13.71 -4.62
CA GLU A 1 17.20 13.80 -3.60
C GLU A 1 15.85 14.12 -4.25
N GLU A 2 15.86 14.89 -5.32
CA GLU A 2 14.64 15.17 -6.07
C GLU A 2 14.07 13.88 -6.64
N LYS A 3 14.95 13.08 -7.22
CA LYS A 3 14.56 11.77 -7.70
C LYS A 3 14.10 10.91 -6.54
N ARG A 4 14.79 11.02 -5.41
CA ARG A 4 14.39 10.36 -4.18
C ARG A 4 12.93 10.62 -3.88
N ALA A 5 12.57 11.89 -3.89
CA ALA A 5 11.20 12.31 -3.65
C ALA A 5 10.24 11.71 -4.68
N MET A 6 10.75 11.48 -5.88
CA MET A 6 9.96 10.84 -6.93
C MET A 6 9.84 9.36 -6.65
N ILE A 7 10.92 8.79 -6.15
CA ILE A 7 10.94 7.38 -5.80
C ILE A 7 10.03 7.14 -4.60
N GLU A 8 10.02 8.09 -3.69
CA GLU A 8 9.16 8.00 -2.53
C GLU A 8 7.75 8.48 -2.83
N ALA A 9 7.54 8.90 -4.06
CA ALA A 9 6.20 9.13 -4.55
C ALA A 9 5.67 7.83 -5.12
N LYS A 10 6.57 6.87 -5.24
CA LYS A 10 6.23 5.53 -5.66
C LYS A 10 6.16 4.62 -4.46
N ARG A 11 7.18 4.69 -3.61
CA ARG A 11 7.14 4.02 -2.33
C ARG A 11 6.01 4.58 -1.52
N GLY A 12 5.89 5.89 -1.55
CA GLY A 12 4.81 6.55 -0.87
C GLY A 12 3.48 6.11 -1.41
N GLU A 13 3.44 5.87 -2.71
CA GLU A 13 2.24 5.41 -3.38
C GLU A 13 1.96 3.96 -3.03
N ASP A 14 3.03 3.19 -2.89
CA ASP A 14 2.93 1.77 -2.57
C ASP A 14 2.53 1.58 -1.13
N LEU A 15 3.13 2.38 -0.27
CA LEU A 15 2.78 2.39 1.13
C LEU A 15 1.36 2.89 1.28
N LEU A 16 1.00 3.81 0.41
CA LEU A 16 -0.35 4.34 0.33
C LEU A 16 -1.32 3.27 -0.16
N LYS A 17 -0.80 2.42 -1.02
CA LYS A 17 -1.54 1.31 -1.58
C LYS A 17 -1.72 0.24 -0.54
N ALA A 18 -0.64 -0.02 0.16
CA ALA A 18 -0.63 -1.03 1.19
C ALA A 18 -1.46 -0.58 2.36
N GLU A 19 -1.50 0.73 2.58
CA GLU A 19 -2.33 1.29 3.61
C GLU A 19 -3.76 1.37 3.12
N GLU A 20 -3.89 1.36 1.81
CA GLU A 20 -5.17 1.26 1.17
C GLU A 20 -5.71 -0.14 1.30
N LEU A 21 -4.83 -1.11 1.26
CA LEU A 21 -5.21 -2.47 1.58
C LEU A 21 -5.61 -2.54 3.03
N ALA A 22 -5.02 -1.67 3.82
CA ALA A 22 -5.42 -1.53 5.20
C ALA A 22 -6.76 -0.82 5.26
N ALA A 23 -6.98 0.08 4.32
CA ALA A 23 -8.25 0.79 4.21
C ALA A 23 -9.36 -0.11 3.70
N LYS A 24 -8.99 -1.12 2.92
CA LYS A 24 -9.94 -2.13 2.48
C LYS A 24 -10.14 -3.12 3.60
N TYR A 25 -9.04 -3.64 4.06
CA TYR A 25 -9.01 -4.74 5.01
C TYR A 25 -9.49 -4.34 6.39
N ARG A 26 -9.50 -3.05 6.69
CA ARG A 26 -10.14 -2.58 7.91
C ARG A 26 -11.62 -2.98 7.90
N ALA A 27 -12.12 -3.23 6.70
CA ALA A 27 -13.48 -3.71 6.51
C ALA A 27 -13.50 -5.22 6.31
N THR A 28 -12.47 -5.76 5.66
CA THR A 28 -12.37 -7.18 5.36
C THR A 28 -12.03 -7.99 6.61
N GLY A 29 -11.46 -7.32 7.59
CA GLY A 29 -11.09 -7.98 8.82
C GLY A 29 -9.62 -8.36 8.86
N THR A 30 -8.79 -7.43 8.35
CA THR A 30 -7.33 -7.58 8.21
C THR A 30 -6.79 -8.95 8.63
N ALA A 31 -6.98 -9.94 7.77
CA ALA A 31 -6.58 -11.30 8.09
C ALA A 31 -5.15 -11.62 7.63
N PRO A 32 -4.82 -11.63 6.32
CA PRO A 32 -3.50 -12.05 5.86
C PRO A 32 -2.42 -10.97 6.01
N LYS A 33 -2.68 -9.76 5.51
CA LYS A 33 -1.68 -8.69 5.49
C LYS A 33 -0.39 -9.18 4.85
N LYS A 34 -0.52 -9.58 3.61
CA LYS A 34 0.58 -10.16 2.87
C LYS A 34 0.37 -9.90 1.39
N ILE A 35 1.34 -10.27 0.58
CA ILE A 35 1.19 -10.19 -0.87
C ILE A 35 0.27 -11.30 -1.34
N LEU A 36 -1.01 -10.99 -1.40
CA LEU A 36 -2.01 -11.94 -1.80
C LEU A 36 -2.67 -11.47 -3.09
N GLY A 37 -3.74 -12.14 -3.50
CA GLY A 37 -4.37 -11.88 -4.79
C GLY A 37 -5.18 -10.60 -4.83
N ILE A 38 -4.57 -9.51 -4.40
CA ILE A 38 -5.15 -8.19 -4.52
C ILE A 38 -4.05 -7.13 -4.29
N PHE A 39 -3.08 -7.15 -5.19
CA PHE A 39 -1.91 -6.29 -5.09
C PHE A 39 -1.39 -5.93 -6.47
N GLU A 1 18.26 14.24 -4.43
CA GLU A 1 16.99 14.18 -3.66
C GLU A 1 15.78 14.15 -4.58
N GLU A 2 15.88 14.78 -5.74
CA GLU A 2 14.79 14.75 -6.72
C GLU A 2 14.43 13.32 -7.06
N LYS A 3 15.44 12.50 -7.26
CA LYS A 3 15.23 11.08 -7.50
C LYS A 3 14.65 10.41 -6.26
N ARG A 4 15.19 10.76 -5.10
CA ARG A 4 14.69 10.24 -3.83
C ARG A 4 13.19 10.47 -3.71
N ALA A 5 12.80 11.71 -3.89
CA ALA A 5 11.40 12.10 -3.84
C ALA A 5 10.59 11.40 -4.93
N MET A 6 11.24 11.16 -6.06
CA MET A 6 10.61 10.45 -7.17
C MET A 6 10.42 8.98 -6.81
N ILE A 7 11.35 8.45 -6.04
CA ILE A 7 11.24 7.09 -5.56
C ILE A 7 10.20 7.00 -4.46
N GLU A 8 10.18 8.02 -3.61
CA GLU A 8 9.22 8.08 -2.52
C GLU A 8 7.86 8.53 -3.02
N ALA A 9 7.76 8.77 -4.31
CA ALA A 9 6.48 8.94 -4.93
C ALA A 9 5.86 7.58 -5.16
N LYS A 10 6.72 6.59 -5.31
CA LYS A 10 6.30 5.22 -5.52
C LYS A 10 6.20 4.50 -4.21
N ARG A 11 7.15 4.76 -3.33
CA ARG A 11 7.02 4.34 -1.95
C ARG A 11 5.79 5.01 -1.38
N GLY A 12 5.64 6.27 -1.73
CA GLY A 12 4.47 7.01 -1.32
C GLY A 12 3.21 6.37 -1.83
N GLU A 13 3.21 5.98 -3.09
CA GLU A 13 2.08 5.29 -3.69
C GLU A 13 1.90 3.91 -3.09
N ASP A 14 3.00 3.29 -2.73
CA ASP A 14 2.98 1.94 -2.17
C ASP A 14 2.46 1.97 -0.74
N LEU A 15 2.79 3.04 -0.05
CA LEU A 15 2.29 3.28 1.29
C LEU A 15 0.82 3.66 1.23
N LEU A 16 0.48 4.43 0.20
CA LEU A 16 -0.90 4.81 -0.06
C LEU A 16 -1.70 3.62 -0.55
N LYS A 17 -0.99 2.68 -1.12
CA LYS A 17 -1.55 1.42 -1.53
C LYS A 17 -1.70 0.54 -0.32
N ALA A 18 -0.68 0.56 0.51
CA ALA A 18 -0.66 -0.23 1.72
C ALA A 18 -1.68 0.30 2.70
N GLU A 19 -1.95 1.60 2.60
CA GLU A 19 -2.97 2.22 3.41
C GLU A 19 -4.33 1.80 2.89
N GLU A 20 -4.35 1.49 1.61
CA GLU A 20 -5.53 1.03 0.93
C GLU A 20 -5.79 -0.43 1.22
N LEU A 21 -4.73 -1.22 1.28
CA LEU A 21 -4.86 -2.59 1.73
C LEU A 21 -5.14 -2.60 3.21
N ALA A 22 -4.84 -1.48 3.85
CA ALA A 22 -5.21 -1.28 5.22
C ALA A 22 -6.67 -0.87 5.28
N ALA A 23 -7.10 -0.18 4.22
CA ALA A 23 -8.49 0.23 4.08
C ALA A 23 -9.37 -0.97 3.74
N LYS A 24 -8.76 -2.00 3.17
CA LYS A 24 -9.47 -3.25 2.93
C LYS A 24 -9.43 -4.09 4.18
N TYR A 25 -8.21 -4.36 4.59
CA TYR A 25 -7.93 -5.28 5.69
C TYR A 25 -8.44 -4.82 7.04
N ARG A 26 -8.75 -3.53 7.16
CA ARG A 26 -9.49 -3.05 8.33
C ARG A 26 -10.78 -3.85 8.47
N ALA A 27 -11.23 -4.35 7.34
CA ALA A 27 -12.32 -5.31 7.28
C ALA A 27 -11.71 -6.69 7.10
N THR A 28 -11.42 -7.33 8.23
CA THR A 28 -10.69 -8.59 8.30
C THR A 28 -11.18 -9.65 7.29
N GLY A 29 -12.42 -9.53 6.87
CA GLY A 29 -12.97 -10.45 5.88
C GLY A 29 -12.30 -10.36 4.52
N THR A 30 -11.43 -9.36 4.36
CA THR A 30 -10.75 -9.14 3.10
C THR A 30 -9.46 -9.94 3.03
N ALA A 31 -9.52 -11.18 3.50
CA ALA A 31 -8.37 -12.07 3.49
C ALA A 31 -7.79 -12.28 2.07
N PRO A 32 -8.64 -12.52 1.04
CA PRO A 32 -8.16 -12.74 -0.33
C PRO A 32 -7.59 -11.48 -1.00
N LYS A 33 -7.53 -10.39 -0.26
CA LYS A 33 -6.99 -9.13 -0.79
C LYS A 33 -5.49 -9.07 -0.57
N LYS A 34 -4.89 -10.25 -0.57
CA LYS A 34 -3.45 -10.41 -0.46
C LYS A 34 -2.79 -10.05 -1.79
N ILE A 35 -1.59 -10.57 -2.03
CA ILE A 35 -0.92 -10.38 -3.31
C ILE A 35 -1.80 -10.89 -4.45
N LEU A 36 -2.22 -9.96 -5.29
CA LEU A 36 -3.15 -10.24 -6.37
C LEU A 36 -2.57 -9.79 -7.69
N GLY A 37 -1.87 -8.68 -7.63
CA GLY A 37 -1.41 -8.01 -8.82
C GLY A 37 -1.38 -6.52 -8.59
N ILE A 38 -2.53 -5.97 -8.22
CA ILE A 38 -2.58 -4.61 -7.71
C ILE A 38 -1.76 -4.58 -6.41
N PHE A 39 -1.95 -5.60 -5.62
CA PHE A 39 -1.18 -5.80 -4.41
C PHE A 39 -0.04 -6.75 -4.72
N GLU A 1 17.27 15.06 -5.69
CA GLU A 1 16.29 14.72 -4.62
C GLU A 1 14.86 14.77 -5.14
N GLU A 2 14.62 15.52 -6.21
CA GLU A 2 13.32 15.52 -6.85
C GLU A 2 12.97 14.11 -7.31
N LYS A 3 13.96 13.43 -7.85
CA LYS A 3 13.78 12.05 -8.25
C LYS A 3 13.65 11.17 -7.03
N ARG A 4 14.45 11.43 -5.99
CA ARG A 4 14.34 10.71 -4.74
C ARG A 4 12.91 10.77 -4.20
N ALA A 5 12.40 11.98 -4.11
CA ALA A 5 11.04 12.22 -3.66
C ALA A 5 10.03 11.57 -4.62
N MET A 6 10.42 11.47 -5.87
CA MET A 6 9.61 10.81 -6.88
C MET A 6 9.62 9.30 -6.67
N ILE A 7 10.76 8.80 -6.25
CA ILE A 7 10.91 7.39 -5.92
C ILE A 7 10.11 7.10 -4.66
N GLU A 8 10.10 8.05 -3.75
CA GLU A 8 9.32 7.96 -2.54
C GLU A 8 7.88 8.36 -2.78
N ALA A 9 7.57 8.73 -4.00
CA ALA A 9 6.19 8.89 -4.42
C ALA A 9 5.70 7.57 -4.96
N LYS A 10 6.64 6.66 -5.20
CA LYS A 10 6.36 5.30 -5.60
C LYS A 10 6.34 4.42 -4.37
N ARG A 11 7.35 4.59 -3.52
CA ARG A 11 7.32 4.01 -2.20
C ARG A 11 6.13 4.56 -1.46
N GLY A 12 5.94 5.86 -1.62
CA GLY A 12 4.80 6.53 -1.06
C GLY A 12 3.52 5.98 -1.61
N GLU A 13 3.54 5.67 -2.90
CA GLU A 13 2.39 5.08 -3.57
C GLU A 13 2.13 3.68 -3.04
N ASP A 14 3.21 2.99 -2.71
CA ASP A 14 3.13 1.62 -2.20
C ASP A 14 2.68 1.61 -0.75
N LEU A 15 3.15 2.59 -0.01
CA LEU A 15 2.70 2.79 1.36
C LEU A 15 1.25 3.23 1.36
N LEU A 16 0.93 4.06 0.39
CA LEU A 16 -0.42 4.50 0.15
C LEU A 16 -1.28 3.32 -0.25
N LYS A 17 -0.66 2.39 -0.92
CA LYS A 17 -1.29 1.17 -1.36
C LYS A 17 -1.50 0.26 -0.17
N ALA A 18 -0.52 0.27 0.70
CA ALA A 18 -0.56 -0.54 1.89
C ALA A 18 -1.52 0.04 2.91
N GLU A 19 -1.74 1.34 2.83
CA GLU A 19 -2.72 2.00 3.68
C GLU A 19 -4.10 1.80 3.07
N GLU A 20 -4.10 1.69 1.76
CA GLU A 20 -5.28 1.36 1.02
C GLU A 20 -5.70 -0.07 1.33
N LEU A 21 -4.70 -0.94 1.40
CA LEU A 21 -4.91 -2.30 1.78
C LEU A 21 -4.88 -2.42 3.28
N ALA A 22 -4.85 -1.29 3.92
CA ALA A 22 -5.22 -1.19 5.31
C ALA A 22 -6.69 -0.82 5.36
N ALA A 23 -7.08 0.05 4.43
CA ALA A 23 -8.44 0.53 4.32
C ALA A 23 -9.40 -0.54 3.83
N LYS A 24 -8.98 -1.30 2.83
CA LYS A 24 -9.79 -2.39 2.32
C LYS A 24 -9.84 -3.50 3.33
N TYR A 25 -8.69 -3.75 3.89
CA TYR A 25 -8.47 -4.84 4.82
C TYR A 25 -9.24 -4.69 6.11
N ARG A 26 -9.23 -3.50 6.68
CA ARG A 26 -9.99 -3.24 7.89
C ARG A 26 -11.46 -3.57 7.68
N ALA A 27 -11.86 -3.66 6.42
CA ALA A 27 -13.20 -4.05 6.06
C ALA A 27 -13.23 -5.53 5.64
N THR A 28 -12.83 -5.80 4.41
CA THR A 28 -12.93 -7.14 3.84
C THR A 28 -11.59 -7.87 3.79
N GLY A 29 -10.56 -7.15 3.36
CA GLY A 29 -9.29 -7.74 3.04
C GLY A 29 -8.63 -8.49 4.19
N THR A 30 -9.08 -8.23 5.41
CA THR A 30 -8.50 -8.88 6.57
C THR A 30 -8.96 -10.34 6.69
N ALA A 31 -9.85 -10.74 5.79
CA ALA A 31 -10.28 -12.14 5.76
C ALA A 31 -9.28 -13.01 4.97
N PRO A 32 -8.96 -12.68 3.71
CA PRO A 32 -7.89 -13.38 2.98
C PRO A 32 -6.52 -13.14 3.61
N LYS A 33 -6.20 -11.87 3.86
CA LYS A 33 -4.93 -11.45 4.44
C LYS A 33 -3.76 -12.15 3.77
N LYS A 34 -3.49 -11.73 2.56
CA LYS A 34 -2.45 -12.34 1.74
C LYS A 34 -2.14 -11.42 0.57
N ILE A 35 -1.25 -11.87 -0.31
CA ILE A 35 -1.05 -11.17 -1.55
C ILE A 35 -2.23 -11.40 -2.47
N LEU A 36 -3.09 -10.39 -2.53
CA LEU A 36 -4.29 -10.43 -3.35
C LEU A 36 -3.96 -10.10 -4.80
N GLY A 37 -4.97 -10.15 -5.65
CA GLY A 37 -4.82 -9.69 -7.02
C GLY A 37 -4.57 -8.19 -7.06
N ILE A 38 -5.15 -7.49 -6.08
CA ILE A 38 -4.96 -6.05 -5.93
C ILE A 38 -3.77 -5.75 -5.02
N PHE A 39 -2.80 -6.65 -5.03
CA PHE A 39 -1.65 -6.55 -4.14
C PHE A 39 -0.36 -6.66 -4.94
N GLU A 1 18.27 13.76 -6.01
CA GLU A 1 17.31 13.77 -4.87
C GLU A 1 15.88 13.93 -5.39
N GLU A 2 15.71 14.68 -6.47
CA GLU A 2 14.39 14.81 -7.09
C GLU A 2 13.84 13.44 -7.47
N LYS A 3 14.69 12.62 -8.06
CA LYS A 3 14.32 11.26 -8.38
C LYS A 3 14.06 10.48 -7.11
N ARG A 4 14.92 10.65 -6.12
CA ARG A 4 14.76 10.02 -4.82
C ARG A 4 13.36 10.26 -4.28
N ALA A 5 13.00 11.52 -4.20
CA ALA A 5 11.69 11.94 -3.74
C ALA A 5 10.59 11.40 -4.65
N MET A 6 10.87 11.33 -5.94
CA MET A 6 9.94 10.77 -6.91
C MET A 6 9.77 9.27 -6.66
N ILE A 7 10.85 8.62 -6.30
CA ILE A 7 10.84 7.21 -5.99
C ILE A 7 10.07 6.98 -4.70
N GLU A 8 10.27 7.87 -3.75
CA GLU A 8 9.62 7.75 -2.46
C GLU A 8 8.20 8.29 -2.51
N ALA A 9 7.86 8.91 -3.63
CA ALA A 9 6.48 9.25 -3.90
C ALA A 9 5.78 8.04 -4.47
N LYS A 10 6.58 7.12 -4.97
CA LYS A 10 6.08 5.87 -5.50
C LYS A 10 6.08 4.83 -4.41
N ARG A 11 7.09 4.86 -3.56
CA ARG A 11 7.06 4.13 -2.32
C ARG A 11 5.92 4.66 -1.49
N GLY A 12 5.80 5.98 -1.51
CA GLY A 12 4.69 6.63 -0.86
C GLY A 12 3.37 6.17 -1.43
N GLU A 13 3.34 6.02 -2.75
CA GLU A 13 2.18 5.51 -3.45
C GLU A 13 1.91 4.07 -3.04
N ASP A 14 2.98 3.31 -2.85
CA ASP A 14 2.88 1.91 -2.48
C ASP A 14 2.48 1.74 -1.03
N LEU A 15 2.97 2.64 -0.20
CA LEU A 15 2.59 2.68 1.20
C LEU A 15 1.14 3.13 1.29
N LEU A 16 0.79 4.05 0.42
CA LEU A 16 -0.58 4.50 0.26
C LEU A 16 -1.46 3.37 -0.22
N LYS A 17 -0.88 2.52 -1.04
CA LYS A 17 -1.54 1.35 -1.55
C LYS A 17 -1.70 0.35 -0.43
N ALA A 18 -0.68 0.25 0.38
CA ALA A 18 -0.67 -0.67 1.49
C ALA A 18 -1.57 -0.17 2.60
N GLU A 19 -1.82 1.13 2.60
CA GLU A 19 -2.75 1.73 3.54
C GLU A 19 -4.15 1.61 2.96
N GLU A 20 -4.19 1.49 1.66
CA GLU A 20 -5.41 1.22 0.94
C GLU A 20 -5.81 -0.22 1.14
N LEU A 21 -4.83 -1.11 1.14
CA LEU A 21 -5.07 -2.48 1.53
C LEU A 21 -4.95 -2.61 3.04
N ALA A 22 -4.88 -1.46 3.69
CA ALA A 22 -5.17 -1.39 5.09
C ALA A 22 -6.64 -1.04 5.23
N ALA A 23 -7.08 -0.13 4.36
CA ALA A 23 -8.46 0.34 4.33
C ALA A 23 -9.42 -0.78 3.96
N LYS A 24 -9.10 -1.45 2.85
CA LYS A 24 -9.89 -2.58 2.40
C LYS A 24 -9.87 -3.68 3.43
N TYR A 25 -8.70 -3.91 3.96
CA TYR A 25 -8.50 -4.91 4.97
C TYR A 25 -9.28 -4.64 6.24
N ARG A 26 -9.44 -3.37 6.58
CA ARG A 26 -10.31 -3.00 7.69
C ARG A 26 -11.68 -3.64 7.51
N ALA A 27 -12.15 -3.63 6.28
CA ALA A 27 -13.43 -4.24 5.95
C ALA A 27 -13.31 -5.77 5.95
N THR A 28 -12.17 -6.28 5.49
CA THR A 28 -11.92 -7.71 5.45
C THR A 28 -11.80 -8.31 6.85
N GLY A 29 -11.29 -7.50 7.76
CA GLY A 29 -11.06 -7.94 9.12
C GLY A 29 -9.58 -8.09 9.42
N THR A 30 -8.80 -7.12 8.91
CA THR A 30 -7.32 -7.11 8.94
C THR A 30 -6.69 -8.37 9.52
N ALA A 31 -6.79 -9.46 8.76
CA ALA A 31 -6.24 -10.74 9.20
C ALA A 31 -5.00 -11.17 8.39
N PRO A 32 -4.99 -11.04 7.04
CA PRO A 32 -3.84 -11.49 6.25
C PRO A 32 -2.58 -10.64 6.43
N LYS A 33 -2.73 -9.32 6.26
CA LYS A 33 -1.59 -8.39 6.31
C LYS A 33 -0.43 -8.90 5.47
N LYS A 34 -0.70 -9.12 4.21
CA LYS A 34 0.26 -9.69 3.28
C LYS A 34 -0.21 -9.47 1.87
N ILE A 35 0.62 -9.82 0.90
CA ILE A 35 0.24 -9.74 -0.50
C ILE A 35 -0.83 -10.78 -0.80
N LEU A 36 -2.01 -10.28 -1.11
CA LEU A 36 -3.16 -11.12 -1.37
C LEU A 36 -3.43 -11.25 -2.85
N GLY A 37 -4.43 -12.05 -3.20
CA GLY A 37 -4.87 -12.12 -4.58
C GLY A 37 -5.38 -10.79 -5.07
N ILE A 38 -6.12 -10.11 -4.21
CA ILE A 38 -6.60 -8.76 -4.51
C ILE A 38 -5.77 -7.74 -3.72
N PHE A 39 -4.59 -7.49 -4.24
CA PHE A 39 -3.63 -6.60 -3.58
C PHE A 39 -2.82 -5.88 -4.65
#